data_7M3J
#
_entry.id   7M3J
#
_cell.length_a   1.00
_cell.length_b   1.00
_cell.length_c   1.00
_cell.angle_alpha   90.00
_cell.angle_beta   90.00
_cell.angle_gamma   90.00
#
_symmetry.space_group_name_H-M   'P 1'
#
loop_
_entity.id
_entity.type
_entity.pdbx_description
1 polymer 'Extracellular calcium-sensing receptor'
2 branched 2-acetamido-2-deoxy-beta-D-glucopyranose-(1-4)-2-acetamido-2-deoxy-beta-D-glucopyranose
3 non-polymer 2-chloro-6-[(2R)-2-hydroxy-3-{[2-methyl-1-(naphthalen-2-yl)propan-2-yl]amino}propoxy]benzonitrile
4 non-polymer 2-acetamido-2-deoxy-beta-D-glucopyranose
5 non-polymer 'PHOSPHATE ION'
#
_entity_poly.entity_id   1
_entity_poly.type   'polypeptide(L)'
_entity_poly.pdbx_seq_one_letter_code
;MKTIIALSYIFCLVFADYKDDDDKAAAYGPDQRAQKKGDIILGGLFPIHFGVAAKDQDLKSRPESVECIRYNFRGFRWLQ
AMIFAIEEINSSPALLPNLTLGYRIFDTCNTVSKALEATLSFVAQNKIDSLNLDEFCNCSEHIPSTIAVVGATGSGVSTA
VANLLGLFYIPQVSYASSSRLLSNKNQFKSFLRTIPNDEHQATAMADIIEYFRWNWVGTIAADDDYGRPGIEKFREEAEE
RDICIDFSELISQYSDEEEIQHVVEVIQNSTAKVIVVFSSGPDLEPLIKEIVRRNITGKIWLASEAWASSSLIAMPQYFH
VVGGTIGFALKAGQIPGFREFLKKVHPRKSVHNGFAKEFWEETFNCHLQEGAKGPLPVDTFLRGHEESGDRFSNSSTAFR
PLCTGDENISSVETPYIDYTHLRISYNVYLAVYSIAHALQDIYTCLPGRGLFTNGSCADIKKVEAWQVLKHLRHLNFTNN
MGEQVTFDECGDLVGNYSIINWHLSPEDGSIVFKEVGYYNVYAKKGERLFINEEKILWSGFSREVPFSNCSRDCLAGTRK
GIIEGEPTCCFECVECPDGEYSDETDASACNKCPDDFWSNENHTSCIAKEIEFLSWTEPFGIALTLFAVLGIFLTAFVLG
VFIKFRNTPIVKATNRELSYLLLFSLLCCFSSSLFFIGEPQDWTCRLRQPAFGISFVLCISCILVKTNRVLLVFEAKIPT
SFHRKWWGLNLQFLLVFLCTFMQIVICVIWLYTAPPSSYRNQELEDEIIFITCHEGSLMALGFLIGYTCLLAAICFFFAF
KSRKLPENFNEAKFITFSMLIFFIVWISFIPAYASTYGKFVSAVEVIAILAASFGLLACIFFNKIYIILFKPSRNTIEEV
RCSTAAHAFKVAARATLRRSNV
;
_entity_poly.pdbx_strand_id   A,B
#
loop_
_chem_comp.id
_chem_comp.type
_chem_comp.name
_chem_comp.formula
NAG D-saccharide, beta linking 2-acetamido-2-deoxy-beta-D-glucopyranose 'C8 H15 N O6'
PO4 non-polymer 'PHOSPHATE ION' 'O4 P -3'
YP1 non-polymer 2-chloro-6-[(2R)-2-hydroxy-3-{[2-methyl-1-(naphthalen-2-yl)propan-2-yl]amino}propoxy]benzonitrile 'C24 H25 Cl N2 O2'
#
# COMPACT_ATOMS: atom_id res chain seq x y z
N GLN A 32 26.22 -40.66 38.15
CA GLN A 32 27.43 -40.77 38.96
C GLN A 32 28.47 -39.80 38.45
N ARG A 33 29.75 -40.10 38.64
CA ARG A 33 30.81 -39.19 38.23
C ARG A 33 32.08 -39.98 38.00
N ALA A 34 33.03 -39.35 37.32
CA ALA A 34 34.32 -39.95 37.02
C ALA A 34 35.41 -39.26 37.81
N GLN A 35 36.36 -40.03 38.33
CA GLN A 35 37.36 -39.44 39.18
C GLN A 35 38.61 -40.30 39.20
N LYS A 36 39.77 -39.67 39.15
CA LYS A 36 41.03 -40.35 39.45
C LYS A 36 41.94 -39.36 40.17
N LYS A 37 42.60 -39.84 41.22
CA LYS A 37 43.41 -38.97 42.04
C LYS A 37 44.73 -38.65 41.36
N GLY A 38 45.22 -37.45 41.59
CA GLY A 38 46.48 -37.00 40.99
C GLY A 38 46.98 -35.80 41.74
N ASP A 39 48.08 -35.23 41.25
CA ASP A 39 48.67 -34.08 41.90
C ASP A 39 47.97 -32.78 41.54
N ILE A 40 47.34 -32.72 40.38
CA ILE A 40 46.65 -31.53 39.89
C ILE A 40 45.37 -32.02 39.24
N ILE A 41 44.24 -31.47 39.60
CA ILE A 41 43.00 -32.01 39.07
C ILE A 41 42.38 -31.03 38.10
N LEU A 42 41.62 -31.56 37.16
CA LEU A 42 40.91 -30.76 36.17
C LEU A 42 39.44 -31.08 36.22
N GLY A 43 38.61 -30.07 36.01
CA GLY A 43 37.18 -30.27 35.99
C GLY A 43 36.71 -30.73 34.64
N GLY A 44 35.40 -30.76 34.48
CA GLY A 44 34.83 -31.02 33.18
C GLY A 44 33.33 -31.16 33.19
N LEU A 45 32.66 -30.71 32.15
CA LEU A 45 31.22 -30.82 32.02
C LEU A 45 30.90 -31.35 30.65
N PHE A 46 30.09 -32.41 30.57
CA PHE A 46 29.81 -32.97 29.26
C PHE A 46 28.35 -33.42 29.22
N PRO A 47 27.63 -33.13 28.15
CA PRO A 47 26.18 -33.35 28.17
C PRO A 47 25.74 -34.78 27.85
N ILE A 48 25.89 -35.66 28.85
CA ILE A 48 25.67 -37.08 28.65
C ILE A 48 24.21 -37.40 28.36
N HIS A 49 23.30 -36.77 29.07
CA HIS A 49 21.89 -36.97 28.76
C HIS A 49 21.34 -35.75 28.02
N PHE A 50 20.38 -35.99 27.14
CA PHE A 50 19.88 -34.89 26.30
C PHE A 50 19.04 -33.90 27.09
N GLY A 51 18.21 -34.37 28.01
CA GLY A 51 17.30 -33.45 28.67
C GLY A 51 16.72 -34.10 29.92
N VAL A 52 15.98 -33.30 30.67
CA VAL A 52 15.49 -33.72 31.97
C VAL A 52 13.97 -33.87 31.91
N ALA A 53 13.44 -34.66 32.84
CA ALA A 53 12.01 -34.86 32.94
C ALA A 53 11.35 -33.59 33.46
N ALA A 54 10.31 -33.14 32.77
CA ALA A 54 9.64 -31.90 33.16
C ALA A 54 8.52 -32.26 34.12
N LYS A 55 8.87 -32.41 35.39
CA LYS A 55 7.92 -32.80 36.43
C LYS A 55 7.55 -31.55 37.21
N ASP A 56 6.26 -31.22 37.22
CA ASP A 56 5.77 -30.12 38.04
C ASP A 56 5.89 -30.51 39.50
N GLN A 57 6.46 -29.62 40.31
CA GLN A 57 6.80 -29.97 41.68
C GLN A 57 5.62 -29.65 42.60
N ASP A 58 5.18 -30.66 43.36
CA ASP A 58 4.06 -30.49 44.27
C ASP A 58 4.42 -29.61 45.46
N LEU A 59 5.65 -29.78 45.96
CA LEU A 59 6.18 -29.21 47.20
C LEU A 59 5.40 -29.62 48.44
N LYS A 60 4.54 -30.62 48.36
CA LYS A 60 3.90 -31.11 49.56
C LYS A 60 4.88 -31.92 50.41
N SER A 61 5.91 -32.47 49.80
CA SER A 61 6.87 -33.31 50.50
C SER A 61 8.26 -32.78 50.26
N ARG A 62 9.27 -33.60 50.54
CA ARG A 62 10.65 -33.28 50.21
C ARG A 62 10.79 -33.02 48.73
N PRO A 63 11.31 -31.88 48.31
CA PRO A 63 11.64 -31.71 46.89
C PRO A 63 12.84 -32.58 46.59
N GLU A 64 12.73 -33.36 45.54
CA GLU A 64 13.74 -34.34 45.20
C GLU A 64 14.54 -33.87 43.99
N SER A 65 15.57 -34.62 43.65
CA SER A 65 16.42 -34.27 42.54
C SER A 65 15.90 -34.94 41.27
N VAL A 66 15.70 -34.14 40.23
CA VAL A 66 15.10 -34.63 39.01
C VAL A 66 16.08 -35.55 38.28
N GLU A 67 15.54 -36.42 37.43
CA GLU A 67 16.31 -37.33 36.60
C GLU A 67 16.33 -36.82 35.17
N CYS A 68 17.19 -37.42 34.35
CA CYS A 68 17.39 -36.95 33.00
C CYS A 68 16.87 -37.95 31.97
N ILE A 69 16.36 -37.45 30.85
CA ILE A 69 15.41 -38.22 30.08
C ILE A 69 16.03 -39.25 29.13
N ARG A 70 16.70 -38.80 28.07
CA ARG A 70 17.06 -39.70 26.97
C ARG A 70 18.56 -39.65 26.70
N TYR A 71 19.16 -40.82 26.52
CA TYR A 71 20.60 -40.95 26.68
C TYR A 71 21.27 -40.56 25.39
N ASN A 72 22.48 -40.03 25.48
CA ASN A 72 23.21 -39.58 24.31
C ASN A 72 24.52 -40.34 24.27
N PHE A 73 24.85 -40.89 23.10
CA PHE A 73 26.08 -41.64 22.95
C PHE A 73 27.23 -40.73 22.57
N ARG A 74 26.93 -39.70 21.78
CA ARG A 74 27.96 -38.83 21.25
C ARG A 74 28.65 -38.07 22.37
N GLY A 75 27.88 -37.69 23.38
CA GLY A 75 28.48 -37.07 24.56
C GLY A 75 29.41 -38.01 25.29
N PHE A 76 29.09 -39.30 25.30
CA PHE A 76 30.00 -40.25 25.89
C PHE A 76 31.28 -40.41 25.08
N ARG A 77 31.21 -40.30 23.76
CA ARG A 77 32.45 -40.36 22.97
C ARG A 77 33.32 -39.16 23.28
N TRP A 78 32.69 -37.99 23.49
CA TRP A 78 33.45 -36.81 23.88
C TRP A 78 34.14 -36.99 25.22
N LEU A 79 33.43 -37.55 26.19
CA LEU A 79 34.03 -37.75 27.50
C LEU A 79 35.14 -38.77 27.44
N GLN A 80 35.00 -39.79 26.59
CA GLN A 80 36.08 -40.74 26.43
C GLN A 80 37.27 -40.11 25.73
N ALA A 81 37.04 -39.09 24.90
CA ALA A 81 38.17 -38.36 24.32
C ALA A 81 38.95 -37.63 25.38
N MET A 82 38.25 -37.04 26.35
CA MET A 82 38.99 -36.31 27.36
C MET A 82 39.78 -37.25 28.25
N ILE A 83 39.19 -38.40 28.61
CA ILE A 83 39.93 -39.37 29.42
C ILE A 83 41.12 -39.94 28.66
N PHE A 84 41.00 -40.10 27.34
CA PHE A 84 42.16 -40.55 26.57
C PHE A 84 43.27 -39.51 26.55
N ALA A 85 42.93 -38.23 26.41
CA ALA A 85 43.97 -37.20 26.42
C ALA A 85 44.69 -37.15 27.76
N ILE A 86 43.95 -37.33 28.85
CA ILE A 86 44.59 -37.31 30.17
C ILE A 86 45.47 -38.53 30.36
N GLU A 87 45.04 -39.70 29.89
CA GLU A 87 45.88 -40.89 29.99
C GLU A 87 47.15 -40.76 29.16
N GLU A 88 47.06 -40.09 28.00
CA GLU A 88 48.25 -39.90 27.18
C GLU A 88 49.23 -38.92 27.80
N ILE A 89 48.74 -37.78 28.29
CA ILE A 89 49.61 -36.82 28.96
C ILE A 89 50.28 -37.44 30.15
N ASN A 90 49.54 -38.22 30.93
CA ASN A 90 50.12 -38.88 32.07
C ASN A 90 51.18 -39.89 31.67
N SER A 91 51.05 -40.50 30.50
CA SER A 91 52.07 -41.46 30.08
C SER A 91 53.10 -40.91 29.10
N SER A 92 53.19 -39.60 28.89
CA SER A 92 54.25 -39.03 28.04
C SER A 92 55.27 -38.32 28.90
N PRO A 93 56.53 -38.76 28.91
CA PRO A 93 57.52 -38.16 29.82
C PRO A 93 58.27 -36.95 29.26
N ALA A 94 57.82 -36.37 28.16
CA ALA A 94 58.33 -35.07 27.73
C ALA A 94 57.41 -33.93 28.11
N LEU A 95 56.16 -34.22 28.44
CA LEU A 95 55.17 -33.22 28.82
C LEU A 95 54.73 -33.48 30.25
N LEU A 96 54.85 -32.46 31.10
CA LEU A 96 54.62 -32.50 32.54
C LEU A 96 55.38 -33.65 33.18
N PRO A 97 56.71 -33.54 33.33
CA PRO A 97 57.48 -34.69 33.79
C PRO A 97 57.26 -34.98 35.27
N ASN A 98 57.02 -36.25 35.57
CA ASN A 98 57.02 -36.82 36.92
C ASN A 98 55.97 -36.16 37.84
N LEU A 99 54.81 -35.84 37.28
CA LEU A 99 53.67 -35.37 38.05
C LEU A 99 52.40 -35.79 37.32
N THR A 100 51.38 -36.15 38.06
CA THR A 100 50.25 -36.89 37.52
C THR A 100 48.97 -36.07 37.62
N LEU A 101 48.26 -35.95 36.50
CA LEU A 101 47.05 -35.15 36.42
C LEU A 101 45.84 -36.04 36.62
N GLY A 102 44.93 -35.61 37.50
CA GLY A 102 43.67 -36.29 37.70
C GLY A 102 42.51 -35.46 37.17
N TYR A 103 41.33 -36.06 37.23
CA TYR A 103 40.17 -35.41 36.64
C TYR A 103 38.94 -35.65 37.49
N ARG A 104 37.98 -34.75 37.36
CA ARG A 104 36.69 -34.87 38.02
C ARG A 104 35.65 -34.39 37.02
N ILE A 105 34.71 -35.24 36.67
CA ILE A 105 33.74 -34.96 35.61
C ILE A 105 32.34 -35.03 36.22
N PHE A 106 31.46 -34.16 35.78
CA PHE A 106 30.06 -34.28 36.13
C PHE A 106 29.27 -34.11 34.85
N ASP A 107 28.16 -34.80 34.71
CA ASP A 107 27.39 -34.56 33.51
C ASP A 107 26.55 -33.30 33.65
N THR A 108 26.16 -32.74 32.53
CA THR A 108 25.42 -31.50 32.57
C THR A 108 23.93 -31.71 32.40
N CYS A 109 23.53 -32.80 31.75
CA CYS A 109 22.16 -33.07 31.31
C CYS A 109 21.57 -31.93 30.47
N ASN A 110 22.43 -31.11 29.87
CA ASN A 110 22.10 -29.99 28.99
C ASN A 110 21.17 -28.97 29.64
N THR A 111 21.13 -28.88 30.96
CA THR A 111 20.30 -27.91 31.65
C THR A 111 21.13 -27.18 32.68
N VAL A 112 20.63 -26.01 33.08
CA VAL A 112 21.41 -25.10 33.91
C VAL A 112 21.59 -25.64 35.31
N SER A 113 20.55 -26.27 35.85
CA SER A 113 20.52 -26.63 37.27
C SER A 113 21.58 -27.66 37.63
N LYS A 114 21.74 -28.68 36.79
CA LYS A 114 22.74 -29.71 37.06
C LYS A 114 24.14 -29.13 36.91
N ALA A 115 24.31 -28.17 36.00
CA ALA A 115 25.59 -27.52 35.84
C ALA A 115 25.98 -26.74 37.08
N LEU A 116 25.05 -25.96 37.64
CA LEU A 116 25.37 -25.17 38.82
C LEU A 116 25.66 -26.05 40.02
N GLU A 117 24.93 -27.16 40.14
CA GLU A 117 25.22 -28.11 41.20
C GLU A 117 26.61 -28.72 41.04
N ALA A 118 27.09 -28.87 39.81
CA ALA A 118 28.45 -29.36 39.65
C ALA A 118 29.50 -28.30 39.99
N THR A 119 29.31 -27.07 39.52
CA THR A 119 30.36 -26.07 39.70
C THR A 119 30.49 -25.64 41.14
N LEU A 120 29.44 -25.82 41.94
CA LEU A 120 29.60 -25.65 43.36
C LEU A 120 30.61 -26.64 43.93
N SER A 121 30.56 -27.89 43.46
CA SER A 121 31.48 -28.88 43.97
C SER A 121 32.90 -28.67 43.46
N PHE A 122 33.07 -28.02 42.32
CA PHE A 122 34.42 -27.56 42.01
C PHE A 122 34.87 -26.46 42.96
N VAL A 123 34.04 -25.42 43.10
CA VAL A 123 34.55 -24.17 43.67
C VAL A 123 34.67 -24.23 45.19
N ALA A 124 34.16 -25.31 45.81
CA ALA A 124 33.84 -25.30 47.23
C ALA A 124 35.04 -25.06 48.14
N GLN A 125 36.20 -25.63 47.83
CA GLN A 125 37.28 -25.55 48.80
C GLN A 125 37.97 -24.19 48.85
N ASN A 126 38.05 -23.47 47.72
CA ASN A 126 38.90 -22.30 47.64
C ASN A 126 38.36 -21.10 48.40
N LYS A 127 37.06 -21.04 48.66
CA LYS A 127 36.47 -19.86 49.28
C LYS A 127 36.88 -19.73 50.74
N ILE A 128 36.78 -20.82 51.50
CA ILE A 128 37.16 -20.79 52.90
C ILE A 128 38.12 -21.94 53.20
N PRO A 144 40.94 -31.40 47.18
CA PRO A 144 41.98 -30.75 46.36
C PRO A 144 41.37 -29.75 45.39
N SER A 145 42.12 -28.74 45.02
CA SER A 145 41.57 -27.60 44.30
C SER A 145 41.61 -27.81 42.80
N THR A 146 40.51 -27.48 42.14
CA THR A 146 40.44 -27.60 40.69
C THR A 146 41.23 -26.48 40.04
N ILE A 147 41.97 -26.81 39.01
CA ILE A 147 42.84 -25.83 38.37
C ILE A 147 42.22 -25.22 37.14
N ALA A 148 41.47 -26.00 36.37
CA ALA A 148 40.75 -25.45 35.23
C ALA A 148 39.49 -26.25 35.02
N VAL A 149 38.62 -25.77 34.14
CA VAL A 149 37.36 -26.42 33.86
C VAL A 149 37.19 -26.49 32.35
N VAL A 150 37.25 -27.70 31.80
CA VAL A 150 37.13 -27.87 30.36
C VAL A 150 35.67 -28.14 30.06
N GLY A 151 34.87 -27.11 29.89
CA GLY A 151 33.46 -27.40 29.94
C GLY A 151 32.52 -26.59 29.10
N ALA A 152 31.24 -26.64 29.50
CA ALA A 152 30.15 -25.83 28.99
C ALA A 152 29.90 -26.10 27.50
N THR A 153 29.43 -27.33 27.24
CA THR A 153 29.12 -27.75 25.87
C THR A 153 27.98 -26.94 25.27
N GLY A 154 26.91 -26.72 26.01
CA GLY A 154 25.87 -25.84 25.55
C GLY A 154 26.28 -24.40 25.65
N SER A 155 25.40 -23.51 25.22
CA SER A 155 25.71 -22.09 25.32
C SER A 155 24.92 -21.37 26.40
N GLY A 156 23.72 -21.83 26.71
CA GLY A 156 23.00 -21.27 27.85
C GLY A 156 23.65 -21.61 29.17
N VAL A 157 24.22 -22.82 29.27
CA VAL A 157 24.94 -23.25 30.46
C VAL A 157 26.20 -22.42 30.64
N SER A 158 26.79 -22.01 29.51
CA SER A 158 28.09 -21.34 29.51
C SER A 158 28.05 -20.01 30.24
N THR A 159 27.00 -19.24 30.03
CA THR A 159 26.93 -17.92 30.64
C THR A 159 26.55 -17.96 32.10
N ALA A 160 26.24 -19.12 32.66
CA ALA A 160 26.09 -19.25 34.10
C ALA A 160 27.34 -19.81 34.75
N VAL A 161 27.94 -20.82 34.13
CA VAL A 161 29.19 -21.36 34.68
C VAL A 161 30.30 -20.32 34.61
N ALA A 162 30.27 -19.42 33.63
CA ALA A 162 31.31 -18.40 33.55
C ALA A 162 31.15 -17.35 34.64
N ASN A 163 29.91 -16.97 34.95
CA ASN A 163 29.67 -16.04 36.04
C ASN A 163 30.08 -16.62 37.38
N LEU A 164 29.82 -17.90 37.59
CA LEU A 164 30.17 -18.41 38.91
C LEU A 164 31.65 -18.76 39.00
N LEU A 165 32.31 -19.04 37.88
CA LEU A 165 33.76 -19.26 37.95
C LEU A 165 34.57 -17.98 37.81
N GLY A 166 33.97 -16.89 37.34
CA GLY A 166 34.72 -15.66 37.18
C GLY A 166 35.07 -14.97 38.47
N LEU A 167 34.45 -15.36 39.58
CA LEU A 167 34.72 -14.67 40.84
C LEU A 167 36.07 -15.08 41.39
N PHE A 168 36.40 -16.34 41.29
CA PHE A 168 37.61 -16.86 41.91
C PHE A 168 38.79 -16.90 40.96
N TYR A 169 38.60 -16.41 39.73
CA TYR A 169 39.60 -16.40 38.66
C TYR A 169 40.14 -17.80 38.38
N ILE A 170 39.24 -18.77 38.36
CA ILE A 170 39.53 -20.10 37.84
C ILE A 170 39.30 -20.05 36.34
N PRO A 171 40.25 -20.50 35.52
CA PRO A 171 40.08 -20.43 34.08
C PRO A 171 39.02 -21.39 33.60
N GLN A 172 38.58 -21.17 32.37
CA GLN A 172 37.58 -22.03 31.76
C GLN A 172 37.81 -22.09 30.27
N VAL A 173 37.99 -23.27 29.74
CA VAL A 173 38.21 -23.46 28.31
C VAL A 173 36.98 -24.15 27.76
N SER A 174 36.24 -23.49 26.89
CA SER A 174 35.09 -24.14 26.31
C SER A 174 35.51 -25.12 25.22
N TYR A 175 34.54 -25.82 24.66
CA TYR A 175 34.83 -26.57 23.46
C TYR A 175 33.74 -26.51 22.43
N ALA A 176 32.54 -26.06 22.76
CA ALA A 176 31.51 -26.00 21.75
C ALA A 176 30.69 -24.73 21.78
N SER A 177 30.75 -23.95 22.85
CA SER A 177 29.96 -22.73 22.94
C SER A 177 30.45 -21.73 21.92
N SER A 178 29.56 -21.22 21.09
CA SER A 178 30.01 -20.34 20.02
C SER A 178 29.27 -19.01 20.01
N SER A 179 28.61 -18.66 21.11
CA SER A 179 27.88 -17.41 21.16
C SER A 179 28.84 -16.23 21.24
N ARG A 180 28.32 -15.06 20.92
CA ARG A 180 29.15 -13.87 20.79
C ARG A 180 29.21 -13.03 22.05
N LEU A 181 28.16 -13.12 22.90
CA LEU A 181 28.14 -12.37 24.16
C LEU A 181 29.23 -12.76 25.12
N LEU A 182 29.81 -13.93 24.95
CA LEU A 182 30.86 -14.38 25.82
C LEU A 182 32.22 -13.95 25.31
N SER A 183 32.25 -13.18 24.22
CA SER A 183 33.53 -12.75 23.66
C SER A 183 34.19 -11.68 24.52
N ASN A 184 33.40 -10.80 25.13
CA ASN A 184 33.98 -9.69 25.87
C ASN A 184 34.61 -10.18 27.17
N LYS A 185 35.72 -9.56 27.54
CA LYS A 185 36.48 -9.95 28.70
C LYS A 185 36.31 -8.98 29.86
N ASN A 186 35.27 -8.15 29.82
CA ASN A 186 34.94 -7.27 30.94
C ASN A 186 33.90 -7.88 31.85
N GLN A 187 32.84 -8.44 31.28
CA GLN A 187 31.85 -9.13 32.09
C GLN A 187 32.37 -10.46 32.61
N PHE A 188 33.00 -11.25 31.74
CA PHE A 188 33.50 -12.58 32.10
C PHE A 188 35.02 -12.49 32.13
N LYS A 189 35.60 -12.70 33.30
CA LYS A 189 37.02 -12.47 33.46
C LYS A 189 37.87 -13.58 32.83
N SER A 190 37.41 -14.82 32.88
CA SER A 190 38.27 -15.95 32.59
C SER A 190 37.59 -16.93 31.69
N PHE A 191 37.09 -16.48 30.55
CA PHE A 191 36.50 -17.38 29.57
C PHE A 191 37.33 -17.41 28.30
N LEU A 192 37.51 -18.61 27.75
CA LEU A 192 38.40 -18.83 26.62
C LEU A 192 37.78 -19.92 25.75
N ARG A 193 37.65 -19.67 24.46
CA ARG A 193 37.06 -20.67 23.58
C ARG A 193 38.13 -21.30 22.71
N THR A 194 37.93 -22.57 22.36
CA THR A 194 38.72 -23.24 21.35
C THR A 194 37.92 -23.54 20.11
N ILE A 195 36.72 -22.98 20.01
CA ILE A 195 35.88 -23.12 18.82
C ILE A 195 35.63 -21.69 18.33
N PRO A 196 35.60 -21.44 17.03
CA PRO A 196 35.43 -20.07 16.55
C PRO A 196 34.06 -19.48 16.85
N ASN A 197 34.03 -18.16 16.93
CA ASN A 197 32.83 -17.41 17.21
C ASN A 197 31.88 -17.50 16.01
N ASP A 198 30.59 -17.30 16.27
CA ASP A 198 29.58 -17.40 15.23
C ASP A 198 29.38 -16.12 14.43
N GLU A 199 30.10 -15.05 14.77
CA GLU A 199 29.96 -13.81 14.03
C GLU A 199 30.51 -13.89 12.62
N HIS A 200 31.35 -14.89 12.32
CA HIS A 200 31.66 -15.21 10.94
C HIS A 200 30.52 -15.97 10.25
N GLN A 201 29.74 -16.73 11.02
CA GLN A 201 28.77 -17.64 10.41
C GLN A 201 27.60 -16.89 9.78
N ALA A 202 27.15 -15.81 10.42
CA ALA A 202 26.06 -15.04 9.85
C ALA A 202 26.47 -14.37 8.54
N THR A 203 27.72 -13.90 8.45
CA THR A 203 28.17 -13.30 7.21
C THR A 203 28.35 -14.36 6.13
N ALA A 204 28.75 -15.58 6.51
CA ALA A 204 28.80 -16.67 5.54
C ALA A 204 27.42 -17.01 5.00
N MET A 205 26.43 -17.05 5.90
CA MET A 205 25.06 -17.29 5.50
C MET A 205 24.49 -16.14 4.69
N ALA A 206 25.08 -14.96 4.79
CA ALA A 206 24.70 -13.89 3.89
C ALA A 206 25.34 -14.04 2.52
N ASP A 207 26.61 -14.43 2.47
CA ASP A 207 27.30 -14.46 1.19
C ASP A 207 26.88 -15.65 0.33
N ILE A 208 26.31 -16.70 0.93
CA ILE A 208 25.77 -17.78 0.10
C ILE A 208 24.56 -17.32 -0.73
N ILE A 209 23.78 -16.37 -0.22
CA ILE A 209 22.67 -15.81 -0.97
C ILE A 209 23.17 -15.05 -2.19
N GLU A 210 24.19 -14.23 -1.98
CA GLU A 210 24.73 -13.45 -3.08
C GLU A 210 25.45 -14.30 -4.09
N TYR A 211 25.96 -15.46 -3.68
CA TYR A 211 26.49 -16.33 -4.71
C TYR A 211 25.38 -17.04 -5.47
N PHE A 212 24.23 -17.30 -4.85
CA PHE A 212 23.17 -17.96 -5.62
C PHE A 212 22.03 -17.05 -6.04
N ARG A 213 22.13 -15.73 -5.78
CA ARG A 213 21.25 -14.69 -6.34
C ARG A 213 19.78 -14.89 -5.96
N TRP A 214 19.48 -14.71 -4.68
CA TRP A 214 18.12 -14.90 -4.22
C TRP A 214 17.59 -13.66 -3.51
N ASN A 215 16.26 -13.60 -3.39
CA ASN A 215 15.54 -12.44 -2.89
C ASN A 215 14.70 -12.72 -1.65
N TRP A 216 13.83 -13.72 -1.71
CA TRP A 216 12.83 -13.99 -0.69
C TRP A 216 13.29 -15.14 0.18
N VAL A 217 13.44 -14.88 1.48
CA VAL A 217 13.90 -15.90 2.42
C VAL A 217 13.31 -15.63 3.77
N GLY A 218 13.12 -16.71 4.53
CA GLY A 218 12.52 -16.60 5.85
C GLY A 218 13.31 -17.41 6.87
N THR A 219 13.15 -17.05 8.13
CA THR A 219 14.07 -17.52 9.16
C THR A 219 13.35 -18.00 10.41
N ILE A 220 14.00 -18.93 11.11
CA ILE A 220 13.62 -19.32 12.47
C ILE A 220 14.89 -19.50 13.28
N ALA A 221 14.78 -19.28 14.59
CA ALA A 221 15.95 -19.30 15.47
C ALA A 221 15.65 -20.05 16.76
N ALA A 222 16.71 -20.47 17.45
CA ALA A 222 16.58 -21.08 18.76
C ALA A 222 16.36 -20.01 19.82
N ASP A 223 15.75 -20.42 20.94
CA ASP A 223 15.43 -19.49 22.00
C ASP A 223 16.62 -19.15 22.89
N ASP A 224 17.72 -19.88 22.75
CA ASP A 224 18.86 -19.70 23.64
C ASP A 224 19.75 -18.56 23.14
N ASP A 225 20.89 -18.39 23.81
CA ASP A 225 21.89 -17.43 23.39
C ASP A 225 22.69 -17.90 22.19
N TYR A 226 22.53 -19.15 21.75
CA TYR A 226 23.17 -19.60 20.53
C TYR A 226 22.45 -19.08 19.30
N GLY A 227 21.13 -18.97 19.36
CA GLY A 227 20.37 -18.64 18.18
C GLY A 227 20.03 -17.19 17.99
N ARG A 228 19.37 -16.59 18.99
CA ARG A 228 18.86 -15.23 18.84
C ARG A 228 19.91 -14.14 18.62
N PRO A 229 21.08 -14.12 19.31
CA PRO A 229 22.11 -13.13 18.92
C PRO A 229 22.65 -13.32 17.51
N GLY A 230 22.82 -14.56 17.07
CA GLY A 230 23.30 -14.79 15.72
C GLY A 230 22.29 -14.37 14.67
N ILE A 231 21.01 -14.54 14.96
CA ILE A 231 20.03 -14.17 13.95
C ILE A 231 19.82 -12.66 13.98
N GLU A 232 20.07 -12.00 15.12
CA GLU A 232 20.10 -10.55 15.12
C GLU A 232 21.28 -10.03 14.30
N LYS A 233 22.43 -10.70 14.39
CA LYS A 233 23.59 -10.37 13.57
C LYS A 233 23.29 -10.54 12.08
N PHE A 234 22.60 -11.62 11.73
CA PHE A 234 22.32 -11.82 10.31
C PHE A 234 21.24 -10.87 9.81
N ARG A 235 20.28 -10.50 10.66
CA ARG A 235 19.32 -9.47 10.27
C ARG A 235 20.00 -8.13 10.10
N GLU A 236 21.07 -7.87 10.87
CA GLU A 236 21.86 -6.67 10.65
C GLU A 236 22.61 -6.72 9.33
N GLU A 237 23.22 -7.87 9.01
CA GLU A 237 23.98 -7.98 7.77
C GLU A 237 23.10 -8.13 6.54
N ALA A 238 21.80 -8.35 6.72
CA ALA A 238 20.89 -8.51 5.58
C ALA A 238 20.54 -7.20 4.91
N GLU A 239 20.58 -6.10 5.65
CA GLU A 239 20.13 -4.83 5.09
C GLU A 239 21.10 -4.30 4.04
N GLU A 240 22.40 -4.60 4.18
CA GLU A 240 23.37 -4.16 3.19
C GLU A 240 23.17 -4.86 1.86
N ARG A 241 22.88 -6.15 1.89
CA ARG A 241 22.84 -6.97 0.69
C ARG A 241 21.61 -6.73 -0.17
N ASP A 242 20.64 -5.96 0.34
CA ASP A 242 19.35 -5.71 -0.31
C ASP A 242 18.60 -7.01 -0.61
N ILE A 243 18.31 -7.72 0.46
CA ILE A 243 17.43 -8.89 0.42
C ILE A 243 16.23 -8.59 1.29
N CYS A 244 15.23 -9.45 1.22
CA CYS A 244 14.01 -9.27 2.00
C CYS A 244 13.81 -10.43 2.95
N ILE A 245 13.52 -10.13 4.21
CA ILE A 245 13.22 -11.14 5.21
C ILE A 245 11.72 -11.16 5.39
N ASP A 246 11.10 -12.31 5.16
CA ASP A 246 9.65 -12.39 5.20
C ASP A 246 9.12 -12.69 6.61
N PHE A 247 9.57 -13.80 7.20
CA PHE A 247 9.00 -14.29 8.45
C PHE A 247 10.11 -14.70 9.40
N SER A 248 10.00 -14.23 10.64
CA SER A 248 10.89 -14.62 11.72
C SER A 248 10.06 -15.25 12.82
N GLU A 249 10.46 -16.45 13.25
CA GLU A 249 9.75 -17.16 14.30
C GLU A 249 10.78 -17.78 15.24
N LEU A 250 10.33 -18.08 16.44
CA LEU A 250 11.22 -18.51 17.52
C LEU A 250 10.70 -19.84 18.07
N ILE A 251 11.60 -20.80 18.24
CA ILE A 251 11.24 -22.07 18.85
C ILE A 251 12.19 -22.39 19.99
N SER A 252 11.61 -22.89 21.09
CA SER A 252 12.34 -23.52 22.17
C SER A 252 11.99 -25.01 22.18
N GLN A 253 12.86 -25.80 22.81
CA GLN A 253 12.73 -27.25 22.75
C GLN A 253 11.48 -27.73 23.47
N TYR A 254 11.11 -27.07 24.56
CA TYR A 254 9.93 -27.44 25.32
C TYR A 254 8.68 -26.70 24.87
N SER A 255 8.58 -26.37 23.58
CA SER A 255 7.40 -25.68 23.09
C SER A 255 6.20 -26.61 23.03
N ASP A 256 5.01 -26.04 23.23
CA ASP A 256 3.77 -26.79 23.23
C ASP A 256 3.34 -27.12 21.81
N GLU A 257 2.24 -27.87 21.70
CA GLU A 257 1.73 -28.26 20.39
C GLU A 257 1.17 -27.05 19.63
N GLU A 258 0.62 -26.08 20.36
CA GLU A 258 0.04 -24.91 19.71
C GLU A 258 1.11 -24.02 19.07
N GLU A 259 2.27 -23.89 19.73
CA GLU A 259 3.33 -23.04 19.19
C GLU A 259 3.92 -23.64 17.92
N ILE A 260 4.20 -24.94 17.91
CA ILE A 260 4.74 -25.54 16.69
C ILE A 260 3.67 -25.61 15.61
N GLN A 261 2.40 -25.70 16.01
CA GLN A 261 1.30 -25.59 15.05
C GLN A 261 1.30 -24.23 14.37
N HIS A 262 1.52 -23.17 15.14
CA HIS A 262 1.58 -21.83 14.57
C HIS A 262 2.79 -21.66 13.68
N VAL A 263 3.93 -22.25 14.07
CA VAL A 263 5.16 -22.13 13.27
C VAL A 263 5.01 -22.85 11.93
N VAL A 264 4.42 -24.05 11.94
CA VAL A 264 4.13 -24.74 10.68
C VAL A 264 3.16 -23.96 9.82
N GLU A 265 2.19 -23.27 10.45
CA GLU A 265 1.28 -22.43 9.67
C GLU A 265 2.01 -21.28 8.98
N VAL A 266 2.90 -20.60 9.70
CA VAL A 266 3.65 -19.48 9.12
C VAL A 266 4.58 -19.96 8.01
N ILE A 267 5.27 -21.09 8.21
CA ILE A 267 6.18 -21.58 7.18
C ILE A 267 5.42 -22.14 5.99
N GLN A 268 4.18 -22.60 6.20
CA GLN A 268 3.41 -23.12 5.08
C GLN A 268 2.85 -22.01 4.22
N ASN A 269 2.43 -20.89 4.83
CA ASN A 269 1.74 -19.84 4.08
C ASN A 269 2.63 -19.16 3.05
N SER A 270 3.80 -18.69 3.45
CA SER A 270 4.61 -17.85 2.57
C SER A 270 5.27 -18.70 1.48
N THR A 271 5.75 -18.01 0.44
CA THR A 271 6.29 -18.64 -0.75
C THR A 271 7.80 -18.74 -0.75
N ALA A 272 8.45 -18.42 0.37
CA ALA A 272 9.91 -18.42 0.43
C ALA A 272 10.44 -19.85 0.38
N LYS A 273 11.28 -20.13 -0.61
CA LYS A 273 11.93 -21.43 -0.65
C LYS A 273 13.02 -21.53 0.42
N VAL A 274 13.83 -20.51 0.57
CA VAL A 274 14.99 -20.57 1.46
C VAL A 274 14.56 -20.19 2.86
N ILE A 275 14.69 -21.13 3.79
CA ILE A 275 14.49 -20.86 5.20
C ILE A 275 15.81 -21.11 5.90
N VAL A 276 16.31 -20.11 6.59
CA VAL A 276 17.54 -20.27 7.35
C VAL A 276 17.19 -20.52 8.80
N VAL A 277 17.92 -21.46 9.39
CA VAL A 277 17.68 -21.97 10.73
C VAL A 277 18.98 -21.89 11.48
N PHE A 278 19.02 -21.10 12.55
CA PHE A 278 20.27 -20.88 13.26
C PHE A 278 20.02 -21.39 14.68
N SER A 279 20.15 -22.71 14.86
CA SER A 279 19.66 -23.35 16.08
C SER A 279 20.46 -24.61 16.33
N SER A 280 20.17 -25.25 17.46
CA SER A 280 20.94 -26.41 17.90
C SER A 280 20.38 -27.67 17.27
N GLY A 281 20.76 -28.82 17.82
CA GLY A 281 20.30 -30.11 17.37
C GLY A 281 18.96 -30.56 17.89
N PRO A 282 18.84 -30.76 19.21
CA PRO A 282 17.57 -31.27 19.74
C PRO A 282 16.47 -30.23 19.81
N ASP A 283 16.77 -28.94 19.66
CA ASP A 283 15.73 -27.93 19.71
C ASP A 283 14.86 -28.00 18.47
N LEU A 284 15.45 -28.25 17.31
CA LEU A 284 14.71 -28.26 16.07
C LEU A 284 13.89 -29.53 15.88
N GLU A 285 14.07 -30.52 16.75
CA GLU A 285 13.44 -31.83 16.58
C GLU A 285 11.91 -31.83 16.56
N PRO A 286 11.16 -31.09 17.42
CA PRO A 286 9.68 -31.15 17.34
C PRO A 286 9.06 -30.70 16.03
N LEU A 287 9.47 -29.55 15.49
CA LEU A 287 8.86 -29.12 14.25
C LEU A 287 9.28 -30.01 13.10
N ILE A 288 10.41 -30.68 13.21
CA ILE A 288 10.74 -31.69 12.23
C ILE A 288 9.75 -32.85 12.28
N LYS A 289 9.34 -33.28 13.48
CA LYS A 289 8.27 -34.29 13.61
C LYS A 289 7.00 -33.84 12.91
N GLU A 290 6.60 -32.59 13.15
CA GLU A 290 5.34 -32.09 12.59
C GLU A 290 5.40 -31.93 11.08
N ILE A 291 6.46 -31.30 10.56
CA ILE A 291 6.56 -31.05 9.13
C ILE A 291 6.68 -32.35 8.35
N VAL A 292 7.41 -33.35 8.86
CA VAL A 292 7.46 -34.56 8.06
C VAL A 292 6.17 -35.35 8.25
N ARG A 293 5.39 -35.07 9.30
CA ARG A 293 4.06 -35.66 9.34
C ARG A 293 3.14 -35.04 8.29
N ARG A 294 3.37 -33.79 7.90
CA ARG A 294 2.48 -33.14 6.94
C ARG A 294 2.90 -33.24 5.47
N ASN A 295 3.98 -33.97 5.14
CA ASN A 295 4.45 -34.20 3.75
C ASN A 295 4.77 -32.93 2.99
N ILE A 296 5.23 -31.87 3.67
CA ILE A 296 5.72 -30.71 2.96
C ILE A 296 6.99 -31.08 2.21
N THR A 297 7.08 -30.69 0.94
CA THR A 297 8.14 -31.20 0.06
C THR A 297 8.97 -30.14 -0.65
N GLY A 298 8.52 -28.90 -0.73
CA GLY A 298 9.16 -27.99 -1.66
C GLY A 298 10.31 -27.16 -1.12
N LYS A 299 10.45 -27.09 0.19
CA LYS A 299 11.33 -26.09 0.76
C LYS A 299 12.79 -26.52 0.65
N ILE A 300 13.67 -25.53 0.57
CA ILE A 300 15.11 -25.76 0.59
C ILE A 300 15.66 -25.17 1.88
N TRP A 301 16.38 -25.98 2.65
CA TRP A 301 16.86 -25.58 3.96
C TRP A 301 18.31 -25.15 3.90
N LEU A 302 18.66 -24.17 4.71
CA LEU A 302 20.01 -23.66 4.76
C LEU A 302 20.39 -23.56 6.23
N ALA A 303 21.45 -24.25 6.61
CA ALA A 303 21.61 -24.70 7.99
C ALA A 303 22.58 -23.84 8.78
N SER A 304 22.66 -24.16 10.07
CA SER A 304 23.60 -23.55 10.99
C SER A 304 24.77 -24.48 11.15
N GLU A 305 25.64 -24.17 12.12
CA GLU A 305 26.75 -25.06 12.41
C GLU A 305 26.30 -26.28 13.17
N ALA A 306 25.37 -26.10 14.12
CA ALA A 306 25.12 -27.12 15.15
C ALA A 306 24.45 -28.35 14.58
N TRP A 307 23.41 -28.16 13.79
CA TRP A 307 22.64 -29.29 13.29
C TRP A 307 23.01 -29.67 11.87
N ALA A 308 24.14 -29.16 11.36
CA ALA A 308 24.48 -29.46 9.97
C ALA A 308 24.90 -30.91 9.79
N SER A 309 25.45 -31.53 10.83
CA SER A 309 25.81 -32.93 10.79
C SER A 309 25.41 -33.50 12.14
N SER A 310 24.17 -33.95 12.25
CA SER A 310 23.69 -34.55 13.49
C SER A 310 22.87 -35.77 13.12
N SER A 311 23.17 -36.91 13.75
CA SER A 311 22.41 -38.11 13.45
C SER A 311 21.05 -38.12 14.10
N LEU A 312 20.76 -37.15 14.96
CA LEU A 312 19.43 -37.02 15.54
C LEU A 312 18.40 -36.65 14.47
N ILE A 313 18.77 -35.75 13.55
CA ILE A 313 17.87 -35.32 12.49
C ILE A 313 18.10 -36.09 11.20
N ALA A 314 19.35 -36.31 10.83
CA ALA A 314 19.69 -36.94 9.54
C ALA A 314 19.36 -38.42 9.62
N MET A 315 18.13 -38.76 9.30
CA MET A 315 17.63 -40.13 9.36
C MET A 315 16.99 -40.47 8.03
N PRO A 316 16.87 -41.76 7.70
CA PRO A 316 16.14 -42.14 6.48
C PRO A 316 14.69 -41.73 6.47
N GLN A 317 14.04 -41.70 7.62
CA GLN A 317 12.61 -41.45 7.65
C GLN A 317 12.27 -40.00 7.45
N TYR A 318 13.22 -39.10 7.58
CA TYR A 318 12.92 -37.69 7.44
C TYR A 318 13.36 -37.13 6.12
N PHE A 319 13.68 -37.97 5.13
CA PHE A 319 14.43 -37.46 3.99
C PHE A 319 13.60 -36.58 3.08
N HIS A 320 12.35 -36.83 2.98
CA HIS A 320 11.53 -36.11 2.01
C HIS A 320 11.19 -34.70 2.43
N VAL A 321 11.77 -34.17 3.51
CA VAL A 321 11.74 -32.75 3.81
C VAL A 321 13.15 -32.18 3.89
N VAL A 322 14.02 -32.82 4.67
CA VAL A 322 15.27 -32.19 5.07
C VAL A 322 16.39 -32.58 4.13
N GLY A 323 16.07 -33.26 3.04
CA GLY A 323 17.09 -33.65 2.09
C GLY A 323 17.67 -32.46 1.35
N GLY A 324 18.90 -32.63 0.88
CA GLY A 324 19.50 -31.65 0.02
C GLY A 324 19.92 -30.36 0.68
N THR A 325 19.84 -30.25 2.00
CA THR A 325 20.12 -28.99 2.67
C THR A 325 21.62 -28.73 2.73
N ILE A 326 21.98 -27.49 3.08
CA ILE A 326 23.35 -27.01 3.00
C ILE A 326 23.77 -26.51 4.37
N GLY A 327 24.91 -26.99 4.87
CA GLY A 327 25.31 -26.62 6.22
C GLY A 327 26.81 -26.57 6.44
N PHE A 328 27.19 -25.83 7.48
CA PHE A 328 28.59 -25.67 7.87
C PHE A 328 29.04 -26.76 8.83
N ALA A 329 30.13 -27.41 8.48
CA ALA A 329 30.81 -28.34 9.35
C ALA A 329 32.22 -27.83 9.61
N LEU A 330 32.73 -28.11 10.80
CA LEU A 330 34.00 -27.59 11.24
C LEU A 330 35.14 -28.35 10.61
N LYS A 331 36.36 -27.95 10.92
CA LYS A 331 37.52 -28.55 10.32
C LYS A 331 37.76 -29.93 10.89
N ALA A 332 38.45 -30.78 10.13
CA ALA A 332 38.69 -32.14 10.54
C ALA A 332 39.78 -32.22 11.61
N GLY A 333 40.20 -33.43 11.94
CA GLY A 333 41.29 -33.62 12.88
C GLY A 333 41.77 -35.04 12.77
N GLN A 334 42.90 -35.32 13.40
CA GLN A 334 43.46 -36.66 13.41
C GLN A 334 43.86 -37.04 14.83
N ILE A 335 43.22 -38.08 15.36
CA ILE A 335 43.57 -38.61 16.67
C ILE A 335 44.00 -40.04 16.48
N PRO A 336 45.26 -40.40 16.66
CA PRO A 336 45.65 -41.79 16.51
C PRO A 336 45.51 -42.55 17.82
N GLY A 337 45.32 -43.85 17.69
CA GLY A 337 45.19 -44.70 18.86
C GLY A 337 43.84 -44.64 19.53
N PHE A 338 42.84 -44.08 18.88
CA PHE A 338 41.60 -43.76 19.57
C PHE A 338 40.47 -44.68 19.20
N ARG A 339 40.51 -45.29 18.03
CA ARG A 339 39.51 -46.30 17.68
C ARG A 339 39.66 -47.55 18.56
N GLU A 340 40.89 -47.98 18.78
CA GLU A 340 41.14 -49.09 19.69
C GLU A 340 40.72 -48.75 21.12
N PHE A 341 40.99 -47.52 21.55
CA PHE A 341 40.62 -47.14 22.90
C PHE A 341 39.11 -47.00 23.05
N LEU A 342 38.40 -46.66 21.97
CA LEU A 342 36.95 -46.75 22.04
C LEU A 342 36.50 -48.19 22.20
N LYS A 343 37.10 -49.12 21.47
CA LYS A 343 36.67 -50.51 21.67
C LYS A 343 37.32 -51.16 22.87
N LYS A 344 37.94 -50.40 23.77
CA LYS A 344 38.45 -50.97 25.01
C LYS A 344 37.69 -50.40 26.22
N VAL A 345 36.35 -50.42 26.17
CA VAL A 345 35.52 -50.17 27.35
C VAL A 345 34.92 -51.49 27.80
N HIS A 346 34.93 -51.72 29.08
CA HIS A 346 34.50 -52.98 29.66
C HIS A 346 33.97 -52.75 31.06
N PRO A 347 32.65 -52.87 31.28
CA PRO A 347 32.02 -52.23 32.44
C PRO A 347 32.47 -52.79 33.76
N ARG A 348 32.97 -54.02 33.80
CA ARG A 348 33.61 -54.49 35.02
C ARG A 348 34.97 -53.84 35.20
N LYS A 349 35.77 -53.83 34.14
CA LYS A 349 37.13 -53.30 34.25
C LYS A 349 37.13 -51.79 34.34
N SER A 350 36.06 -51.13 33.91
CA SER A 350 36.00 -49.66 33.90
C SER A 350 35.85 -49.18 35.33
N VAL A 351 36.98 -49.07 36.01
CA VAL A 351 36.98 -48.63 37.40
C VAL A 351 36.66 -47.15 37.49
N HIS A 352 37.54 -46.32 36.93
CA HIS A 352 37.52 -44.90 37.25
C HIS A 352 36.37 -44.19 36.59
N ASN A 353 36.05 -44.55 35.36
CA ASN A 353 34.86 -44.02 34.73
C ASN A 353 33.64 -44.54 35.45
N GLY A 354 32.62 -43.70 35.55
CA GLY A 354 31.43 -44.09 36.27
C GLY A 354 30.21 -44.06 35.39
N PHE A 355 30.36 -43.53 34.18
CA PHE A 355 29.29 -43.54 33.20
C PHE A 355 29.36 -44.74 32.30
N ALA A 356 30.07 -45.78 32.71
CA ALA A 356 30.15 -46.98 31.90
C ALA A 356 28.86 -47.77 31.98
N LYS A 357 28.43 -48.11 33.21
CA LYS A 357 27.41 -49.13 33.42
C LYS A 357 26.06 -48.74 32.84
N GLU A 358 25.63 -47.49 33.06
CA GLU A 358 24.42 -46.97 32.42
C GLU A 358 24.50 -47.10 30.91
N PHE A 359 25.68 -46.84 30.34
CA PHE A 359 25.89 -46.94 28.90
C PHE A 359 25.61 -48.36 28.41
N TRP A 360 25.97 -49.37 29.21
CA TRP A 360 25.72 -50.74 28.80
C TRP A 360 24.25 -51.01 28.68
N GLU A 361 23.47 -50.47 29.62
CA GLU A 361 22.03 -50.68 29.60
C GLU A 361 21.34 -49.90 28.49
N GLU A 362 22.07 -49.03 27.80
CA GLU A 362 21.49 -48.40 26.65
C GLU A 362 21.89 -49.08 25.36
N THR A 363 22.91 -49.93 25.38
CA THR A 363 23.38 -50.52 24.13
C THR A 363 23.10 -52.00 23.96
N PHE A 364 22.96 -52.79 25.02
CA PHE A 364 22.61 -54.18 24.85
C PHE A 364 21.56 -54.70 25.82
N ASN A 365 21.16 -53.90 26.80
CA ASN A 365 20.13 -54.21 27.81
C ASN A 365 20.53 -55.41 28.67
N ILE A 409 30.99 -57.84 20.22
CA ILE A 409 30.18 -57.37 21.32
C ILE A 409 30.23 -55.87 21.39
N SER A 410 30.70 -55.26 20.34
CA SER A 410 30.45 -53.83 20.17
C SER A 410 30.09 -53.55 18.72
N SER A 411 29.64 -54.57 17.98
CA SER A 411 29.22 -54.43 16.60
C SER A 411 27.70 -54.26 16.53
N VAL A 412 27.21 -53.20 17.15
CA VAL A 412 25.80 -52.85 17.14
C VAL A 412 25.67 -51.42 16.67
N GLU A 413 24.79 -51.18 15.71
CA GLU A 413 24.69 -49.87 15.05
C GLU A 413 24.31 -48.77 16.02
N THR A 414 25.16 -47.75 16.11
CA THR A 414 25.02 -46.68 17.09
C THR A 414 25.86 -45.50 16.63
N PRO A 415 25.62 -44.30 17.15
CA PRO A 415 26.52 -43.18 16.89
C PRO A 415 27.69 -43.06 17.85
N TYR A 416 28.03 -44.10 18.58
CA TYR A 416 29.24 -44.04 19.39
C TYR A 416 30.49 -44.43 18.62
N ILE A 417 30.37 -45.26 17.59
CA ILE A 417 31.56 -45.70 16.89
C ILE A 417 31.33 -45.51 15.39
N ASP A 418 30.28 -44.81 15.01
CA ASP A 418 30.04 -44.50 13.60
C ASP A 418 30.25 -43.01 13.40
N TYR A 419 31.50 -42.64 13.20
CA TYR A 419 31.89 -41.26 13.02
C TYR A 419 32.74 -41.20 11.76
N THR A 420 32.31 -40.40 10.79
CA THR A 420 33.11 -40.25 9.58
C THR A 420 34.37 -39.47 9.87
N HIS A 421 34.22 -38.33 10.54
CA HIS A 421 35.34 -37.47 10.84
C HIS A 421 35.24 -37.03 12.28
N LEU A 422 36.36 -36.59 12.83
CA LEU A 422 36.42 -36.08 14.18
C LEU A 422 36.40 -34.57 14.08
N ARG A 423 35.27 -33.95 14.42
CA ARG A 423 35.13 -32.51 14.33
C ARG A 423 35.12 -31.82 15.68
N ILE A 424 34.32 -32.28 16.64
CA ILE A 424 34.31 -31.63 17.94
C ILE A 424 35.19 -32.38 18.94
N SER A 425 35.41 -33.67 18.75
CA SER A 425 36.28 -34.40 19.65
C SER A 425 37.72 -33.94 19.55
N TYR A 426 38.11 -33.45 18.38
CA TYR A 426 39.43 -32.85 18.24
C TYR A 426 39.57 -31.58 19.04
N ASN A 427 38.48 -30.83 19.20
CA ASN A 427 38.55 -29.64 20.03
C ASN A 427 38.79 -29.97 21.49
N VAL A 428 38.17 -31.05 21.99
CA VAL A 428 38.34 -31.40 23.39
C VAL A 428 39.74 -31.92 23.65
N TYR A 429 40.25 -32.73 22.72
CA TYR A 429 41.65 -33.15 22.79
C TYR A 429 42.61 -31.97 22.74
N LEU A 430 42.29 -30.98 21.93
CA LEU A 430 43.16 -29.82 21.80
C LEU A 430 43.12 -28.94 23.03
N ALA A 431 41.95 -28.82 23.67
CA ALA A 431 41.87 -28.03 24.89
C ALA A 431 42.66 -28.67 26.02
N VAL A 432 42.65 -30.00 26.09
CA VAL A 432 43.41 -30.64 27.16
C VAL A 432 44.91 -30.46 26.94
N TYR A 433 45.39 -30.58 25.70
CA TYR A 433 46.79 -30.18 25.48
C TYR A 433 47.05 -28.70 25.71
N SER A 434 46.07 -27.83 25.53
CA SER A 434 46.32 -26.41 25.77
C SER A 434 46.62 -26.15 27.24
N ILE A 435 45.82 -26.75 28.13
CA ILE A 435 46.13 -26.59 29.55
C ILE A 435 47.42 -27.32 29.91
N ALA A 436 47.74 -28.39 29.18
CA ALA A 436 48.98 -29.12 29.45
C ALA A 436 50.20 -28.25 29.18
N HIS A 437 50.23 -27.57 28.04
CA HIS A 437 51.38 -26.69 27.77
C HIS A 437 51.38 -25.47 28.66
N ALA A 438 50.21 -25.04 29.16
CA ALA A 438 50.23 -23.98 30.16
C ALA A 438 51.00 -24.39 31.40
N LEU A 439 50.68 -25.56 31.95
CA LEU A 439 51.41 -26.00 33.14
C LEU A 439 52.85 -26.37 32.83
N GLN A 440 53.13 -26.82 31.60
CA GLN A 440 54.52 -27.10 31.21
C GLN A 440 55.37 -25.84 31.18
N ASP A 441 54.83 -24.73 30.65
CA ASP A 441 55.59 -23.49 30.68
C ASP A 441 55.78 -22.97 32.10
N ILE A 442 54.80 -23.23 32.99
CA ILE A 442 55.02 -22.91 34.40
C ILE A 442 56.18 -23.72 34.96
N TYR A 443 56.27 -24.98 34.56
CA TYR A 443 57.42 -25.78 34.94
C TYR A 443 58.73 -25.33 34.28
N THR A 444 58.68 -24.51 33.23
CA THR A 444 59.96 -24.13 32.63
C THR A 444 60.29 -22.64 32.48
N CYS A 445 60.12 -21.87 33.55
CA CYS A 445 60.45 -20.41 33.50
C CYS A 445 61.74 -20.19 34.31
N LEU A 446 62.81 -19.79 33.63
CA LEU A 446 64.10 -19.56 34.34
C LEU A 446 63.90 -18.23 35.08
N PRO A 447 64.71 -17.86 36.10
CA PRO A 447 64.44 -16.64 36.88
C PRO A 447 64.41 -15.34 36.08
N GLY A 448 65.32 -15.17 35.12
CA GLY A 448 65.42 -13.91 34.36
C GLY A 448 64.14 -13.58 33.60
N ARG A 449 63.50 -14.57 32.98
CA ARG A 449 62.21 -14.29 32.32
C ARG A 449 61.19 -13.97 33.43
N GLY A 450 60.40 -12.91 33.24
CA GLY A 450 59.41 -12.51 34.26
C GLY A 450 58.02 -12.29 33.70
N LEU A 451 57.04 -13.06 34.19
CA LEU A 451 55.63 -12.83 33.79
C LEU A 451 54.83 -12.51 35.05
N PHE A 452 55.47 -12.49 36.23
CA PHE A 452 54.74 -12.10 37.46
C PHE A 452 55.44 -10.96 38.20
N THR A 453 54.72 -9.88 38.52
CA THR A 453 55.25 -8.72 39.30
C THR A 453 56.55 -8.17 38.69
N ASN A 454 57.58 -7.96 39.50
CA ASN A 454 58.88 -7.45 39.00
C ASN A 454 59.73 -8.62 38.52
N GLY A 455 59.40 -9.21 37.37
CA GLY A 455 60.24 -10.28 36.80
C GLY A 455 60.47 -11.44 37.74
N SER A 456 59.43 -11.90 38.44
CA SER A 456 59.57 -13.08 39.34
C SER A 456 58.70 -14.23 38.80
N CYS A 457 59.18 -15.48 38.85
CA CYS A 457 58.40 -16.59 38.23
C CYS A 457 57.63 -17.39 39.28
N ALA A 458 56.51 -17.99 38.89
CA ALA A 458 55.70 -18.80 39.79
C ALA A 458 56.39 -20.12 40.10
N ASP A 459 55.78 -20.91 40.97
CA ASP A 459 56.34 -22.21 41.33
C ASP A 459 55.32 -23.32 41.15
N ILE A 460 55.82 -24.51 40.84
CA ILE A 460 54.94 -25.62 40.47
C ILE A 460 54.42 -26.34 41.70
N LYS A 461 55.12 -26.25 42.85
CA LYS A 461 54.72 -26.98 44.04
C LYS A 461 53.40 -26.48 44.58
N LYS A 462 53.21 -25.17 44.62
CA LYS A 462 51.98 -24.53 45.07
C LYS A 462 51.45 -23.69 43.92
N VAL A 463 50.72 -24.32 43.02
CA VAL A 463 50.25 -23.64 41.83
C VAL A 463 48.82 -23.20 42.04
N GLU A 464 48.53 -21.95 41.69
CA GLU A 464 47.23 -21.35 41.92
C GLU A 464 46.51 -21.13 40.61
N ALA A 465 45.18 -21.12 40.68
CA ALA A 465 44.37 -20.94 39.49
C ALA A 465 44.44 -19.52 38.94
N TRP A 466 44.96 -18.57 39.68
CA TRP A 466 45.13 -17.26 39.08
C TRP A 466 46.40 -17.13 38.25
N GLN A 467 47.37 -18.02 38.40
CA GLN A 467 48.59 -17.90 37.61
C GLN A 467 48.47 -18.61 36.26
N VAL A 468 47.72 -19.70 36.25
CA VAL A 468 47.48 -20.45 35.01
C VAL A 468 46.72 -19.61 34.01
N LEU A 469 45.91 -18.66 34.49
CA LEU A 469 45.25 -17.75 33.56
C LEU A 469 46.25 -16.81 32.88
N LYS A 470 47.28 -16.40 33.61
CA LYS A 470 48.31 -15.57 33.00
C LYS A 470 49.10 -16.34 31.95
N HIS A 471 49.51 -17.58 32.24
CA HIS A 471 50.10 -18.35 31.13
C HIS A 471 49.12 -18.75 30.06
N LEU A 472 47.83 -18.76 30.32
CA LEU A 472 46.91 -19.09 29.25
C LEU A 472 46.74 -17.94 28.28
N ARG A 473 46.85 -16.70 28.73
CA ARG A 473 46.72 -15.62 27.76
C ARG A 473 47.94 -15.49 26.85
N HIS A 474 49.09 -16.03 27.22
CA HIS A 474 50.30 -16.00 26.40
C HIS A 474 50.72 -17.42 26.05
N LEU A 475 50.16 -17.96 24.97
CA LEU A 475 50.41 -19.36 24.68
C LEU A 475 50.72 -19.57 23.21
N ASN A 476 51.79 -20.30 22.92
CA ASN A 476 51.92 -20.91 21.61
C ASN A 476 52.53 -22.29 21.77
N PHE A 477 51.98 -23.23 21.01
CA PHE A 477 52.61 -24.54 20.84
C PHE A 477 52.24 -25.07 19.47
N THR A 478 53.10 -25.95 19.00
CA THR A 478 52.93 -26.66 17.74
C THR A 478 52.21 -27.96 18.04
N ASN A 479 50.92 -28.00 17.74
CA ASN A 479 50.11 -29.18 17.95
C ASN A 479 50.56 -30.32 17.03
N ASN A 480 50.00 -31.51 17.28
CA ASN A 480 50.50 -32.75 16.69
C ASN A 480 50.38 -32.77 15.17
N MET A 481 49.42 -32.04 14.63
CA MET A 481 49.36 -31.83 13.19
C MET A 481 50.51 -30.96 12.72
N GLY A 482 50.63 -29.74 13.24
CA GLY A 482 51.73 -28.89 12.84
C GLY A 482 51.42 -27.42 12.69
N GLU A 483 50.20 -26.99 13.01
CA GLU A 483 49.88 -25.57 13.04
C GLU A 483 50.32 -24.95 14.36
N GLN A 484 50.03 -23.67 14.55
CA GLN A 484 50.39 -22.97 15.78
C GLN A 484 49.13 -22.55 16.50
N VAL A 485 49.07 -22.76 17.81
CA VAL A 485 47.86 -22.45 18.55
C VAL A 485 48.12 -21.22 19.41
N THR A 486 47.32 -20.18 19.20
CA THR A 486 47.35 -19.03 20.10
C THR A 486 45.98 -18.40 20.18
N PHE A 487 45.72 -17.75 21.30
CA PHE A 487 44.42 -17.16 21.54
C PHE A 487 44.47 -15.68 21.21
N ASP A 488 43.33 -15.15 20.79
CA ASP A 488 43.22 -13.74 20.45
C ASP A 488 43.12 -12.92 21.73
N GLU A 489 42.79 -11.63 21.59
CA GLU A 489 42.56 -10.83 22.78
C GLU A 489 41.26 -11.23 23.46
N CYS A 490 40.19 -11.40 22.68
CA CYS A 490 38.92 -11.81 23.26
C CYS A 490 38.93 -13.27 23.67
N GLY A 491 39.41 -14.16 22.81
CA GLY A 491 39.54 -15.55 23.17
C GLY A 491 39.32 -16.56 22.06
N ASP A 492 38.72 -16.15 20.95
CA ASP A 492 38.36 -17.11 19.91
C ASP A 492 39.58 -17.59 19.15
N LEU A 493 39.40 -18.69 18.43
CA LEU A 493 40.39 -19.22 17.49
C LEU A 493 39.77 -19.22 16.10
N VAL A 494 40.42 -18.57 15.16
CA VAL A 494 39.86 -18.45 13.82
C VAL A 494 40.12 -19.73 13.05
N GLY A 495 39.19 -20.13 12.20
CA GLY A 495 39.42 -21.28 11.36
C GLY A 495 38.49 -21.26 10.18
N ASN A 496 38.90 -21.94 9.11
CA ASN A 496 38.01 -22.07 7.98
C ASN A 496 36.99 -23.18 8.22
N TYR A 497 35.80 -22.99 7.67
CA TYR A 497 34.72 -23.97 7.74
C TYR A 497 34.66 -24.72 6.43
N SER A 498 33.77 -25.69 6.38
CA SER A 498 33.44 -26.34 5.12
C SER A 498 31.94 -26.41 4.99
N ILE A 499 31.42 -26.09 3.81
CA ILE A 499 30.00 -26.24 3.53
C ILE A 499 29.77 -27.58 2.83
N ILE A 500 28.74 -28.30 3.30
CA ILE A 500 28.41 -29.64 2.85
C ILE A 500 26.93 -29.68 2.47
N ASN A 501 26.60 -30.62 1.59
CA ASN A 501 25.26 -30.79 1.06
C ASN A 501 24.93 -32.27 1.08
N TRP A 502 23.77 -32.61 1.63
CA TRP A 502 23.45 -33.98 1.98
C TRP A 502 23.12 -34.76 0.72
N HIS A 503 23.08 -36.08 0.84
CA HIS A 503 22.74 -36.97 -0.26
C HIS A 503 22.14 -38.24 0.32
N LEU A 504 21.86 -39.21 -0.55
CA LEU A 504 21.31 -40.50 -0.14
C LEU A 504 22.02 -41.60 -0.91
N SER A 505 22.89 -42.33 -0.24
CA SER A 505 23.66 -43.40 -0.86
C SER A 505 22.79 -44.63 -1.07
N PRO A 506 22.97 -45.34 -2.19
CA PRO A 506 22.11 -46.50 -2.48
C PRO A 506 22.42 -47.74 -1.67
N GLU A 507 23.43 -47.73 -0.80
CA GLU A 507 23.78 -48.94 -0.08
C GLU A 507 22.78 -49.24 1.02
N ASP A 508 22.63 -48.32 1.97
CA ASP A 508 21.75 -48.53 3.11
C ASP A 508 20.97 -47.28 3.48
N GLY A 509 20.96 -46.26 2.64
CA GLY A 509 20.05 -45.16 2.83
C GLY A 509 20.42 -44.18 3.90
N SER A 510 21.58 -44.32 4.53
CA SER A 510 22.06 -43.30 5.45
C SER A 510 22.37 -42.03 4.68
N ILE A 511 21.93 -40.90 5.22
CA ILE A 511 22.14 -39.63 4.54
C ILE A 511 23.61 -39.27 4.61
N VAL A 512 24.29 -39.31 3.47
CA VAL A 512 25.74 -39.14 3.42
C VAL A 512 26.10 -37.68 3.20
N PHE A 513 27.14 -37.23 3.86
CA PHE A 513 27.49 -35.80 3.93
C PHE A 513 28.66 -35.47 3.01
N LYS A 514 28.42 -35.50 1.71
CA LYS A 514 29.48 -35.11 0.79
C LYS A 514 29.69 -33.61 0.82
N GLU A 515 30.95 -33.20 0.98
CA GLU A 515 31.32 -31.79 1.04
C GLU A 515 31.17 -31.16 -0.34
N VAL A 516 31.03 -29.84 -0.38
CA VAL A 516 31.19 -29.06 -1.61
C VAL A 516 32.26 -27.98 -1.50
N GLY A 517 32.29 -27.18 -0.44
CA GLY A 517 33.13 -26.01 -0.51
C GLY A 517 33.78 -25.63 0.80
N TYR A 518 34.83 -24.83 0.71
CA TYR A 518 35.52 -24.29 1.87
C TYR A 518 35.16 -22.83 2.05
N TYR A 519 35.23 -22.34 3.27
CA TYR A 519 35.03 -20.93 3.54
C TYR A 519 36.29 -20.39 4.19
N ASN A 520 37.30 -20.05 3.39
CA ASN A 520 38.57 -19.64 3.98
C ASN A 520 38.43 -18.22 4.52
N VAL A 521 38.62 -18.07 5.83
CA VAL A 521 38.45 -16.79 6.49
C VAL A 521 39.75 -16.02 6.58
N TYR A 522 40.83 -16.53 6.01
CA TYR A 522 42.07 -15.78 6.03
C TYR A 522 42.02 -14.59 5.08
N ALA A 523 41.51 -14.78 3.87
CA ALA A 523 41.62 -13.78 2.82
C ALA A 523 40.58 -12.67 3.01
N LYS A 524 40.50 -11.77 2.03
CA LYS A 524 39.73 -10.54 2.17
C LYS A 524 38.24 -10.81 2.07
N LYS A 525 37.46 -9.82 2.47
CA LYS A 525 36.01 -9.96 2.47
C LYS A 525 35.47 -9.88 1.06
N GLY A 526 34.91 -10.98 0.57
CA GLY A 526 34.42 -11.08 -0.79
C GLY A 526 35.17 -12.04 -1.67
N GLU A 527 36.29 -12.58 -1.22
CA GLU A 527 37.01 -13.60 -1.97
C GLU A 527 37.16 -14.88 -1.16
N ARG A 528 36.16 -15.22 -0.36
CA ARG A 528 36.23 -16.39 0.51
C ARG A 528 35.50 -17.60 -0.06
N LEU A 529 34.19 -17.49 -0.25
CA LEU A 529 33.33 -18.64 -0.49
C LEU A 529 33.59 -19.26 -1.86
N PHE A 530 33.22 -20.54 -1.99
CA PHE A 530 33.50 -21.29 -3.22
C PHE A 530 32.60 -22.50 -3.23
N ILE A 531 31.82 -22.67 -4.30
CA ILE A 531 30.88 -23.78 -4.41
C ILE A 531 31.11 -24.48 -5.73
N ASN A 532 31.56 -25.70 -5.67
CA ASN A 532 31.62 -26.50 -6.87
C ASN A 532 30.20 -26.93 -7.15
N GLU A 533 29.72 -26.70 -8.37
CA GLU A 533 28.30 -26.84 -8.63
C GLU A 533 27.89 -28.23 -9.06
N GLU A 534 28.69 -28.91 -9.88
CA GLU A 534 28.28 -30.21 -10.42
C GLU A 534 28.24 -31.30 -9.36
N LYS A 535 28.83 -31.10 -8.19
CA LYS A 535 28.66 -32.06 -7.13
C LYS A 535 27.44 -31.75 -6.28
N ILE A 536 27.05 -30.49 -6.14
CA ILE A 536 25.97 -30.15 -5.22
C ILE A 536 24.65 -30.52 -5.88
N LEU A 537 23.76 -31.13 -5.10
CA LEU A 537 22.58 -31.76 -5.66
C LEU A 537 21.39 -31.36 -4.81
N TRP A 538 20.46 -30.63 -5.42
CA TRP A 538 19.33 -30.08 -4.70
C TRP A 538 18.36 -31.18 -4.33
N SER A 539 17.41 -30.85 -3.45
CA SER A 539 16.57 -31.86 -2.82
C SER A 539 15.69 -32.56 -3.85
N GLY A 540 15.69 -33.88 -3.80
CA GLY A 540 14.96 -34.65 -4.79
C GLY A 540 15.73 -34.85 -6.06
N PHE A 541 17.05 -34.91 -5.96
CA PHE A 541 18.03 -34.87 -7.04
C PHE A 541 17.64 -33.89 -8.15
N SER A 542 17.53 -32.63 -7.75
CA SER A 542 17.17 -31.56 -8.67
C SER A 542 18.44 -30.94 -9.19
N ARG A 543 18.60 -30.94 -10.51
CA ARG A 543 19.78 -30.37 -11.13
C ARG A 543 19.74 -28.84 -11.15
N GLU A 544 18.58 -28.25 -11.42
CA GLU A 544 18.48 -26.82 -11.65
C GLU A 544 18.53 -26.05 -10.34
N VAL A 545 19.07 -24.84 -10.41
CA VAL A 545 19.00 -23.93 -9.26
C VAL A 545 17.56 -23.48 -9.09
N PRO A 546 16.99 -23.51 -7.90
CA PRO A 546 15.59 -23.13 -7.73
C PRO A 546 15.42 -21.62 -7.85
N PHE A 547 14.16 -21.22 -7.94
CA PHE A 547 13.79 -19.82 -8.04
C PHE A 547 13.29 -19.40 -6.67
N SER A 548 13.78 -18.27 -6.18
CA SER A 548 13.33 -17.82 -4.87
C SER A 548 13.10 -16.32 -4.80
N ASN A 549 12.71 -15.69 -5.90
CA ASN A 549 12.44 -14.27 -5.88
C ASN A 549 11.00 -14.01 -5.48
N CYS A 550 10.79 -12.88 -4.79
CA CYS A 550 9.43 -12.46 -4.43
C CYS A 550 8.63 -12.10 -5.68
N SER A 551 9.18 -11.24 -6.53
CA SER A 551 8.54 -10.84 -7.77
C SER A 551 9.35 -11.36 -8.95
N ARG A 552 8.63 -11.93 -9.91
CA ARG A 552 9.23 -12.27 -11.19
C ARG A 552 9.72 -10.99 -11.86
N ASP A 553 11.00 -10.93 -12.23
CA ASP A 553 11.43 -9.83 -13.07
C ASP A 553 10.84 -9.99 -14.47
N CYS A 554 10.08 -8.99 -14.90
CA CYS A 554 9.11 -9.23 -15.95
C CYS A 554 9.65 -8.83 -17.31
N LEU A 555 8.77 -8.90 -18.29
CA LEU A 555 9.15 -9.00 -19.69
C LEU A 555 9.70 -7.69 -20.22
N ALA A 556 10.23 -7.77 -21.43
CA ALA A 556 10.72 -6.57 -22.11
C ALA A 556 9.59 -5.71 -22.65
N GLY A 557 8.40 -6.27 -22.86
CA GLY A 557 7.28 -5.45 -23.28
C GLY A 557 6.79 -4.50 -22.21
N THR A 558 6.74 -4.96 -20.97
CA THR A 558 6.14 -4.21 -19.88
C THR A 558 7.19 -3.39 -19.14
N ARG A 559 6.84 -2.94 -17.94
CA ARG A 559 7.71 -2.11 -17.12
C ARG A 559 7.36 -2.35 -15.66
N LYS A 560 8.33 -2.13 -14.77
CA LYS A 560 8.17 -2.47 -13.37
C LYS A 560 8.76 -1.37 -12.49
N GLY A 561 7.90 -0.60 -11.82
CA GLY A 561 8.38 0.37 -10.87
C GLY A 561 7.47 0.67 -9.69
N ILE A 562 6.44 -0.14 -9.47
CA ILE A 562 5.36 0.19 -8.55
C ILE A 562 5.54 -0.59 -7.25
N ILE A 563 5.69 0.13 -6.16
CA ILE A 563 5.85 -0.46 -4.83
C ILE A 563 4.69 0.03 -3.96
N GLU A 564 3.82 -0.90 -3.57
CA GLU A 564 2.64 -0.56 -2.77
C GLU A 564 2.91 -0.73 -1.27
N GLY A 565 3.97 -0.09 -0.77
CA GLY A 565 4.32 -0.20 0.63
C GLY A 565 5.02 -1.47 1.02
N GLU A 566 5.21 -2.40 0.10
CA GLU A 566 5.92 -3.65 0.34
C GLU A 566 7.41 -3.38 0.40
N PRO A 567 8.21 -4.35 0.87
CA PRO A 567 9.66 -4.25 0.68
C PRO A 567 10.02 -4.24 -0.80
N THR A 568 11.12 -3.55 -1.11
CA THR A 568 11.43 -3.12 -2.47
C THR A 568 11.71 -4.27 -3.43
N CYS A 569 12.03 -5.45 -2.91
CA CYS A 569 12.24 -6.60 -3.77
C CYS A 569 10.95 -7.09 -4.40
N CYS A 570 9.81 -6.83 -3.77
CA CYS A 570 8.53 -7.23 -4.33
C CYS A 570 7.96 -6.08 -5.15
N PHE A 571 7.71 -6.32 -6.44
CA PHE A 571 7.20 -5.26 -7.30
C PHE A 571 6.26 -5.84 -8.35
N GLU A 572 5.60 -4.94 -9.08
CA GLU A 572 4.53 -5.29 -10.00
C GLU A 572 4.81 -4.71 -11.39
N CYS A 573 4.20 -5.33 -12.40
CA CYS A 573 4.40 -4.96 -13.78
C CYS A 573 3.07 -4.62 -14.44
N VAL A 574 3.01 -3.44 -15.05
CA VAL A 574 1.80 -2.92 -15.66
C VAL A 574 2.15 -2.40 -17.04
N GLU A 575 1.27 -2.64 -18.01
CA GLU A 575 1.55 -2.29 -19.40
C GLU A 575 1.56 -0.77 -19.57
N CYS A 576 2.71 -0.23 -19.96
CA CYS A 576 2.86 1.21 -20.13
C CYS A 576 2.03 1.67 -21.34
N PRO A 577 1.55 2.92 -21.32
CA PRO A 577 0.53 3.33 -22.28
C PRO A 577 1.03 3.41 -23.71
N ASP A 578 0.07 3.47 -24.63
CA ASP A 578 0.38 3.67 -26.03
C ASP A 578 1.06 5.02 -26.21
N GLY A 579 2.02 5.06 -27.12
CA GLY A 579 2.95 6.16 -27.18
C GLY A 579 4.23 5.91 -26.41
N GLU A 580 4.26 4.89 -25.55
CA GLU A 580 5.45 4.56 -24.78
C GLU A 580 5.69 3.06 -24.87
N TYR A 581 6.93 2.69 -25.17
CA TYR A 581 7.29 1.29 -25.32
C TYR A 581 8.58 1.03 -24.55
N SER A 582 8.81 -0.22 -24.19
CA SER A 582 10.01 -0.64 -23.49
C SER A 582 10.83 -1.57 -24.38
N ASP A 583 12.11 -1.26 -24.54
CA ASP A 583 13.00 -2.03 -25.40
C ASP A 583 14.11 -2.72 -24.61
N GLU A 584 13.97 -2.81 -23.29
CA GLU A 584 14.96 -3.47 -22.45
C GLU A 584 14.25 -4.49 -21.56
N THR A 585 15.05 -5.41 -21.02
CA THR A 585 14.50 -6.53 -20.26
C THR A 585 13.82 -6.09 -18.97
N ASP A 586 14.31 -5.05 -18.32
CA ASP A 586 13.68 -4.53 -17.12
C ASP A 586 14.02 -3.06 -16.96
N ALA A 587 13.00 -2.23 -16.75
CA ALA A 587 13.19 -0.81 -16.51
C ALA A 587 12.01 -0.29 -15.70
N SER A 588 12.21 0.89 -15.09
CA SER A 588 11.18 1.45 -14.23
C SER A 588 10.03 2.01 -15.03
N ALA A 589 10.31 2.56 -16.21
CA ALA A 589 9.27 3.17 -17.03
C ALA A 589 9.64 3.03 -18.49
N CYS A 590 8.63 3.17 -19.35
CA CYS A 590 8.82 3.07 -20.79
C CYS A 590 9.10 4.44 -21.38
N ASN A 591 10.09 4.50 -22.25
CA ASN A 591 10.41 5.71 -22.98
C ASN A 591 9.32 6.01 -24.00
N LYS A 592 9.14 7.30 -24.28
CA LYS A 592 8.16 7.71 -25.28
C LYS A 592 8.64 7.36 -26.69
N CYS A 593 7.73 6.80 -27.47
CA CYS A 593 8.00 6.48 -28.87
C CYS A 593 8.28 7.75 -29.66
N PRO A 594 9.14 7.67 -30.69
CA PRO A 594 9.45 8.85 -31.50
C PRO A 594 8.22 9.38 -32.22
N ASP A 595 8.21 10.68 -32.49
CA ASP A 595 7.12 11.19 -33.29
C ASP A 595 7.26 10.72 -34.73
N ASP A 596 6.14 10.81 -35.45
CA ASP A 596 5.81 10.16 -36.71
C ASP A 596 5.79 8.63 -36.60
N PHE A 597 5.79 8.10 -35.38
CA PHE A 597 5.69 6.69 -35.07
C PHE A 597 4.63 6.57 -33.98
N TRP A 598 3.85 5.49 -34.04
CA TRP A 598 2.91 5.14 -32.98
C TRP A 598 3.26 3.77 -32.43
N SER A 599 3.11 3.62 -31.12
CA SER A 599 3.51 2.41 -30.41
C SER A 599 2.75 1.19 -30.91
N ASN A 600 3.48 0.09 -31.09
CA ASN A 600 2.91 -1.11 -31.66
C ASN A 600 2.05 -1.84 -30.63
N GLU A 601 1.37 -2.88 -31.09
CA GLU A 601 0.76 -3.80 -30.15
C GLU A 601 1.82 -4.56 -29.36
N ASN A 602 2.96 -4.84 -29.99
CA ASN A 602 3.97 -5.71 -29.42
C ASN A 602 4.65 -5.10 -28.22
N HIS A 603 4.75 -3.77 -28.19
CA HIS A 603 5.44 -2.97 -27.18
C HIS A 603 6.93 -3.25 -27.12
N THR A 604 7.49 -3.98 -28.08
CA THR A 604 8.92 -4.17 -28.15
C THR A 604 9.59 -3.05 -28.91
N SER A 605 8.99 -2.62 -30.01
CA SER A 605 9.46 -1.48 -30.80
C SER A 605 8.28 -0.95 -31.59
N CYS A 606 8.43 0.27 -32.09
CA CYS A 606 7.31 1.01 -32.66
C CYS A 606 7.64 1.50 -34.06
N ILE A 607 6.74 1.23 -34.99
CA ILE A 607 6.93 1.52 -36.40
C ILE A 607 6.11 2.74 -36.79
N ALA A 608 6.51 3.40 -37.88
CA ALA A 608 6.04 4.72 -38.28
C ALA A 608 4.68 4.68 -38.94
N LYS A 609 3.99 5.81 -38.84
CA LYS A 609 2.67 6.02 -39.42
C LYS A 609 2.77 6.24 -40.92
N GLU A 610 1.62 6.47 -41.54
CA GLU A 610 1.53 6.71 -42.97
C GLU A 610 0.67 7.95 -43.20
N ILE A 611 1.19 8.89 -43.99
CA ILE A 611 0.37 10.01 -44.45
C ILE A 611 -0.49 9.56 -45.61
N GLU A 612 -1.80 9.76 -45.50
CA GLU A 612 -2.76 9.29 -46.48
C GLU A 612 -3.17 10.45 -47.39
N PHE A 613 -2.86 10.33 -48.68
CA PHE A 613 -3.16 11.37 -49.65
C PHE A 613 -3.12 10.76 -51.04
N LEU A 614 -3.94 11.28 -51.94
CA LEU A 614 -3.87 10.88 -53.33
C LEU A 614 -2.57 11.37 -53.95
N SER A 615 -1.94 10.53 -54.75
CA SER A 615 -0.57 10.78 -55.19
C SER A 615 -0.48 10.71 -56.71
N TRP A 616 0.49 11.44 -57.26
CA TRP A 616 0.66 11.51 -58.69
C TRP A 616 1.16 10.18 -59.27
N THR A 617 1.95 9.43 -58.52
CA THR A 617 2.37 8.11 -58.97
C THR A 617 1.40 7.00 -58.60
N GLU A 618 0.35 7.30 -57.87
CA GLU A 618 -0.69 6.31 -57.59
C GLU A 618 -1.48 6.06 -58.87
N PRO A 619 -1.55 4.81 -59.36
CA PRO A 619 -2.17 4.56 -60.66
C PRO A 619 -3.67 4.83 -60.71
N PHE A 620 -4.37 4.68 -59.58
CA PHE A 620 -5.77 5.09 -59.51
C PHE A 620 -5.92 6.58 -59.74
N GLY A 621 -4.95 7.36 -59.27
CA GLY A 621 -4.89 8.77 -59.64
C GLY A 621 -4.39 8.98 -61.05
N ILE A 622 -3.62 8.02 -61.59
CA ILE A 622 -3.16 8.16 -62.97
C ILE A 622 -4.32 7.97 -63.92
N ALA A 623 -5.36 7.28 -63.49
CA ALA A 623 -6.61 7.25 -64.24
C ALA A 623 -7.21 8.64 -64.38
N LEU A 624 -7.30 9.38 -63.27
CA LEU A 624 -7.83 10.73 -63.32
C LEU A 624 -6.92 11.67 -64.12
N THR A 625 -5.60 11.45 -64.03
CA THR A 625 -4.67 12.23 -64.84
C THR A 625 -4.87 11.94 -66.32
N LEU A 626 -5.15 10.69 -66.67
CA LEU A 626 -5.44 10.32 -68.05
C LEU A 626 -6.71 10.99 -68.55
N PHE A 627 -7.74 11.03 -67.70
CA PHE A 627 -8.97 11.73 -68.07
C PHE A 627 -8.72 13.23 -68.29
N ALA A 628 -7.88 13.82 -67.44
CA ALA A 628 -7.56 15.23 -67.60
C ALA A 628 -6.78 15.49 -68.89
N VAL A 629 -5.84 14.61 -69.21
CA VAL A 629 -5.06 14.77 -70.44
C VAL A 629 -5.93 14.60 -71.67
N LEU A 630 -6.86 13.64 -71.62
CA LEU A 630 -7.77 13.43 -72.75
C LEU A 630 -8.70 14.62 -72.94
N GLY A 631 -9.19 15.20 -71.85
CA GLY A 631 -10.05 16.36 -71.95
C GLY A 631 -9.32 17.57 -72.49
N ILE A 632 -8.07 17.77 -72.07
CA ILE A 632 -7.27 18.85 -72.62
C ILE A 632 -6.99 18.64 -74.10
N PHE A 633 -6.79 17.38 -74.49
CA PHE A 633 -6.53 17.08 -75.89
C PHE A 633 -7.76 17.34 -76.77
N LEU A 634 -8.95 16.99 -76.29
CA LEU A 634 -10.16 17.28 -77.05
C LEU A 634 -10.47 18.78 -77.09
N THR A 635 -10.12 19.51 -76.03
CA THR A 635 -10.24 20.96 -76.08
C THR A 635 -9.32 21.53 -77.15
N ALA A 636 -8.11 20.98 -77.26
CA ALA A 636 -7.20 21.39 -78.33
C ALA A 636 -7.74 21.04 -79.70
N PHE A 637 -8.44 19.91 -79.80
CA PHE A 637 -9.04 19.49 -81.07
C PHE A 637 -10.11 20.48 -81.51
N VAL A 638 -10.98 20.89 -80.58
CA VAL A 638 -12.05 21.82 -80.92
C VAL A 638 -11.48 23.18 -81.28
N LEU A 639 -10.42 23.61 -80.56
CA LEU A 639 -9.77 24.87 -80.88
C LEU A 639 -9.13 24.84 -82.26
N GLY A 640 -8.50 23.73 -82.62
CA GLY A 640 -7.90 23.62 -83.95
C GLY A 640 -8.93 23.60 -85.06
N VAL A 641 -10.08 22.98 -84.80
CA VAL A 641 -11.20 23.04 -85.73
C VAL A 641 -11.65 24.48 -85.91
N PHE A 642 -11.72 25.23 -84.81
CA PHE A 642 -12.05 26.64 -84.89
C PHE A 642 -10.99 27.45 -85.63
N ILE A 643 -9.74 26.99 -85.58
CA ILE A 643 -8.68 27.75 -86.24
C ILE A 643 -8.75 27.57 -87.74
N LYS A 644 -8.79 26.33 -88.20
CA LYS A 644 -8.60 26.08 -89.62
C LYS A 644 -9.91 26.01 -90.40
N PHE A 645 -11.01 25.56 -89.79
CA PHE A 645 -12.30 25.49 -90.49
C PHE A 645 -13.06 26.82 -90.44
N ARG A 646 -12.35 27.95 -90.34
CA ARG A 646 -12.93 29.28 -90.26
C ARG A 646 -13.44 29.73 -91.63
N ASN A 647 -13.99 30.95 -91.66
CA ASN A 647 -14.74 31.60 -92.73
C ASN A 647 -16.07 30.93 -93.02
N THR A 648 -16.41 29.84 -92.32
CA THR A 648 -17.59 29.05 -92.55
C THR A 648 -18.80 29.65 -91.85
N PRO A 649 -19.99 29.48 -92.44
CA PRO A 649 -21.21 29.99 -91.79
C PRO A 649 -21.55 29.33 -90.47
N ILE A 650 -20.98 28.17 -90.15
CA ILE A 650 -21.06 27.67 -88.79
C ILE A 650 -20.32 28.61 -87.85
N VAL A 651 -19.19 29.14 -88.31
CA VAL A 651 -18.35 29.99 -87.47
C VAL A 651 -18.70 31.45 -87.66
N LYS A 652 -18.84 31.89 -88.92
CA LYS A 652 -18.85 33.30 -89.24
C LYS A 652 -20.07 34.06 -88.74
N ALA A 653 -21.11 33.36 -88.30
CA ALA A 653 -22.26 34.06 -87.71
C ALA A 653 -21.92 34.61 -86.33
N THR A 654 -21.24 33.83 -85.51
CA THR A 654 -20.90 34.25 -84.17
C THR A 654 -19.69 35.20 -84.19
N ASN A 655 -19.42 35.82 -83.04
CA ASN A 655 -18.27 36.71 -82.93
C ASN A 655 -16.99 35.88 -82.84
N ARG A 656 -16.13 36.04 -83.86
CA ARG A 656 -15.01 35.13 -84.09
C ARG A 656 -13.98 35.19 -82.97
N GLU A 657 -13.86 36.31 -82.27
CA GLU A 657 -13.02 36.35 -81.10
C GLU A 657 -13.70 35.67 -79.92
N LEU A 658 -15.02 35.84 -79.81
CA LEU A 658 -15.77 35.37 -78.65
C LEU A 658 -15.80 33.87 -78.57
N SER A 659 -15.53 33.17 -79.66
CA SER A 659 -15.37 31.73 -79.59
C SER A 659 -14.07 31.35 -78.90
N TYR A 660 -13.03 32.17 -79.04
CA TYR A 660 -11.73 31.82 -78.49
C TYR A 660 -11.73 31.87 -76.97
N LEU A 661 -12.53 32.76 -76.40
CA LEU A 661 -12.59 32.87 -74.95
C LEU A 661 -13.21 31.63 -74.34
N LEU A 662 -14.17 31.02 -75.02
CA LEU A 662 -14.72 29.76 -74.54
C LEU A 662 -13.67 28.66 -74.57
N LEU A 663 -12.82 28.64 -75.60
CA LEU A 663 -11.80 27.61 -75.70
C LEU A 663 -10.74 27.77 -74.63
N PHE A 664 -10.29 29.00 -74.39
CA PHE A 664 -9.31 29.22 -73.34
C PHE A 664 -9.91 28.99 -71.96
N SER A 665 -11.20 29.29 -71.79
CA SER A 665 -11.90 28.97 -70.56
C SER A 665 -11.96 27.46 -70.35
N LEU A 666 -12.20 26.72 -71.42
CA LEU A 666 -12.22 25.26 -71.33
C LEU A 666 -10.85 24.73 -70.95
N LEU A 667 -9.79 25.27 -71.55
CA LEU A 667 -8.43 24.85 -71.21
C LEU A 667 -8.09 25.19 -69.77
N CYS A 668 -8.52 26.37 -69.31
CA CYS A 668 -8.24 26.78 -67.94
C CYS A 668 -8.98 25.92 -66.93
N CYS A 669 -10.26 25.63 -67.16
CA CYS A 669 -10.99 24.84 -66.19
C CYS A 669 -10.58 23.38 -66.25
N PHE A 670 -10.10 22.91 -67.39
CA PHE A 670 -9.51 21.58 -67.44
C PHE A 670 -8.21 21.53 -66.66
N SER A 671 -7.36 22.55 -66.82
CA SER A 671 -6.09 22.57 -66.11
C SER A 671 -6.28 22.78 -64.61
N SER A 672 -7.38 23.40 -64.21
CA SER A 672 -7.59 23.69 -62.80
C SER A 672 -7.86 22.44 -61.97
N SER A 673 -8.28 21.36 -62.60
CA SER A 673 -8.58 20.15 -61.85
C SER A 673 -7.35 19.43 -61.35
N LEU A 674 -6.17 19.77 -61.87
CA LEU A 674 -4.97 19.03 -61.49
C LEU A 674 -4.45 19.39 -60.12
N PHE A 675 -4.90 20.50 -59.54
CA PHE A 675 -4.36 20.93 -58.25
C PHE A 675 -4.84 20.08 -57.08
N PHE A 676 -5.79 19.18 -57.28
CA PHE A 676 -6.21 18.28 -56.22
C PHE A 676 -5.47 16.96 -56.22
N ILE A 677 -4.59 16.72 -57.19
CA ILE A 677 -3.90 15.44 -57.34
C ILE A 677 -2.46 15.61 -56.89
N GLY A 678 -2.08 14.87 -55.87
CA GLY A 678 -0.76 14.97 -55.28
C GLY A 678 -0.83 15.30 -53.79
N GLU A 679 0.34 15.24 -53.16
CA GLU A 679 0.44 15.68 -51.78
C GLU A 679 0.32 17.20 -51.73
N PRO A 680 -0.65 17.75 -50.99
CA PRO A 680 -0.85 19.20 -51.03
C PRO A 680 0.27 19.94 -50.32
N GLN A 681 0.73 21.01 -50.96
CA GLN A 681 1.79 21.85 -50.45
C GLN A 681 1.21 23.20 -50.05
N ASP A 682 2.09 24.11 -49.64
CA ASP A 682 1.66 25.44 -49.21
C ASP A 682 1.09 26.25 -50.37
N TRP A 683 1.76 26.20 -51.52
CA TRP A 683 1.27 26.90 -52.70
C TRP A 683 -0.04 26.30 -53.22
N THR A 684 -0.13 24.97 -53.21
CA THR A 684 -1.34 24.31 -53.69
C THR A 684 -2.52 24.57 -52.77
N CYS A 685 -2.31 24.50 -51.45
CA CYS A 685 -3.37 24.84 -50.52
C CYS A 685 -3.71 26.32 -50.55
N ARG A 686 -2.74 27.15 -50.94
CA ARG A 686 -3.03 28.58 -51.08
C ARG A 686 -3.91 28.86 -52.29
N LEU A 687 -3.60 28.24 -53.44
CA LEU A 687 -4.21 28.64 -54.70
C LEU A 687 -5.12 27.60 -55.32
N ARG A 688 -5.59 26.60 -54.54
CA ARG A 688 -6.49 25.59 -55.08
C ARG A 688 -7.82 26.19 -55.53
N GLN A 689 -8.47 26.92 -54.64
CA GLN A 689 -9.76 27.55 -54.97
C GLN A 689 -9.72 28.64 -56.05
N PRO A 690 -8.81 29.64 -56.04
CA PRO A 690 -8.97 30.77 -56.98
C PRO A 690 -8.89 30.43 -58.45
N ALA A 691 -8.07 29.45 -58.83
CA ALA A 691 -7.96 29.10 -60.24
C ALA A 691 -9.27 28.56 -60.78
N PHE A 692 -9.90 27.67 -59.99
CA PHE A 692 -11.23 27.18 -60.32
C PHE A 692 -12.23 28.31 -60.39
N GLY A 693 -12.16 29.23 -59.43
CA GLY A 693 -13.10 30.33 -59.40
C GLY A 693 -13.01 31.22 -60.63
N ILE A 694 -11.80 31.64 -60.99
CA ILE A 694 -11.66 32.57 -62.10
C ILE A 694 -11.92 31.87 -63.42
N SER A 695 -11.54 30.59 -63.54
CA SER A 695 -11.73 29.88 -64.80
C SER A 695 -13.21 29.63 -65.06
N PHE A 696 -13.94 29.17 -64.04
CA PHE A 696 -15.34 28.90 -64.25
C PHE A 696 -16.13 30.20 -64.38
N VAL A 697 -15.70 31.27 -63.69
CA VAL A 697 -16.37 32.56 -63.83
C VAL A 697 -16.20 33.10 -65.24
N LEU A 698 -14.99 32.99 -65.80
CA LEU A 698 -14.75 33.45 -67.16
C LEU A 698 -15.51 32.59 -68.17
N CYS A 699 -15.64 31.29 -67.88
CA CYS A 699 -16.39 30.40 -68.77
C CYS A 699 -17.87 30.76 -68.81
N ILE A 700 -18.47 31.05 -67.66
CA ILE A 700 -19.86 31.47 -67.67
C ILE A 700 -20.01 32.85 -68.28
N SER A 701 -19.04 33.73 -68.06
CA SER A 701 -19.08 35.07 -68.62
C SER A 701 -18.96 35.06 -70.14
N CYS A 702 -18.33 34.03 -70.69
CA CYS A 702 -18.26 33.93 -72.14
C CYS A 702 -19.62 33.62 -72.75
N ILE A 703 -20.48 32.89 -72.05
CA ILE A 703 -21.76 32.48 -72.62
C ILE A 703 -22.93 33.32 -72.13
N LEU A 704 -22.72 34.19 -71.15
CA LEU A 704 -23.77 35.15 -70.81
C LEU A 704 -24.09 36.05 -71.99
N VAL A 705 -23.07 36.61 -72.63
CA VAL A 705 -23.25 37.58 -73.70
C VAL A 705 -23.01 36.94 -75.06
N LYS A 706 -23.01 35.61 -75.14
CA LYS A 706 -22.89 34.97 -76.43
C LYS A 706 -24.20 35.02 -77.20
N THR A 707 -25.33 34.95 -76.49
CA THR A 707 -26.62 34.64 -77.11
C THR A 707 -27.14 35.73 -78.02
N ASN A 708 -26.79 37.00 -77.72
CA ASN A 708 -27.16 38.24 -78.44
C ASN A 708 -28.64 38.33 -78.82
N ARG A 709 -29.50 37.70 -78.03
CA ARG A 709 -30.94 37.90 -78.12
C ARG A 709 -31.39 39.00 -77.19
N VAL A 710 -30.81 39.05 -75.98
CA VAL A 710 -31.04 40.13 -75.04
C VAL A 710 -29.69 40.70 -74.61
N LEU A 711 -28.69 40.58 -75.49
CA LEU A 711 -27.36 41.11 -75.23
C LEU A 711 -26.94 42.22 -76.17
N LEU A 712 -27.42 42.21 -77.41
CA LEU A 712 -27.10 43.28 -78.35
C LEU A 712 -28.22 44.30 -78.43
N LEU A 729 -15.96 43.44 -79.94
CA LEU A 729 -14.78 43.81 -79.17
C LEU A 729 -15.13 44.83 -78.09
N ASN A 730 -16.18 45.62 -78.33
CA ASN A 730 -16.50 46.69 -77.40
C ASN A 730 -17.29 46.19 -76.20
N LEU A 731 -18.48 45.64 -76.43
CA LEU A 731 -19.40 45.42 -75.33
C LEU A 731 -19.14 44.12 -74.58
N GLN A 732 -18.96 43.02 -75.31
CA GLN A 732 -18.84 41.72 -74.67
C GLN A 732 -17.53 41.59 -73.92
N PHE A 733 -16.47 42.24 -74.40
CA PHE A 733 -15.20 42.22 -73.71
C PHE A 733 -15.31 42.86 -72.34
N LEU A 734 -16.01 44.00 -72.28
CA LEU A 734 -16.23 44.64 -70.99
C LEU A 734 -17.20 43.84 -70.13
N LEU A 735 -18.14 43.14 -70.77
CA LEU A 735 -19.07 42.30 -70.02
C LEU A 735 -18.34 41.15 -69.33
N VAL A 736 -17.35 40.58 -70.01
CA VAL A 736 -16.51 39.57 -69.37
C VAL A 736 -15.60 40.20 -68.34
N PHE A 737 -15.08 41.39 -68.64
CA PHE A 737 -14.02 42.01 -67.85
C PHE A 737 -14.54 42.41 -66.48
N LEU A 738 -15.77 42.94 -66.42
CA LEU A 738 -16.33 43.39 -65.15
C LEU A 738 -16.59 42.23 -64.20
N CYS A 739 -17.14 41.13 -64.71
CA CYS A 739 -17.37 39.99 -63.84
C CYS A 739 -16.08 39.22 -63.53
N THR A 740 -15.04 39.38 -64.36
CA THR A 740 -13.73 38.86 -63.97
C THR A 740 -13.13 39.67 -62.83
N PHE A 741 -13.31 41.00 -62.89
CA PHE A 741 -12.82 41.87 -61.82
C PHE A 741 -13.54 41.60 -60.51
N MET A 742 -14.86 41.37 -60.58
CA MET A 742 -15.65 41.14 -59.38
C MET A 742 -15.45 39.76 -58.77
N GLN A 743 -14.60 38.92 -59.36
CA GLN A 743 -14.11 37.72 -58.69
C GLN A 743 -12.64 37.82 -58.28
N ILE A 744 -11.81 38.48 -59.09
CA ILE A 744 -10.40 38.59 -58.75
C ILE A 744 -10.21 39.49 -57.53
N VAL A 745 -11.14 40.44 -57.30
CA VAL A 745 -11.07 41.27 -56.10
C VAL A 745 -11.31 40.43 -54.85
N ILE A 746 -12.29 39.52 -54.90
CA ILE A 746 -12.57 38.63 -53.79
C ILE A 746 -11.36 37.75 -53.52
N CYS A 747 -10.76 37.23 -54.59
CA CYS A 747 -9.62 36.33 -54.45
C CYS A 747 -8.41 37.03 -53.83
N VAL A 748 -8.13 38.26 -54.27
CA VAL A 748 -6.97 38.93 -53.70
C VAL A 748 -7.28 39.41 -52.29
N ILE A 749 -8.56 39.63 -51.99
CA ILE A 749 -8.97 40.03 -50.64
C ILE A 749 -8.68 38.93 -49.63
N TRP A 750 -9.05 37.69 -49.94
CA TRP A 750 -8.72 36.70 -48.92
C TRP A 750 -7.28 36.21 -49.04
N LEU A 751 -6.66 36.26 -50.22
CA LEU A 751 -5.26 35.85 -50.33
C LEU A 751 -4.30 36.87 -49.74
N TYR A 752 -4.77 38.07 -49.41
CA TYR A 752 -4.01 38.98 -48.56
C TYR A 752 -4.55 39.04 -47.14
N THR A 753 -5.76 38.53 -46.88
CA THR A 753 -6.33 38.57 -45.55
C THR A 753 -6.15 37.26 -44.81
N ALA A 754 -6.63 36.15 -45.36
CA ALA A 754 -6.55 34.84 -44.70
C ALA A 754 -6.23 33.76 -45.72
N PRO A 755 -4.95 33.54 -46.01
CA PRO A 755 -4.58 32.43 -46.88
C PRO A 755 -4.75 31.10 -46.17
N PRO A 756 -5.63 30.23 -46.65
CA PRO A 756 -5.69 28.88 -46.09
C PRO A 756 -4.41 28.12 -46.42
N SER A 757 -4.02 27.22 -45.52
CA SER A 757 -2.70 26.60 -45.60
C SER A 757 -2.80 25.10 -45.41
N SER A 758 -1.67 24.43 -45.62
CA SER A 758 -1.60 22.99 -45.45
C SER A 758 -1.63 22.63 -43.98
N TYR A 759 -2.20 21.47 -43.67
CA TYR A 759 -2.51 21.07 -42.31
C TYR A 759 -2.37 19.56 -42.21
N ARG A 760 -1.50 19.10 -41.32
CA ARG A 760 -1.35 17.68 -41.05
C ARG A 760 -2.14 17.35 -39.79
N ASN A 761 -3.21 16.58 -39.96
CA ASN A 761 -4.06 16.17 -38.87
C ASN A 761 -3.60 14.79 -38.43
N GLN A 762 -3.10 14.71 -37.20
CA GLN A 762 -2.99 13.46 -36.48
C GLN A 762 -4.22 13.18 -35.65
N GLU A 763 -5.24 14.03 -35.75
CA GLU A 763 -6.42 13.90 -34.92
C GLU A 763 -7.31 12.74 -35.36
N LEU A 764 -7.37 12.46 -36.66
CA LEU A 764 -8.34 11.49 -37.17
C LEU A 764 -7.92 10.06 -36.84
N GLU A 765 -6.73 9.65 -37.29
CA GLU A 765 -6.25 8.30 -37.06
C GLU A 765 -4.83 8.34 -36.53
N ASP A 766 -4.55 7.50 -35.53
CA ASP A 766 -3.21 7.44 -34.95
C ASP A 766 -2.22 6.77 -35.89
N GLU A 767 -2.62 5.64 -36.50
CA GLU A 767 -1.69 4.90 -37.35
C GLU A 767 -1.50 5.54 -38.71
N ILE A 768 -2.38 6.45 -39.12
CA ILE A 768 -2.26 7.11 -40.42
C ILE A 768 -2.67 8.58 -40.25
N ILE A 769 -1.74 9.47 -40.52
CA ILE A 769 -2.04 10.90 -40.49
C ILE A 769 -2.66 11.31 -41.81
N PHE A 770 -3.31 12.48 -41.81
CA PHE A 770 -4.02 12.97 -42.99
C PHE A 770 -3.58 14.39 -43.30
N ILE A 771 -3.29 14.66 -44.56
CA ILE A 771 -2.82 15.97 -44.98
C ILE A 771 -3.93 16.63 -45.78
N THR A 772 -4.37 17.81 -45.32
CA THR A 772 -5.46 18.52 -45.98
C THR A 772 -5.23 20.02 -45.85
N CYS A 773 -5.79 20.78 -46.78
CA CYS A 773 -5.69 22.23 -46.71
C CYS A 773 -6.70 22.77 -45.69
N HIS A 774 -6.30 23.83 -44.99
CA HIS A 774 -7.14 24.41 -43.94
C HIS A 774 -8.33 25.14 -44.57
N GLU A 775 -9.40 25.31 -43.78
CA GLU A 775 -10.63 25.95 -44.26
C GLU A 775 -10.37 27.40 -44.69
N GLY A 776 -9.79 28.21 -43.81
CA GLY A 776 -9.25 29.49 -44.20
C GLY A 776 -10.26 30.54 -44.64
N SER A 777 -11.02 31.11 -43.69
CA SER A 777 -12.04 32.13 -43.94
C SER A 777 -13.15 31.58 -44.84
N LEU A 778 -13.97 30.71 -44.23
CA LEU A 778 -15.05 29.99 -44.89
C LEU A 778 -16.03 30.90 -45.63
N MET A 779 -16.24 32.12 -45.13
CA MET A 779 -17.04 33.11 -45.86
C MET A 779 -16.42 33.46 -47.20
N ALA A 780 -15.10 33.48 -47.29
CA ALA A 780 -14.40 33.81 -48.52
C ALA A 780 -14.34 32.65 -49.51
N LEU A 781 -14.99 31.54 -49.20
CA LEU A 781 -15.29 30.51 -50.18
C LEU A 781 -16.77 30.40 -50.47
N GLY A 782 -17.62 30.62 -49.45
CA GLY A 782 -19.05 30.69 -49.69
C GLY A 782 -19.43 31.83 -50.61
N PHE A 783 -18.70 32.94 -50.54
CA PHE A 783 -18.95 34.07 -51.43
C PHE A 783 -18.67 33.73 -52.88
N LEU A 784 -17.55 33.05 -53.15
CA LEU A 784 -17.22 32.65 -54.51
C LEU A 784 -18.21 31.62 -55.03
N ILE A 785 -18.63 30.68 -54.17
CA ILE A 785 -19.61 29.68 -54.57
C ILE A 785 -20.95 30.33 -54.92
N GLY A 786 -21.39 31.28 -54.08
CA GLY A 786 -22.64 31.98 -54.37
C GLY A 786 -22.57 32.85 -55.60
N TYR A 787 -21.39 33.46 -55.84
CA TYR A 787 -21.16 34.24 -57.06
C TYR A 787 -21.28 33.37 -58.31
N THR A 788 -20.69 32.17 -58.26
CA THR A 788 -20.79 31.25 -59.38
C THR A 788 -22.23 30.77 -59.60
N CYS A 789 -22.94 30.45 -58.51
CA CYS A 789 -24.32 29.98 -58.67
C CYS A 789 -25.25 31.08 -59.17
N LEU A 790 -25.01 32.32 -58.75
CA LEU A 790 -25.82 33.44 -59.23
C LEU A 790 -25.58 33.69 -60.72
N LEU A 791 -24.32 33.66 -61.16
CA LEU A 791 -24.06 33.83 -62.57
C LEU A 791 -24.56 32.65 -63.40
N ALA A 792 -24.70 31.48 -62.77
CA ALA A 792 -25.32 30.35 -63.47
C ALA A 792 -26.82 30.56 -63.62
N ALA A 793 -27.48 31.03 -62.56
CA ALA A 793 -28.93 31.24 -62.61
C ALA A 793 -29.30 32.34 -63.59
N ILE A 794 -28.42 33.33 -63.75
CA ILE A 794 -28.69 34.44 -64.67
C ILE A 794 -28.79 33.95 -66.12
N CYS A 795 -27.83 33.11 -66.56
CA CYS A 795 -27.92 32.61 -67.92
C CYS A 795 -28.97 31.52 -68.04
N PHE A 796 -29.24 30.79 -66.96
CA PHE A 796 -30.29 29.78 -66.99
C PHE A 796 -31.66 30.40 -67.21
N PHE A 797 -31.88 31.62 -66.68
CA PHE A 797 -33.15 32.31 -66.91
C PHE A 797 -33.35 32.66 -68.39
N PHE A 798 -32.32 33.19 -69.04
CA PHE A 798 -32.46 33.55 -70.45
C PHE A 798 -32.57 32.31 -71.33
N ALA A 799 -31.88 31.24 -70.95
CA ALA A 799 -32.00 29.97 -71.68
C ALA A 799 -33.41 29.39 -71.56
N PHE A 800 -34.02 29.50 -70.38
CA PHE A 800 -35.39 29.06 -70.23
C PHE A 800 -36.35 29.96 -70.99
N LYS A 801 -36.04 31.25 -71.08
CA LYS A 801 -36.91 32.19 -71.79
C LYS A 801 -36.92 31.92 -73.28
N SER A 802 -35.74 31.83 -73.90
CA SER A 802 -35.66 31.79 -75.36
C SER A 802 -35.56 30.38 -75.90
N ARG A 803 -36.22 29.42 -75.23
CA ARG A 803 -35.97 28.01 -75.51
C ARG A 803 -36.50 27.58 -76.88
N LYS A 804 -37.66 28.08 -77.27
CA LYS A 804 -38.29 27.58 -78.48
C LYS A 804 -37.68 28.14 -79.76
N LEU A 805 -36.91 29.21 -79.67
CA LEU A 805 -36.41 29.91 -80.85
C LEU A 805 -35.36 29.09 -81.58
N PRO A 806 -35.66 28.54 -82.76
CA PRO A 806 -34.68 27.71 -83.47
C PRO A 806 -33.70 28.57 -84.25
N GLU A 807 -32.47 28.65 -83.75
CA GLU A 807 -31.43 29.40 -84.44
C GLU A 807 -30.08 28.79 -84.09
N ASN A 808 -29.26 28.62 -85.13
CA ASN A 808 -27.91 28.06 -85.04
C ASN A 808 -27.92 26.70 -84.34
N PHE A 809 -28.72 25.79 -84.90
CA PHE A 809 -28.91 24.42 -84.41
C PHE A 809 -29.44 24.40 -82.97
N ASN A 810 -30.44 25.25 -82.71
CA ASN A 810 -31.13 25.37 -81.42
C ASN A 810 -30.15 25.70 -80.29
N GLU A 811 -29.47 26.84 -80.48
CA GLU A 811 -28.37 27.20 -79.59
C GLU A 811 -28.85 27.46 -78.17
N ALA A 812 -30.00 28.12 -78.03
CA ALA A 812 -30.52 28.44 -76.70
C ALA A 812 -30.94 27.17 -75.96
N LYS A 813 -31.51 26.22 -76.69
CA LYS A 813 -31.87 24.94 -76.08
C LYS A 813 -30.64 24.19 -75.61
N PHE A 814 -29.59 24.17 -76.42
CA PHE A 814 -28.35 23.52 -76.01
C PHE A 814 -27.73 24.21 -74.79
N ILE A 815 -27.85 25.53 -74.71
CA ILE A 815 -27.36 26.27 -73.55
C ILE A 815 -28.16 25.89 -72.31
N THR A 816 -29.47 25.70 -72.47
CA THR A 816 -30.31 25.27 -71.37
C THR A 816 -29.91 23.89 -70.88
N PHE A 817 -29.59 22.97 -71.80
CA PHE A 817 -29.15 21.65 -71.36
C PHE A 817 -27.77 21.70 -70.69
N SER A 818 -26.90 22.61 -71.13
CA SER A 818 -25.60 22.79 -70.48
C SER A 818 -25.77 23.24 -69.04
N MET A 819 -26.63 24.24 -68.82
CA MET A 819 -26.89 24.71 -67.46
C MET A 819 -27.57 23.64 -66.62
N LEU A 820 -28.44 22.83 -67.23
CA LEU A 820 -29.08 21.73 -66.52
C LEU A 820 -28.06 20.69 -66.06
N ILE A 821 -27.10 20.36 -66.93
CA ILE A 821 -26.06 19.39 -66.57
C ILE A 821 -25.18 19.94 -65.46
N PHE A 822 -24.89 21.25 -65.50
CA PHE A 822 -24.09 21.87 -64.45
C PHE A 822 -24.79 21.81 -63.10
N PHE A 823 -26.09 22.13 -63.07
CA PHE A 823 -26.80 22.05 -61.80
C PHE A 823 -26.96 20.62 -61.34
N ILE A 824 -27.02 19.67 -62.28
CA ILE A 824 -27.09 18.25 -61.92
C ILE A 824 -25.83 17.82 -61.19
N VAL A 825 -24.66 18.18 -61.72
CA VAL A 825 -23.44 17.74 -61.03
C VAL A 825 -23.19 18.54 -59.77
N TRP A 826 -23.66 19.79 -59.71
CA TRP A 826 -23.57 20.54 -58.45
C TRP A 826 -24.41 19.89 -57.37
N ILE A 827 -25.60 19.40 -57.72
CA ILE A 827 -26.40 18.66 -56.77
C ILE A 827 -25.72 17.34 -56.41
N SER A 828 -25.05 16.72 -57.38
CA SER A 828 -24.40 15.44 -57.13
C SER A 828 -23.15 15.57 -56.26
N PHE A 829 -22.59 16.77 -56.13
CA PHE A 829 -21.35 16.90 -55.37
C PHE A 829 -21.57 16.80 -53.85
N ILE A 830 -22.67 17.38 -53.34
CA ILE A 830 -22.79 17.60 -51.89
C ILE A 830 -22.85 16.31 -51.05
N PRO A 831 -23.64 15.27 -51.40
CA PRO A 831 -23.51 14.02 -50.64
C PRO A 831 -22.17 13.34 -50.84
N ALA A 832 -21.54 13.51 -52.00
CA ALA A 832 -20.23 12.93 -52.25
C ALA A 832 -19.17 13.60 -51.39
N TYR A 833 -19.32 14.90 -51.13
CA TYR A 833 -18.43 15.57 -50.18
C TYR A 833 -18.73 15.06 -48.77
N ALA A 834 -20.00 14.99 -48.41
CA ALA A 834 -20.36 14.66 -47.03
C ALA A 834 -20.09 13.20 -46.67
N SER A 835 -19.91 12.32 -47.65
CA SER A 835 -19.82 10.89 -47.39
C SER A 835 -18.39 10.37 -47.30
N THR A 836 -17.53 10.77 -48.23
CA THR A 836 -16.23 10.12 -48.37
C THR A 836 -15.26 10.54 -47.27
N TYR A 837 -14.26 9.70 -47.03
CA TYR A 837 -13.22 10.03 -46.01
C TYR A 837 -11.96 10.53 -46.71
N GLY A 838 -10.81 10.47 -46.03
CA GLY A 838 -9.56 11.00 -46.60
C GLY A 838 -9.04 10.19 -47.77
N LYS A 839 -8.35 10.84 -48.71
CA LYS A 839 -7.75 10.16 -49.90
C LYS A 839 -8.87 9.79 -50.88
N PHE A 840 -10.07 10.35 -50.66
CA PHE A 840 -11.23 10.04 -51.54
C PHE A 840 -12.07 11.30 -51.73
N VAL A 841 -12.16 12.11 -50.66
CA VAL A 841 -12.92 13.35 -50.77
C VAL A 841 -12.20 14.32 -51.69
N SER A 842 -10.88 14.28 -51.72
CA SER A 842 -10.16 15.02 -52.75
C SER A 842 -10.22 14.33 -54.10
N ALA A 843 -10.47 13.03 -54.12
CA ALA A 843 -10.53 12.33 -55.40
C ALA A 843 -11.84 12.58 -56.11
N VAL A 844 -12.95 12.60 -55.37
CA VAL A 844 -14.26 12.81 -55.97
C VAL A 844 -14.39 14.24 -56.47
N GLU A 845 -13.87 15.19 -55.67
CA GLU A 845 -13.83 16.62 -55.98
C GLU A 845 -13.39 16.92 -57.40
N VAL A 846 -12.14 16.52 -57.71
CA VAL A 846 -11.59 16.73 -59.05
C VAL A 846 -12.40 15.98 -60.08
N ILE A 847 -12.88 14.78 -59.71
CA ILE A 847 -13.71 13.97 -60.60
C ILE A 847 -14.96 14.74 -60.98
N ALA A 848 -15.58 15.40 -59.99
CA ALA A 848 -16.76 16.21 -60.23
C ALA A 848 -16.47 17.33 -61.22
N ILE A 849 -15.31 17.98 -61.04
CA ILE A 849 -14.89 19.06 -61.93
C ILE A 849 -14.75 18.53 -63.34
N LEU A 850 -14.16 17.33 -63.46
CA LEU A 850 -13.94 16.71 -64.76
C LEU A 850 -15.26 16.47 -65.46
N ALA A 851 -16.26 16.00 -64.69
CA ALA A 851 -17.58 15.76 -65.26
C ALA A 851 -18.19 17.04 -65.79
N ALA A 852 -18.09 18.11 -64.99
CA ALA A 852 -18.68 19.38 -65.37
C ALA A 852 -18.01 19.94 -66.60
N SER A 853 -16.70 19.69 -66.73
CA SER A 853 -15.95 20.19 -67.88
C SER A 853 -16.49 19.58 -69.16
N PHE A 854 -16.70 18.26 -69.13
CA PHE A 854 -17.18 17.58 -70.32
C PHE A 854 -18.58 18.03 -70.67
N GLY A 855 -19.37 18.39 -69.65
CA GLY A 855 -20.71 18.86 -69.88
C GLY A 855 -20.74 20.12 -70.72
N LEU A 856 -19.80 21.04 -70.44
CA LEU A 856 -19.70 22.24 -71.26
C LEU A 856 -19.34 21.89 -72.69
N LEU A 857 -18.36 20.99 -72.85
CA LEU A 857 -17.97 20.63 -74.20
C LEU A 857 -18.96 19.65 -74.80
N ALA A 858 -19.89 19.13 -73.99
CA ALA A 858 -21.00 18.38 -74.55
C ALA A 858 -21.93 19.28 -75.32
N CYS A 859 -22.16 20.49 -74.83
CA CYS A 859 -23.24 21.29 -75.39
C CYS A 859 -22.77 22.44 -76.26
N ILE A 860 -21.63 23.04 -75.92
CA ILE A 860 -21.26 24.33 -76.49
C ILE A 860 -20.81 24.16 -77.93
N PHE A 861 -19.75 23.41 -78.14
CA PHE A 861 -19.17 23.36 -79.47
C PHE A 861 -19.04 21.93 -79.96
N PHE A 862 -20.09 21.12 -79.79
CA PHE A 862 -20.03 19.72 -80.19
C PHE A 862 -20.90 19.44 -81.41
N ASN A 863 -22.21 19.71 -81.31
CA ASN A 863 -23.14 19.35 -82.38
C ASN A 863 -22.88 20.17 -83.63
N LYS A 864 -22.40 21.40 -83.47
CA LYS A 864 -21.99 22.22 -84.62
C LYS A 864 -20.87 21.55 -85.38
N ILE A 865 -19.92 20.93 -84.65
CA ILE A 865 -18.86 20.16 -85.29
C ILE A 865 -19.44 18.97 -86.03
N TYR A 866 -20.58 18.45 -85.56
CA TYR A 866 -21.28 17.39 -86.26
C TYR A 866 -21.72 17.81 -87.64
N ILE A 867 -22.07 19.09 -87.82
CA ILE A 867 -22.35 19.56 -89.18
C ILE A 867 -21.05 19.70 -89.96
N ILE A 868 -19.97 20.08 -89.30
CA ILE A 868 -18.79 20.54 -90.02
C ILE A 868 -17.90 19.38 -90.47
N LEU A 869 -17.81 18.29 -89.69
CA LEU A 869 -16.94 17.19 -90.06
C LEU A 869 -17.61 16.17 -90.96
N PHE A 870 -18.92 15.98 -90.80
CA PHE A 870 -19.70 14.97 -91.52
C PHE A 870 -20.07 15.42 -92.93
N LYS A 871 -21.03 14.71 -93.55
CA LYS A 871 -21.58 14.92 -94.88
C LYS A 871 -22.20 16.32 -95.01
N PRO A 872 -22.60 16.93 -93.91
CA PRO A 872 -23.22 18.26 -93.96
C PRO A 872 -22.24 19.41 -94.09
N SER A 873 -21.00 19.14 -94.50
CA SER A 873 -19.96 20.15 -94.55
C SER A 873 -20.29 21.27 -95.54
N ARG A 874 -20.71 20.92 -96.75
CA ARG A 874 -21.17 21.93 -97.70
C ARG A 874 -22.49 22.53 -97.26
N ASN A 875 -23.34 21.73 -96.58
CA ASN A 875 -24.55 22.27 -96.00
C ASN A 875 -24.24 23.27 -94.91
N THR A 876 -23.22 22.99 -94.10
CA THR A 876 -22.82 23.95 -93.08
C THR A 876 -22.10 25.14 -93.68
N ILE A 877 -21.40 24.95 -94.80
CA ILE A 877 -20.74 26.07 -95.48
C ILE A 877 -21.75 26.61 -96.49
N GLU A 878 -22.70 27.38 -95.99
CA GLU A 878 -23.74 27.99 -96.81
C GLU A 878 -24.27 29.18 -96.06
N GLU A 879 -24.03 30.39 -96.59
CA GLU A 879 -24.42 31.61 -95.89
C GLU A 879 -25.93 31.77 -95.80
N VAL A 880 -26.68 31.10 -96.68
CA VAL A 880 -28.13 31.08 -96.57
C VAL A 880 -28.57 30.34 -95.32
N ARG A 881 -27.83 29.31 -94.92
CA ARG A 881 -28.21 28.50 -93.76
C ARG A 881 -28.07 29.32 -92.48
N CYS A 882 -29.16 29.36 -91.71
CA CYS A 882 -29.31 30.18 -90.50
C CYS A 882 -29.00 31.65 -90.74
N ALA B 34 26.18 -6.06 58.06
CA ALA B 34 25.08 -5.94 59.01
C ALA B 34 24.61 -7.30 59.43
N GLN B 35 24.64 -7.58 60.73
CA GLN B 35 24.41 -8.95 61.20
C GLN B 35 24.03 -8.92 62.67
N LYS B 36 22.87 -9.46 63.01
CA LYS B 36 22.47 -9.60 64.41
C LYS B 36 21.88 -10.98 64.60
N LYS B 37 22.25 -11.62 65.70
CA LYS B 37 21.89 -13.01 65.89
C LYS B 37 20.40 -13.15 66.18
N GLY B 38 19.88 -14.32 65.88
CA GLY B 38 18.49 -14.60 66.16
C GLY B 38 18.23 -16.08 65.96
N ASP B 39 17.00 -16.48 66.26
CA ASP B 39 16.65 -17.86 66.04
C ASP B 39 16.46 -18.14 64.57
N ILE B 40 15.80 -17.25 63.86
CA ILE B 40 15.57 -17.40 62.43
C ILE B 40 16.26 -16.26 61.73
N ILE B 41 16.99 -16.58 60.66
CA ILE B 41 17.87 -15.62 60.01
C ILE B 41 17.34 -15.34 58.62
N LEU B 42 17.23 -14.06 58.28
CA LEU B 42 16.81 -13.64 56.95
C LEU B 42 17.96 -12.98 56.22
N GLY B 43 18.11 -13.29 54.95
CA GLY B 43 19.11 -12.62 54.17
C GLY B 43 18.64 -11.27 53.68
N GLY B 44 19.56 -10.51 53.13
CA GLY B 44 19.16 -9.26 52.50
C GLY B 44 20.21 -8.68 51.58
N LEU B 45 19.78 -8.15 50.43
CA LEU B 45 20.68 -7.51 49.49
C LEU B 45 20.20 -6.10 49.22
N PHE B 46 21.08 -5.12 49.27
CA PHE B 46 20.64 -3.79 48.90
C PHE B 46 21.71 -3.07 48.10
N PRO B 47 21.34 -2.19 47.18
CA PRO B 47 22.36 -1.40 46.49
C PRO B 47 22.77 -0.13 47.21
N ILE B 48 23.66 -0.30 48.19
CA ILE B 48 24.20 0.85 48.91
C ILE B 48 25.11 1.68 48.02
N HIS B 49 25.83 1.08 47.10
CA HIS B 49 26.67 1.85 46.18
C HIS B 49 26.16 1.69 44.76
N PHE B 50 26.20 2.78 43.96
CA PHE B 50 25.69 2.69 42.59
C PHE B 50 26.51 1.75 41.73
N GLY B 51 27.83 1.95 41.66
CA GLY B 51 28.62 1.25 40.67
C GLY B 51 30.03 0.98 41.15
N VAL B 52 30.75 0.20 40.37
CA VAL B 52 32.07 -0.25 40.74
C VAL B 52 33.12 0.53 39.96
N ALA B 53 34.34 0.52 40.49
CA ALA B 53 35.47 1.18 39.84
C ALA B 53 36.02 0.25 38.77
N ALA B 54 35.88 0.64 37.50
CA ALA B 54 36.20 -0.22 36.38
C ALA B 54 37.70 -0.16 36.12
N LYS B 55 38.45 -1.00 36.80
CA LYS B 55 39.88 -1.13 36.58
C LYS B 55 40.15 -2.20 35.55
N ASP B 56 41.34 -2.16 34.97
CA ASP B 56 41.78 -3.15 34.00
C ASP B 56 42.80 -4.06 34.68
N GLN B 57 42.36 -5.25 35.07
CA GLN B 57 43.27 -6.18 35.71
C GLN B 57 44.28 -6.71 34.71
N ASP B 58 45.56 -6.57 35.03
CA ASP B 58 46.64 -7.15 34.26
C ASP B 58 47.08 -8.49 34.80
N LEU B 59 46.76 -8.76 36.06
CA LEU B 59 46.91 -10.05 36.72
C LEU B 59 48.38 -10.44 36.82
N LYS B 60 49.26 -9.43 36.88
CA LYS B 60 50.66 -9.69 37.14
C LYS B 60 50.90 -10.13 38.57
N SER B 61 50.17 -9.55 39.51
CA SER B 61 50.21 -9.99 40.91
C SER B 61 48.91 -10.69 41.20
N ARG B 62 48.69 -11.00 42.49
CA ARG B 62 47.43 -11.60 42.93
C ARG B 62 46.28 -10.65 42.62
N PRO B 63 45.14 -11.15 42.16
CA PRO B 63 43.97 -10.28 41.98
C PRO B 63 43.48 -9.76 43.32
N GLU B 64 42.93 -8.56 43.29
CA GLU B 64 42.46 -7.88 44.48
C GLU B 64 40.94 -7.68 44.37
N SER B 65 40.32 -7.40 45.50
CA SER B 65 38.88 -7.18 45.54
C SER B 65 38.53 -5.83 44.91
N VAL B 66 37.43 -5.80 44.19
CA VAL B 66 37.05 -4.61 43.44
C VAL B 66 36.44 -3.59 44.40
N GLU B 67 36.44 -2.32 43.99
CA GLU B 67 35.90 -1.23 44.79
C GLU B 67 34.60 -0.72 44.20
N CYS B 68 33.78 -0.11 45.05
CA CYS B 68 32.56 0.58 44.67
C CYS B 68 32.70 2.06 44.97
N ILE B 69 32.09 2.92 44.16
CA ILE B 69 32.54 4.30 44.03
C ILE B 69 31.42 5.31 44.34
N ARG B 70 30.25 5.18 43.72
CA ARG B 70 29.19 6.17 43.88
C ARG B 70 28.25 5.78 45.00
N TYR B 71 28.03 6.68 45.96
CA TYR B 71 27.24 6.36 47.14
C TYR B 71 25.77 6.65 46.86
N ASN B 72 24.92 5.73 47.27
CA ASN B 72 23.49 5.86 47.12
C ASN B 72 22.88 6.14 48.48
N PHE B 73 22.25 7.29 48.65
CA PHE B 73 21.56 7.59 49.90
C PHE B 73 20.22 6.90 49.97
N ARG B 74 19.54 6.84 48.84
CA ARG B 74 18.19 6.28 48.78
C ARG B 74 18.21 4.79 49.12
N GLY B 75 19.25 4.08 48.69
CA GLY B 75 19.43 2.70 49.10
C GLY B 75 19.65 2.55 50.58
N PHE B 76 20.31 3.53 51.19
CA PHE B 76 20.45 3.50 52.63
C PHE B 76 19.13 3.75 53.35
N ARG B 77 18.24 4.56 52.76
CA ARG B 77 16.92 4.69 53.36
C ARG B 77 16.16 3.37 53.29
N TRP B 78 16.33 2.66 52.18
CA TRP B 78 15.70 1.34 52.02
C TRP B 78 16.18 0.34 53.08
N LEU B 79 17.49 0.30 53.31
CA LEU B 79 18.03 -0.61 54.31
C LEU B 79 17.57 -0.23 55.70
N GLN B 80 17.41 1.07 55.95
CA GLN B 80 16.85 1.47 57.23
C GLN B 80 15.41 1.03 57.38
N ALA B 81 14.67 0.95 56.26
CA ALA B 81 13.32 0.42 56.33
C ALA B 81 13.32 -1.05 56.73
N MET B 82 14.28 -1.82 56.22
CA MET B 82 14.35 -3.22 56.63
C MET B 82 14.67 -3.38 58.12
N ILE B 83 15.64 -2.62 58.63
CA ILE B 83 15.96 -2.73 60.05
C ILE B 83 14.81 -2.27 60.92
N PHE B 84 14.05 -1.28 60.47
CA PHE B 84 12.86 -0.87 61.19
C PHE B 84 11.80 -1.97 61.24
N ALA B 85 11.58 -2.67 60.13
CA ALA B 85 10.57 -3.74 60.13
C ALA B 85 10.94 -4.86 61.08
N ILE B 86 12.23 -5.22 61.11
CA ILE B 86 12.65 -6.31 61.98
C ILE B 86 12.54 -5.91 63.44
N GLU B 87 12.86 -4.66 63.77
CA GLU B 87 12.69 -4.23 65.16
C GLU B 87 11.21 -4.16 65.54
N GLU B 88 10.33 -3.88 64.59
CA GLU B 88 8.91 -3.86 64.92
C GLU B 88 8.38 -5.25 65.25
N ILE B 89 8.71 -6.26 64.42
CA ILE B 89 8.22 -7.62 64.68
C ILE B 89 8.78 -8.17 65.97
N ASN B 90 10.06 -7.96 66.25
CA ASN B 90 10.57 -8.45 67.53
C ASN B 90 10.06 -7.66 68.71
N SER B 91 9.53 -6.45 68.51
CA SER B 91 8.95 -5.75 69.64
C SER B 91 7.50 -6.17 69.93
N SER B 92 6.81 -6.78 68.96
CA SER B 92 5.41 -7.03 69.32
C SER B 92 5.18 -8.49 69.67
N PRO B 93 4.29 -8.76 70.62
CA PRO B 93 3.98 -10.15 70.97
C PRO B 93 2.80 -10.69 70.21
N ALA B 94 2.06 -9.82 69.52
CA ALA B 94 0.87 -10.28 68.82
C ALA B 94 1.23 -11.16 67.63
N LEU B 95 2.44 -10.97 67.08
CA LEU B 95 2.88 -11.77 65.91
C LEU B 95 4.24 -12.42 66.23
N LEU B 96 4.42 -13.69 65.87
CA LEU B 96 5.71 -14.42 66.08
C LEU B 96 6.24 -14.27 67.51
N PRO B 97 5.49 -14.65 68.57
CA PRO B 97 6.01 -14.58 69.93
C PRO B 97 7.10 -15.60 70.19
N ASN B 98 8.01 -15.32 71.12
CA ASN B 98 9.08 -16.29 71.51
C ASN B 98 9.90 -16.78 70.31
N LEU B 99 10.26 -15.89 69.39
CA LEU B 99 11.16 -16.26 68.25
C LEU B 99 11.83 -14.98 67.77
N THR B 100 13.07 -14.71 68.21
CA THR B 100 13.67 -13.45 67.85
C THR B 100 14.30 -13.58 66.47
N LEU B 101 13.99 -12.65 65.58
CA LEU B 101 14.46 -12.72 64.20
C LEU B 101 15.72 -11.90 64.04
N GLY B 102 16.66 -12.42 63.24
CA GLY B 102 17.89 -11.72 62.97
C GLY B 102 18.13 -11.63 61.48
N TYR B 103 18.87 -10.61 61.09
CA TYR B 103 19.10 -10.33 59.69
C TYR B 103 20.56 -10.50 59.36
N ARG B 104 20.83 -10.64 58.07
CA ARG B 104 22.18 -10.62 57.54
C ARG B 104 22.11 -9.94 56.18
N ILE B 105 22.63 -8.72 56.09
CA ILE B 105 22.42 -7.87 54.92
C ILE B 105 23.76 -7.51 54.31
N PHE B 106 23.84 -7.56 52.98
CA PHE B 106 25.04 -7.25 52.22
C PHE B 106 24.76 -6.17 51.20
N ASP B 107 25.83 -5.52 50.75
CA ASP B 107 25.76 -4.51 49.71
C ASP B 107 26.05 -5.06 48.32
N THR B 108 25.02 -5.33 47.56
CA THR B 108 25.27 -5.43 46.14
C THR B 108 25.63 -4.04 45.64
N CYS B 109 26.63 -3.96 44.79
CA CYS B 109 26.99 -2.68 44.21
C CYS B 109 26.34 -2.50 42.86
N ASN B 110 25.17 -3.13 42.70
CA ASN B 110 24.41 -3.19 41.46
C ASN B 110 25.28 -3.77 40.34
N THR B 111 26.08 -4.76 40.71
CA THR B 111 26.82 -5.61 39.77
C THR B 111 26.66 -7.06 40.18
N VAL B 112 26.74 -7.94 39.20
CA VAL B 112 26.51 -9.36 39.43
C VAL B 112 27.61 -9.96 40.30
N SER B 113 28.85 -9.53 40.06
CA SER B 113 29.99 -10.09 40.78
C SER B 113 30.00 -9.70 42.24
N LYS B 114 29.41 -8.57 42.59
CA LYS B 114 29.32 -8.25 44.00
C LYS B 114 28.13 -8.91 44.66
N ALA B 115 27.25 -9.54 43.87
CA ALA B 115 26.06 -10.18 44.39
C ALA B 115 26.28 -11.66 44.67
N LEU B 116 26.88 -12.38 43.72
CA LEU B 116 27.07 -13.81 43.95
C LEU B 116 28.09 -14.11 45.03
N GLU B 117 28.98 -13.17 45.35
CA GLU B 117 29.89 -13.42 46.44
C GLU B 117 29.15 -13.41 47.77
N ALA B 118 28.06 -12.67 47.87
CA ALA B 118 27.21 -12.77 49.04
C ALA B 118 26.34 -14.01 49.00
N THR B 119 25.83 -14.35 47.81
CA THR B 119 24.91 -15.47 47.70
C THR B 119 25.59 -16.78 48.04
N LEU B 120 26.88 -16.89 47.75
CA LEU B 120 27.64 -18.01 48.28
C LEU B 120 27.80 -17.98 49.79
N SER B 121 27.51 -16.87 50.46
CA SER B 121 27.51 -16.95 51.91
C SER B 121 26.14 -17.27 52.47
N PHE B 122 25.06 -16.94 51.75
CA PHE B 122 23.76 -17.45 52.18
C PHE B 122 23.67 -18.95 51.99
N VAL B 123 23.99 -19.44 50.80
CA VAL B 123 23.61 -20.78 50.37
C VAL B 123 24.28 -21.89 51.16
N ALA B 124 25.42 -21.60 51.80
CA ALA B 124 26.34 -22.63 52.28
C ALA B 124 25.76 -23.61 53.30
N GLN B 125 25.46 -23.15 54.50
CA GLN B 125 25.06 -24.07 55.56
C GLN B 125 23.64 -24.62 55.40
N ASN B 126 22.93 -24.29 54.32
CA ASN B 126 21.68 -24.96 54.01
C ASN B 126 21.93 -26.41 53.61
N LYS B 127 22.79 -26.64 52.62
CA LYS B 127 23.02 -27.99 52.13
C LYS B 127 24.46 -28.23 51.72
N ILE B 128 25.43 -27.56 52.34
CA ILE B 128 26.81 -27.75 51.92
C ILE B 128 27.33 -29.11 52.40
N ASP B 129 26.78 -29.63 53.50
CA ASP B 129 27.20 -30.94 53.98
C ASP B 129 26.62 -32.07 53.14
N SER B 130 25.60 -31.79 52.34
CA SER B 130 25.05 -32.76 51.40
C SER B 130 25.58 -32.60 49.99
N LEU B 131 26.01 -31.40 49.62
CA LEU B 131 26.66 -31.22 48.31
C LEU B 131 28.06 -31.81 48.32
N ASN B 132 28.83 -31.53 49.37
CA ASN B 132 30.22 -31.97 49.42
C ASN B 132 30.31 -33.34 50.08
N LEU B 133 31.10 -34.22 49.46
CA LEU B 133 31.29 -35.57 49.96
C LEU B 133 32.09 -35.57 51.25
N ILE B 143 24.98 -22.50 64.07
CA ILE B 143 25.13 -22.60 62.63
C ILE B 143 23.86 -22.17 61.91
N PRO B 144 23.72 -20.87 61.68
CA PRO B 144 22.46 -20.35 61.13
C PRO B 144 22.27 -20.70 59.67
N SER B 145 21.02 -20.83 59.28
CA SER B 145 20.63 -21.16 57.92
C SER B 145 19.67 -20.10 57.41
N THR B 146 19.93 -19.57 56.23
CA THR B 146 19.06 -18.54 55.67
C THR B 146 17.72 -19.14 55.28
N ILE B 147 16.64 -18.43 55.59
CA ILE B 147 15.30 -18.95 55.42
C ILE B 147 14.63 -18.24 54.25
N ALA B 148 14.97 -16.98 54.05
CA ALA B 148 14.47 -16.24 52.90
C ALA B 148 15.43 -15.12 52.55
N VAL B 149 15.25 -14.54 51.38
CA VAL B 149 16.08 -13.46 50.88
C VAL B 149 15.17 -12.33 50.43
N VAL B 150 15.53 -11.09 50.76
CA VAL B 150 14.64 -9.95 50.54
C VAL B 150 15.01 -9.34 49.19
N GLY B 151 15.91 -9.99 48.48
CA GLY B 151 15.93 -9.84 47.04
C GLY B 151 16.60 -8.58 46.56
N ALA B 152 16.70 -8.47 45.25
CA ALA B 152 17.63 -7.53 44.67
C ALA B 152 16.94 -6.60 43.69
N THR B 153 17.52 -5.42 43.51
CA THR B 153 16.86 -4.32 42.82
C THR B 153 16.85 -4.49 41.32
N GLY B 154 18.04 -4.49 40.71
CA GLY B 154 18.12 -4.58 39.26
C GLY B 154 17.72 -5.95 38.76
N SER B 155 17.18 -5.97 37.54
CA SER B 155 16.63 -7.21 36.99
C SER B 155 17.71 -8.24 36.72
N GLY B 156 18.86 -7.80 36.22
CA GLY B 156 19.95 -8.73 35.96
C GLY B 156 20.52 -9.33 37.24
N VAL B 157 20.58 -8.53 38.30
CA VAL B 157 21.10 -9.00 39.57
C VAL B 157 20.18 -10.06 40.16
N SER B 158 18.87 -9.81 40.12
CA SER B 158 17.91 -10.79 40.63
C SER B 158 17.89 -12.03 39.77
N THR B 159 18.07 -11.87 38.45
CA THR B 159 18.11 -13.02 37.56
C THR B 159 19.31 -13.91 37.87
N ALA B 160 20.46 -13.30 38.16
CA ALA B 160 21.62 -14.10 38.51
C ALA B 160 21.45 -14.77 39.87
N VAL B 161 20.84 -14.09 40.83
CA VAL B 161 20.75 -14.67 42.16
C VAL B 161 19.70 -15.78 42.19
N ALA B 162 18.59 -15.61 41.48
CA ALA B 162 17.49 -16.57 41.57
C ALA B 162 17.85 -17.92 40.98
N ASN B 163 18.76 -17.96 40.00
CA ASN B 163 19.25 -19.22 39.49
C ASN B 163 19.98 -20.01 40.56
N LEU B 164 20.79 -19.33 41.36
CA LEU B 164 21.50 -20.02 42.42
C LEU B 164 20.58 -20.38 43.57
N LEU B 165 19.58 -19.56 43.84
CA LEU B 165 18.67 -19.89 44.93
C LEU B 165 17.60 -20.89 44.56
N GLY B 166 17.38 -21.13 43.27
CA GLY B 166 16.42 -22.15 42.88
C GLY B 166 16.88 -23.56 43.11
N LEU B 167 18.16 -23.77 43.42
CA LEU B 167 18.64 -25.10 43.72
C LEU B 167 18.07 -25.59 45.03
N PHE B 168 18.12 -24.79 46.06
CA PHE B 168 17.82 -25.26 47.40
C PHE B 168 16.44 -24.87 47.88
N TYR B 169 15.64 -24.26 46.99
CA TYR B 169 14.26 -23.88 47.21
C TYR B 169 14.12 -22.88 48.36
N ILE B 170 15.15 -22.08 48.58
CA ILE B 170 15.04 -20.91 49.46
C ILE B 170 14.27 -19.82 48.74
N PRO B 171 13.21 -19.29 49.31
CA PRO B 171 12.37 -18.34 48.59
C PRO B 171 13.05 -17.01 48.44
N GLN B 172 12.47 -16.17 47.60
CA GLN B 172 13.00 -14.83 47.40
C GLN B 172 11.86 -13.90 47.04
N VAL B 173 11.66 -12.85 47.82
CA VAL B 173 10.70 -11.81 47.49
C VAL B 173 11.45 -10.57 47.09
N SER B 174 11.01 -9.93 46.02
CA SER B 174 11.73 -8.81 45.47
C SER B 174 10.98 -7.53 45.73
N TYR B 175 11.71 -6.42 45.86
CA TYR B 175 11.04 -5.15 46.05
C TYR B 175 11.07 -4.24 44.85
N ALA B 176 11.93 -4.49 43.88
CA ALA B 176 11.97 -3.56 42.75
C ALA B 176 12.09 -4.22 41.39
N SER B 177 12.33 -5.52 41.30
CA SER B 177 12.58 -6.14 40.01
C SER B 177 11.28 -6.27 39.23
N SER B 178 11.23 -5.64 38.06
CA SER B 178 10.00 -5.62 37.27
C SER B 178 10.19 -6.18 35.87
N SER B 179 11.17 -7.04 35.66
CA SER B 179 11.34 -7.65 34.35
C SER B 179 10.32 -8.75 34.14
N ARG B 180 9.96 -8.96 32.86
CA ARG B 180 8.93 -9.94 32.54
C ARG B 180 9.44 -11.36 32.69
N LEU B 181 10.71 -11.59 32.35
CA LEU B 181 11.25 -12.94 32.27
C LEU B 181 11.39 -13.61 33.63
N LEU B 182 11.33 -12.83 34.71
CA LEU B 182 11.31 -13.42 36.05
C LEU B 182 10.00 -14.14 36.34
N SER B 183 8.92 -13.79 35.64
CA SER B 183 7.61 -14.33 35.97
C SER B 183 7.45 -15.80 35.57
N ASN B 184 8.43 -16.39 34.90
CA ASN B 184 8.36 -17.81 34.57
C ASN B 184 8.45 -18.65 35.84
N LYS B 185 7.47 -19.52 36.03
CA LYS B 185 7.57 -20.56 37.05
C LYS B 185 8.40 -21.74 36.60
N ASN B 186 8.60 -21.91 35.29
CA ASN B 186 9.33 -23.08 34.80
C ASN B 186 10.84 -22.88 34.90
N GLN B 187 11.35 -21.73 34.45
CA GLN B 187 12.78 -21.48 34.50
C GLN B 187 13.27 -21.21 35.92
N PHE B 188 12.54 -20.38 36.67
CA PHE B 188 12.87 -20.08 38.05
C PHE B 188 11.82 -20.73 38.94
N LYS B 189 12.27 -21.57 39.86
CA LYS B 189 11.34 -22.30 40.70
C LYS B 189 10.72 -21.41 41.78
N SER B 190 11.51 -20.53 42.39
CA SER B 190 11.05 -19.75 43.55
C SER B 190 11.38 -18.29 43.32
N PHE B 191 10.37 -17.50 42.96
CA PHE B 191 10.55 -16.06 42.81
C PHE B 191 9.21 -15.38 43.01
N LEU B 192 9.17 -14.42 43.93
CA LEU B 192 7.95 -13.70 44.25
C LEU B 192 8.24 -12.21 44.21
N ARG B 193 7.27 -11.42 43.79
CA ARG B 193 7.46 -9.99 43.60
C ARG B 193 6.44 -9.21 44.38
N THR B 194 6.87 -8.10 45.00
CA THR B 194 5.94 -7.14 45.56
C THR B 194 5.83 -5.91 44.68
N ILE B 195 6.19 -6.02 43.42
CA ILE B 195 5.86 -4.99 42.45
C ILE B 195 5.17 -5.73 41.30
N PRO B 196 4.12 -5.19 40.69
CA PRO B 196 3.48 -5.90 39.58
C PRO B 196 4.34 -5.86 38.32
N ASN B 197 3.97 -6.71 37.37
CA ASN B 197 4.72 -6.85 36.14
C ASN B 197 4.63 -5.60 35.29
N ASP B 198 5.72 -5.30 34.58
CA ASP B 198 5.76 -4.09 33.76
C ASP B 198 4.83 -4.18 32.56
N GLU B 199 4.67 -5.38 31.98
CA GLU B 199 3.91 -5.56 30.75
C GLU B 199 2.45 -5.17 30.93
N HIS B 200 1.93 -5.34 32.15
CA HIS B 200 0.56 -4.93 32.45
C HIS B 200 0.36 -3.45 32.26
N GLN B 201 1.41 -2.65 32.53
CA GLN B 201 1.39 -1.22 32.23
C GLN B 201 1.02 -0.96 30.78
N ALA B 202 1.66 -1.70 29.86
CA ALA B 202 1.35 -1.57 28.45
C ALA B 202 -0.10 -1.98 28.17
N THR B 203 -0.56 -3.08 28.77
CA THR B 203 -1.94 -3.44 28.49
C THR B 203 -2.90 -2.66 29.37
N ALA B 204 -2.39 -1.89 30.32
CA ALA B 204 -3.25 -0.87 30.88
C ALA B 204 -3.35 0.30 29.93
N MET B 205 -2.23 0.62 29.27
CA MET B 205 -2.04 1.96 28.75
C MET B 205 -2.96 2.24 27.57
N ALA B 206 -3.12 1.26 26.68
CA ALA B 206 -4.02 1.38 25.54
C ALA B 206 -5.45 1.67 25.99
N ASP B 207 -5.85 1.13 27.14
CA ASP B 207 -7.21 1.33 27.62
C ASP B 207 -7.49 2.79 27.96
N ILE B 208 -6.46 3.54 28.42
CA ILE B 208 -6.65 4.97 28.65
C ILE B 208 -7.03 5.68 27.36
N ILE B 209 -6.39 5.30 26.24
CA ILE B 209 -6.73 5.86 24.94
C ILE B 209 -8.18 5.56 24.61
N GLU B 210 -8.62 4.35 24.89
CA GLU B 210 -9.99 4.02 24.54
C GLU B 210 -10.96 4.41 25.62
N TYR B 211 -10.57 5.22 26.59
CA TYR B 211 -11.63 5.90 27.31
C TYR B 211 -11.77 7.31 26.79
N PHE B 212 -10.83 7.80 26.00
CA PHE B 212 -10.96 9.12 25.43
C PHE B 212 -11.14 9.15 23.92
N ARG B 213 -11.06 8.01 23.23
CA ARG B 213 -11.32 7.86 21.80
C ARG B 213 -10.35 8.71 20.96
N TRP B 214 -9.09 8.27 20.92
CA TRP B 214 -8.11 8.86 20.00
C TRP B 214 -7.53 7.80 19.07
N ASN B 215 -6.86 8.26 18.02
CA ASN B 215 -6.17 7.36 17.11
C ASN B 215 -4.68 7.65 16.99
N TRP B 216 -4.29 8.89 16.70
CA TRP B 216 -2.93 9.21 16.28
C TRP B 216 -2.04 9.43 17.50
N VAL B 217 -0.91 8.72 17.56
CA VAL B 217 -0.07 8.73 18.74
C VAL B 217 1.37 8.48 18.35
N GLY B 218 2.30 8.94 19.20
CA GLY B 218 3.71 8.76 18.94
C GLY B 218 4.40 8.06 20.09
N THR B 219 5.58 7.50 19.80
CA THR B 219 6.24 6.56 20.72
C THR B 219 7.73 6.88 20.89
N ILE B 220 8.14 7.06 22.13
CA ILE B 220 9.54 7.20 22.53
C ILE B 220 9.86 6.06 23.48
N ALA B 221 10.95 5.34 23.23
CA ALA B 221 11.41 4.32 24.15
C ALA B 221 12.88 4.52 24.48
N ALA B 222 13.27 4.13 25.69
CA ALA B 222 14.67 4.20 26.08
C ALA B 222 15.49 3.15 25.35
N ASP B 223 16.75 3.50 25.07
CA ASP B 223 17.69 2.54 24.50
C ASP B 223 18.29 1.74 25.65
N ASP B 224 17.51 0.77 26.11
CA ASP B 224 17.89 -0.02 27.28
C ASP B 224 17.15 -1.35 27.21
N ASP B 225 17.34 -2.16 28.25
CA ASP B 225 16.60 -3.40 28.38
C ASP B 225 15.18 -3.19 28.92
N TYR B 226 14.88 -2.00 29.44
CA TYR B 226 13.57 -1.70 29.98
C TYR B 226 12.62 -1.12 28.94
N GLY B 227 13.14 -0.37 27.97
CA GLY B 227 12.27 0.29 27.01
C GLY B 227 11.74 -0.60 25.92
N ARG B 228 12.48 -1.65 25.56
CA ARG B 228 12.11 -2.46 24.40
C ARG B 228 10.97 -3.47 24.66
N PRO B 229 10.90 -4.18 25.80
CA PRO B 229 9.68 -4.96 26.08
C PRO B 229 8.40 -4.13 26.14
N GLY B 230 8.47 -2.94 26.72
CA GLY B 230 7.30 -2.09 26.82
C GLY B 230 6.79 -1.63 25.47
N ILE B 231 7.70 -1.21 24.59
CA ILE B 231 7.26 -0.75 23.28
C ILE B 231 6.87 -1.93 22.39
N GLU B 232 7.48 -3.11 22.59
CA GLU B 232 7.07 -4.29 21.81
C GLU B 232 5.67 -4.74 22.19
N LYS B 233 5.38 -4.79 23.50
CA LYS B 233 4.05 -5.18 23.94
C LYS B 233 3.02 -4.13 23.61
N PHE B 234 3.40 -2.84 23.65
CA PHE B 234 2.47 -1.78 23.27
C PHE B 234 2.18 -1.81 21.78
N ARG B 235 3.18 -2.13 20.96
CA ARG B 235 2.94 -2.27 19.53
C ARG B 235 2.09 -3.50 19.22
N GLU B 236 2.14 -4.51 20.08
CA GLU B 236 1.19 -5.62 19.94
C GLU B 236 -0.23 -5.18 20.27
N GLU B 237 -0.41 -4.55 21.43
CA GLU B 237 -1.76 -4.25 21.91
C GLU B 237 -2.42 -3.13 21.12
N ALA B 238 -1.62 -2.23 20.54
CA ALA B 238 -2.19 -1.14 19.74
C ALA B 238 -2.79 -1.65 18.45
N GLU B 239 -2.05 -2.48 17.72
CA GLU B 239 -2.57 -3.09 16.51
C GLU B 239 -3.70 -4.06 16.82
N GLU B 240 -3.65 -4.69 17.99
CA GLU B 240 -4.79 -5.51 18.41
C GLU B 240 -6.03 -4.66 18.63
N ARG B 241 -5.88 -3.50 19.26
CA ARG B 241 -7.00 -2.60 19.51
C ARG B 241 -7.13 -1.53 18.45
N ASP B 242 -6.54 -1.75 17.25
CA ASP B 242 -6.67 -0.89 16.06
C ASP B 242 -6.19 0.53 16.33
N ILE B 243 -5.09 0.65 17.05
CA ILE B 243 -4.48 1.94 17.35
C ILE B 243 -3.25 2.10 16.48
N CYS B 244 -3.20 3.19 15.72
CA CYS B 244 -2.11 3.44 14.80
C CYS B 244 -1.11 4.41 15.43
N ILE B 245 0.17 4.09 15.31
CA ILE B 245 1.24 4.86 15.93
C ILE B 245 2.03 5.57 14.85
N ASP B 246 2.33 6.84 15.09
CA ASP B 246 3.01 7.66 14.09
C ASP B 246 4.50 7.35 14.05
N PHE B 247 5.21 7.62 15.15
CA PHE B 247 6.66 7.55 15.13
C PHE B 247 7.16 6.72 16.30
N SER B 248 8.28 6.03 16.04
CA SER B 248 8.99 5.26 17.05
C SER B 248 10.41 5.81 17.13
N GLU B 249 10.84 6.17 18.33
CA GLU B 249 12.19 6.70 18.50
C GLU B 249 12.83 6.10 19.73
N LEU B 250 14.16 6.25 19.81
CA LEU B 250 14.96 5.72 20.91
C LEU B 250 15.72 6.84 21.60
N ILE B 251 15.86 6.72 22.91
CA ILE B 251 16.49 7.73 23.75
C ILE B 251 17.52 7.06 24.65
N SER B 252 18.65 7.73 24.85
CA SER B 252 19.67 7.23 25.75
C SER B 252 20.54 8.35 26.31
N GLN B 253 21.20 8.07 27.43
CA GLN B 253 22.26 8.96 27.91
C GLN B 253 23.43 9.00 26.93
N TYR B 254 23.73 7.86 26.30
CA TYR B 254 24.84 7.77 25.35
C TYR B 254 24.60 8.35 23.97
N SER B 255 23.37 8.76 23.65
CA SER B 255 23.08 9.30 22.33
C SER B 255 23.68 10.69 22.15
N ASP B 256 23.96 11.03 20.89
CA ASP B 256 24.55 12.31 20.55
C ASP B 256 23.51 13.42 20.61
N GLU B 257 24.00 14.65 20.59
CA GLU B 257 23.11 15.81 20.55
C GLU B 257 22.42 15.94 19.20
N GLU B 258 23.06 15.47 18.13
CA GLU B 258 22.47 15.56 16.79
C GLU B 258 21.25 14.66 16.65
N GLU B 259 21.33 13.44 17.20
CA GLU B 259 20.17 12.54 17.19
C GLU B 259 19.05 13.10 18.05
N ILE B 260 19.39 13.78 19.15
CA ILE B 260 18.39 14.46 19.97
C ILE B 260 17.74 15.59 19.20
N GLN B 261 18.51 16.30 18.37
CA GLN B 261 17.94 17.34 17.51
C GLN B 261 17.03 16.74 16.45
N HIS B 262 17.39 15.55 15.93
CA HIS B 262 16.53 14.84 15.00
C HIS B 262 15.21 14.45 15.64
N VAL B 263 15.28 13.96 16.89
CA VAL B 263 14.07 13.61 17.62
C VAL B 263 13.24 14.85 17.92
N VAL B 264 13.90 15.98 18.20
CA VAL B 264 13.21 17.23 18.47
C VAL B 264 12.49 17.71 17.22
N GLU B 265 13.11 17.54 16.06
CA GLU B 265 12.45 17.89 14.79
C GLU B 265 11.28 16.95 14.50
N VAL B 266 11.42 15.68 14.87
CA VAL B 266 10.34 14.71 14.67
C VAL B 266 9.14 15.07 15.55
N ILE B 267 9.39 15.47 16.80
CA ILE B 267 8.32 15.81 17.72
C ILE B 267 7.66 17.12 17.31
N GLN B 268 8.45 18.10 16.86
CA GLN B 268 7.87 19.37 16.45
C GLN B 268 7.10 19.26 15.13
N ASN B 269 7.58 18.41 14.22
CA ASN B 269 6.95 18.33 12.90
C ASN B 269 5.64 17.54 12.92
N SER B 270 5.59 16.44 13.66
CA SER B 270 4.44 15.56 13.59
C SER B 270 3.22 16.17 14.29
N THR B 271 2.04 15.89 13.75
CA THR B 271 0.79 16.41 14.31
C THR B 271 0.09 15.32 15.12
N ALA B 272 0.74 14.93 16.22
CA ALA B 272 0.19 13.99 17.18
C ALA B 272 0.17 14.67 18.53
N LYS B 273 -0.92 14.48 19.29
CA LYS B 273 -1.09 15.17 20.56
C LYS B 273 -0.69 14.33 21.77
N VAL B 274 -0.48 13.02 21.62
CA VAL B 274 -0.05 12.18 22.72
C VAL B 274 1.21 11.41 22.33
N ILE B 275 2.15 11.36 23.27
CA ILE B 275 3.41 10.68 23.10
C ILE B 275 3.61 9.75 24.29
N VAL B 276 3.72 8.47 24.03
CA VAL B 276 4.02 7.48 25.06
C VAL B 276 5.52 7.43 25.28
N VAL B 277 5.94 7.39 26.55
CA VAL B 277 7.34 7.29 26.92
C VAL B 277 7.52 6.11 27.86
N PHE B 278 8.28 5.10 27.42
CA PHE B 278 8.82 4.04 28.28
C PHE B 278 10.30 4.30 28.48
N SER B 279 10.68 4.86 29.62
CA SER B 279 12.08 5.12 29.86
C SER B 279 12.34 5.24 31.36
N SER B 280 13.62 5.16 31.71
CA SER B 280 14.05 5.36 33.07
C SER B 280 14.21 6.83 33.38
N GLY B 281 14.31 7.15 34.67
CA GLY B 281 14.40 8.50 35.17
C GLY B 281 15.55 9.35 34.64
N PRO B 282 16.79 8.87 34.75
CA PRO B 282 17.91 9.63 34.17
C PRO B 282 17.91 9.69 32.65
N ASP B 283 17.16 8.83 31.97
CA ASP B 283 17.21 8.80 30.51
C ASP B 283 16.53 10.00 29.86
N LEU B 284 15.82 10.85 30.60
CA LEU B 284 15.17 12.01 30.02
C LEU B 284 15.84 13.33 30.36
N GLU B 285 16.81 13.35 31.26
CA GLU B 285 17.34 14.61 31.79
C GLU B 285 17.94 15.54 30.75
N PRO B 286 18.70 15.09 29.74
CA PRO B 286 18.99 16.03 28.64
C PRO B 286 17.79 16.31 27.76
N LEU B 287 16.91 15.32 27.56
CA LEU B 287 15.97 15.35 26.46
C LEU B 287 14.85 16.35 26.72
N ILE B 288 14.29 16.34 27.94
CA ILE B 288 13.26 17.31 28.27
C ILE B 288 13.84 18.73 28.31
N LYS B 289 15.12 18.86 28.69
CA LYS B 289 15.78 20.16 28.69
C LYS B 289 15.92 20.73 27.29
N GLU B 290 16.30 19.89 26.32
CA GLU B 290 16.42 20.37 24.95
C GLU B 290 15.07 20.57 24.26
N ILE B 291 14.02 19.86 24.68
CA ILE B 291 12.70 20.21 24.15
C ILE B 291 12.23 21.54 24.74
N VAL B 292 12.53 21.81 26.02
CA VAL B 292 12.27 23.14 26.59
C VAL B 292 13.07 24.23 25.87
N ARG B 293 14.21 23.86 25.29
CA ARG B 293 14.94 24.85 24.45
C ARG B 293 14.03 25.19 23.25
N ARG B 294 13.41 24.18 22.64
CA ARG B 294 12.46 24.42 21.52
C ARG B 294 11.25 25.20 22.03
N ASN B 295 10.78 24.93 23.26
CA ASN B 295 9.65 25.66 23.89
C ASN B 295 8.28 25.22 23.33
N ILE B 296 8.18 24.01 22.76
CA ILE B 296 6.83 23.51 22.31
C ILE B 296 5.95 23.34 23.55
N THR B 297 4.69 23.77 23.49
CA THR B 297 3.78 23.72 24.64
C THR B 297 2.39 23.23 24.28
N GLY B 298 2.27 22.39 23.24
CA GLY B 298 0.97 21.90 22.82
C GLY B 298 0.65 20.49 23.27
N LYS B 299 1.68 19.67 23.44
CA LYS B 299 1.49 18.24 23.66
C LYS B 299 0.92 17.92 25.04
N ILE B 300 0.29 16.76 25.13
CA ILE B 300 -0.06 16.12 26.38
C ILE B 300 0.61 14.75 26.40
N TRP B 301 1.32 14.44 27.48
CA TRP B 301 2.23 13.30 27.53
C TRP B 301 1.69 12.14 28.34
N LEU B 302 2.16 10.95 28.00
CA LEU B 302 1.80 9.72 28.67
C LEU B 302 3.06 9.09 29.23
N ALA B 303 2.98 8.54 30.44
CA ALA B 303 4.16 8.20 31.23
C ALA B 303 4.19 6.72 31.61
N SER B 304 5.39 6.13 31.53
CA SER B 304 5.58 4.79 32.09
C SER B 304 5.72 4.88 33.60
N GLU B 305 5.86 3.73 34.25
CA GLU B 305 5.87 3.70 35.71
C GLU B 305 7.18 4.22 36.29
N ALA B 306 8.28 4.06 35.55
CA ALA B 306 9.60 4.40 36.08
C ALA B 306 9.77 5.90 36.27
N TRP B 307 9.21 6.70 35.36
CA TRP B 307 9.43 8.13 35.39
C TRP B 307 8.19 8.93 35.74
N ALA B 308 7.07 8.28 36.06
CA ALA B 308 5.85 9.02 36.35
C ALA B 308 5.94 9.77 37.65
N SER B 309 6.63 9.19 38.62
CA SER B 309 6.83 9.82 39.92
C SER B 309 8.26 10.29 40.10
N SER B 310 9.07 10.26 39.05
CA SER B 310 10.48 10.57 39.17
C SER B 310 10.67 12.07 39.32
N SER B 311 11.33 12.48 40.40
CA SER B 311 11.66 13.88 40.58
C SER B 311 12.82 14.31 39.71
N LEU B 312 13.57 13.37 39.13
CA LEU B 312 14.60 13.70 38.15
C LEU B 312 14.02 14.00 36.77
N ILE B 313 12.75 13.66 36.55
CA ILE B 313 12.05 14.03 35.33
C ILE B 313 11.15 15.24 35.51
N ALA B 314 11.00 15.75 36.74
CA ALA B 314 10.17 16.92 37.00
C ALA B 314 10.93 17.86 37.94
N MET B 315 11.38 18.99 37.40
CA MET B 315 11.96 20.11 38.13
C MET B 315 11.10 21.35 37.95
N PRO B 316 11.15 22.32 38.89
CA PRO B 316 10.36 23.55 38.71
C PRO B 316 10.86 24.45 37.59
N GLN B 317 12.05 24.21 37.06
CA GLN B 317 12.44 24.85 35.82
C GLN B 317 11.56 24.39 34.66
N TYR B 318 11.04 23.17 34.75
CA TYR B 318 10.13 22.63 33.76
C TYR B 318 8.72 23.03 34.19
N PHE B 319 8.45 24.33 34.11
CA PHE B 319 7.41 24.91 34.97
C PHE B 319 6.00 24.54 34.49
N HIS B 320 5.74 24.64 33.19
CA HIS B 320 4.38 24.45 32.70
C HIS B 320 4.38 23.59 31.45
N VAL B 321 5.50 23.63 30.72
CA VAL B 321 5.65 22.93 29.45
C VAL B 321 5.47 21.44 29.59
N VAL B 322 5.81 20.89 30.76
CA VAL B 322 5.49 19.50 31.05
C VAL B 322 4.13 19.37 31.72
N GLY B 323 3.55 20.49 32.16
CA GLY B 323 2.35 20.42 32.97
C GLY B 323 1.13 19.95 32.19
N GLY B 324 0.36 19.07 32.81
CA GLY B 324 -0.85 18.54 32.22
C GLY B 324 -0.80 17.05 31.92
N THR B 325 0.28 16.35 32.24
CA THR B 325 0.42 14.98 31.79
C THR B 325 -0.31 14.01 32.72
N ILE B 326 -0.18 12.72 32.40
CA ILE B 326 -0.86 11.63 33.08
C ILE B 326 0.13 10.50 33.27
N GLY B 327 0.25 9.98 34.48
CA GLY B 327 1.27 9.01 34.77
C GLY B 327 0.79 7.88 35.65
N PHE B 328 1.52 6.77 35.56
CA PHE B 328 1.31 5.56 36.36
C PHE B 328 2.25 5.58 37.56
N ALA B 329 1.74 5.98 38.70
CA ALA B 329 2.55 5.99 39.89
C ALA B 329 2.51 4.62 40.55
N LEU B 330 2.96 4.55 41.80
CA LEU B 330 2.80 3.38 42.64
C LEU B 330 2.11 3.82 43.92
N LYS B 331 1.31 2.91 44.50
CA LYS B 331 0.44 3.31 45.60
C LYS B 331 1.24 3.45 46.89
N ALA B 332 1.14 4.63 47.51
CA ALA B 332 1.96 5.00 48.65
C ALA B 332 1.14 5.01 49.93
N GLY B 333 1.67 4.42 50.97
CA GLY B 333 0.97 4.38 52.26
C GLY B 333 1.93 4.69 53.38
N GLN B 334 1.43 5.42 54.37
CA GLN B 334 2.30 5.94 55.41
C GLN B 334 2.79 4.83 56.33
N ILE B 335 3.94 5.08 56.95
CA ILE B 335 4.50 4.23 57.99
C ILE B 335 4.61 5.09 59.24
N PRO B 336 4.14 4.66 60.39
CA PRO B 336 4.39 5.43 61.60
C PRO B 336 5.83 5.25 62.04
N GLY B 337 6.34 6.22 62.78
CA GLY B 337 7.63 6.08 63.42
C GLY B 337 8.87 6.15 62.53
N PHE B 338 8.71 5.95 61.23
CA PHE B 338 9.87 5.80 60.36
C PHE B 338 10.60 7.12 60.19
N ARG B 339 9.87 8.23 60.16
CA ARG B 339 10.57 9.51 60.18
C ARG B 339 11.20 9.81 61.54
N GLU B 340 10.93 9.04 62.59
CA GLU B 340 11.76 9.14 63.78
C GLU B 340 12.87 8.11 63.80
N PHE B 341 12.65 6.97 63.15
CA PHE B 341 13.72 5.99 63.09
C PHE B 341 14.88 6.39 62.19
N LEU B 342 14.61 7.09 61.08
CA LEU B 342 15.71 7.61 60.26
C LEU B 342 16.52 8.61 61.03
N LYS B 343 15.84 9.49 61.76
CA LYS B 343 16.52 10.55 62.46
C LYS B 343 17.36 10.01 63.60
N LYS B 344 16.99 8.88 64.20
CA LYS B 344 17.75 8.39 65.35
C LYS B 344 18.93 7.49 65.01
N VAL B 345 19.50 7.59 63.81
CA VAL B 345 20.73 6.84 63.53
C VAL B 345 21.94 7.70 63.89
N HIS B 346 23.01 7.06 64.35
CA HIS B 346 24.29 7.71 64.60
C HIS B 346 25.33 6.61 64.66
N PRO B 347 26.51 6.78 64.07
CA PRO B 347 27.40 5.65 63.81
C PRO B 347 27.95 4.90 65.01
N ARG B 348 28.55 5.60 65.94
CA ARG B 348 29.15 4.89 67.05
C ARG B 348 28.16 4.58 68.16
N LYS B 349 26.88 4.85 67.95
CA LYS B 349 25.86 4.48 68.91
C LYS B 349 25.20 3.14 68.60
N SER B 350 25.06 2.78 67.33
CA SER B 350 24.43 1.51 66.95
C SER B 350 25.42 0.72 66.12
N VAL B 351 25.91 -0.38 66.68
CA VAL B 351 26.98 -1.13 66.03
C VAL B 351 26.49 -1.89 64.82
N HIS B 352 25.29 -2.51 64.91
CA HIS B 352 24.93 -3.60 64.00
C HIS B 352 24.74 -3.13 62.57
N ASN B 353 24.44 -1.86 62.36
CA ASN B 353 24.39 -1.33 61.01
C ASN B 353 25.81 -0.92 60.65
N GLY B 354 26.49 -1.75 59.86
CA GLY B 354 27.88 -1.47 59.54
C GLY B 354 28.05 -0.28 58.64
N PHE B 355 27.05 0.08 57.88
CA PHE B 355 27.18 1.15 56.91
C PHE B 355 27.06 2.53 57.52
N ALA B 356 26.84 2.62 58.84
CA ALA B 356 26.76 3.94 59.45
C ALA B 356 28.11 4.61 59.53
N LYS B 357 29.17 3.83 59.74
CA LYS B 357 30.53 4.34 59.85
C LYS B 357 31.02 4.99 58.56
N GLU B 358 30.44 4.63 57.42
CA GLU B 358 30.72 5.30 56.16
C GLU B 358 29.67 6.30 55.77
N PHE B 359 28.41 6.10 56.18
CA PHE B 359 27.37 7.08 55.86
C PHE B 359 27.58 8.38 56.62
N TRP B 360 28.13 8.31 57.82
CA TRP B 360 28.51 9.53 58.52
C TRP B 360 29.58 10.29 57.77
N GLU B 361 30.57 9.58 57.24
CA GLU B 361 31.76 10.19 56.65
C GLU B 361 31.53 10.79 55.27
N GLU B 362 30.69 10.16 54.46
CA GLU B 362 30.36 10.66 53.14
C GLU B 362 29.01 11.40 53.12
N THR B 363 28.29 11.43 54.23
CA THR B 363 27.04 12.19 54.28
C THR B 363 27.35 13.66 54.31
N PHE B 364 27.95 14.09 55.41
CA PHE B 364 28.65 15.36 55.50
C PHE B 364 30.12 15.02 55.67
N ASN B 365 30.98 15.78 55.01
CA ASN B 365 32.29 15.27 54.65
C ASN B 365 33.23 15.28 55.85
N CYS B 366 33.19 14.22 56.64
CA CYS B 366 33.92 14.13 57.90
C CYS B 366 34.68 12.82 57.94
N HIS B 367 35.52 12.66 58.97
CA HIS B 367 36.28 11.43 59.15
C HIS B 367 36.49 11.15 60.63
N LEU B 368 36.74 9.88 60.91
CA LEU B 368 36.55 9.29 62.22
C LEU B 368 37.68 8.32 62.52
N GLN B 369 37.94 8.14 63.81
CA GLN B 369 38.96 7.22 64.28
C GLN B 369 38.27 6.10 65.04
N GLU B 370 38.22 4.91 64.45
CA GLU B 370 37.53 3.78 65.03
C GLU B 370 38.29 3.23 66.23
N SER B 411 19.88 15.99 59.29
CA SER B 411 19.57 17.34 59.70
C SER B 411 19.87 18.38 58.62
N VAL B 412 20.30 17.93 57.44
CA VAL B 412 20.78 18.79 56.35
C VAL B 412 20.21 18.30 55.02
N GLU B 413 20.59 18.99 53.95
CA GLU B 413 19.93 18.84 52.66
C GLU B 413 20.54 17.67 51.89
N THR B 414 19.77 16.60 51.74
CA THR B 414 20.23 15.30 51.23
C THR B 414 18.97 14.57 50.78
N PRO B 415 19.01 13.72 49.71
CA PRO B 415 17.80 12.95 49.39
C PRO B 415 17.59 11.72 50.24
N TYR B 416 18.28 11.64 51.36
CA TYR B 416 17.93 10.70 52.42
C TYR B 416 16.67 11.14 53.15
N ILE B 417 16.74 12.24 53.88
CA ILE B 417 15.60 12.65 54.69
C ILE B 417 14.53 13.29 53.83
N ASP B 418 14.89 13.87 52.69
CA ASP B 418 14.01 14.77 51.96
C ASP B 418 13.10 14.06 50.97
N TYR B 419 12.69 12.83 51.23
CA TYR B 419 11.66 12.19 50.42
C TYR B 419 10.35 12.93 50.54
N THR B 420 9.44 12.66 49.61
CA THR B 420 8.06 13.07 49.83
C THR B 420 7.04 12.04 49.42
N HIS B 421 7.45 10.94 48.82
CA HIS B 421 6.55 9.81 48.65
C HIS B 421 7.30 8.52 48.96
N LEU B 422 6.67 7.66 49.73
CA LEU B 422 7.25 6.38 50.08
C LEU B 422 6.67 5.38 49.10
N ARG B 423 7.45 5.02 48.07
CA ARG B 423 6.95 4.13 47.06
C ARG B 423 7.73 2.84 46.90
N ILE B 424 8.99 2.76 47.35
CA ILE B 424 9.73 1.51 47.34
C ILE B 424 10.03 1.09 48.76
N SER B 425 10.20 2.08 49.64
CA SER B 425 10.41 1.80 51.05
C SER B 425 9.21 1.09 51.63
N TYR B 426 8.02 1.43 51.14
CA TYR B 426 6.82 0.69 51.52
C TYR B 426 6.85 -0.72 50.96
N ASN B 427 7.48 -0.94 49.81
CA ASN B 427 7.57 -2.29 49.29
C ASN B 427 8.46 -3.17 50.16
N VAL B 428 9.55 -2.60 50.67
CA VAL B 428 10.42 -3.40 51.53
C VAL B 428 9.73 -3.73 52.84
N TYR B 429 9.03 -2.76 53.43
CA TYR B 429 8.28 -3.00 54.65
C TYR B 429 7.20 -4.05 54.45
N LEU B 430 6.55 -4.00 53.28
CA LEU B 430 5.49 -4.96 53.01
C LEU B 430 6.04 -6.36 52.77
N ALA B 431 7.21 -6.47 52.15
CA ALA B 431 7.78 -7.79 51.93
C ALA B 431 8.22 -8.44 53.24
N VAL B 432 8.74 -7.63 54.17
CA VAL B 432 9.12 -8.23 55.44
C VAL B 432 7.91 -8.67 56.24
N TYR B 433 6.80 -7.92 56.17
CA TYR B 433 5.59 -8.51 56.74
C TYR B 433 5.05 -9.73 55.99
N SER B 434 5.33 -9.84 54.70
CA SER B 434 4.89 -11.03 53.98
C SER B 434 5.57 -12.27 54.54
N ILE B 435 6.87 -12.17 54.78
CA ILE B 435 7.57 -13.31 55.37
C ILE B 435 7.10 -13.55 56.80
N ALA B 436 6.77 -12.48 57.52
CA ALA B 436 6.31 -12.64 58.90
C ALA B 436 5.01 -13.42 58.98
N HIS B 437 4.02 -13.08 58.15
CA HIS B 437 2.78 -13.85 58.22
C HIS B 437 2.89 -15.25 57.63
N ALA B 438 3.82 -15.51 56.70
CA ALA B 438 4.03 -16.89 56.28
C ALA B 438 4.52 -17.75 57.45
N LEU B 439 5.46 -17.22 58.22
CA LEU B 439 5.90 -17.97 59.39
C LEU B 439 4.81 -18.09 60.43
N GLN B 440 3.91 -17.11 60.51
CA GLN B 440 2.82 -17.24 61.47
C GLN B 440 1.86 -18.35 61.08
N ASP B 441 1.54 -18.46 59.79
CA ASP B 441 0.67 -19.56 59.35
C ASP B 441 1.33 -20.92 59.53
N ILE B 442 2.66 -21.00 59.50
CA ILE B 442 3.26 -22.26 59.93
C ILE B 442 3.14 -22.43 61.44
N TYR B 443 3.17 -21.35 62.21
CA TYR B 443 3.21 -21.55 63.65
C TYR B 443 1.85 -21.93 64.24
N THR B 444 0.74 -21.61 63.58
CA THR B 444 -0.56 -21.81 64.21
C THR B 444 -1.49 -22.75 63.45
N CYS B 445 -0.99 -23.56 62.50
CA CYS B 445 -1.88 -24.50 61.83
C CYS B 445 -2.20 -25.65 62.78
N LEU B 446 -3.47 -26.06 62.78
CA LEU B 446 -3.92 -27.09 63.69
C LEU B 446 -3.28 -28.43 63.33
N PRO B 447 -3.01 -29.29 64.32
CA PRO B 447 -2.40 -30.59 64.03
C PRO B 447 -3.27 -31.52 63.21
N GLY B 448 -4.58 -31.25 63.14
CA GLY B 448 -5.45 -32.08 62.32
C GLY B 448 -5.24 -31.91 60.84
N ARG B 449 -5.60 -30.76 60.30
CA ARG B 449 -5.55 -30.53 58.87
C ARG B 449 -4.46 -29.53 58.58
N GLY B 450 -3.31 -30.02 58.12
CA GLY B 450 -2.21 -29.12 57.86
C GLY B 450 -2.34 -28.44 56.51
N LEU B 451 -1.21 -28.30 55.83
CA LEU B 451 -1.25 -27.94 54.42
C LEU B 451 -0.20 -28.78 53.69
N PHE B 452 0.11 -29.96 54.24
CA PHE B 452 1.08 -30.87 53.66
C PHE B 452 0.54 -32.30 53.46
N THR B 453 1.45 -33.24 53.21
CA THR B 453 1.11 -34.65 52.96
C THR B 453 0.44 -35.30 54.16
N ASN B 454 -0.74 -35.90 53.91
CA ASN B 454 -1.53 -36.60 54.92
C ASN B 454 -1.86 -35.74 56.13
N GLY B 455 -2.07 -34.45 55.89
CA GLY B 455 -2.54 -33.54 56.91
C GLY B 455 -1.62 -33.34 58.09
N SER B 456 -0.37 -33.00 57.83
CA SER B 456 0.56 -32.74 58.91
C SER B 456 1.17 -31.37 58.76
N CYS B 457 1.31 -30.66 59.88
CA CYS B 457 1.99 -29.38 59.89
C CYS B 457 3.50 -29.62 59.90
N ALA B 458 4.24 -28.57 59.59
CA ALA B 458 5.68 -28.61 59.80
C ALA B 458 6.03 -27.99 61.15
N ASP B 459 7.02 -28.59 61.82
CA ASP B 459 7.47 -28.10 63.11
C ASP B 459 8.20 -26.76 62.99
N ILE B 460 8.18 -25.98 64.07
CA ILE B 460 8.69 -24.62 64.00
C ILE B 460 10.11 -24.46 64.51
N LYS B 461 10.60 -25.34 65.36
CA LYS B 461 11.99 -25.23 65.79
C LYS B 461 12.94 -25.97 64.86
N LYS B 462 12.43 -26.62 63.83
CA LYS B 462 13.22 -27.31 62.80
C LYS B 462 12.71 -26.96 61.41
N VAL B 463 12.54 -25.70 61.14
CA VAL B 463 11.88 -25.30 59.91
C VAL B 463 12.90 -25.32 58.77
N GLU B 464 12.45 -25.76 57.60
CA GLU B 464 13.24 -25.76 56.39
C GLU B 464 12.60 -24.84 55.37
N ALA B 465 13.30 -24.63 54.25
CA ALA B 465 12.91 -23.57 53.33
C ALA B 465 11.69 -23.95 52.50
N TRP B 466 11.57 -25.22 52.13
CA TRP B 466 10.46 -25.62 51.28
C TRP B 466 9.10 -25.54 51.95
N GLN B 467 9.03 -25.77 53.27
CA GLN B 467 7.77 -25.59 53.99
C GLN B 467 7.33 -24.12 53.97
N VAL B 468 8.28 -23.21 54.17
CA VAL B 468 7.98 -21.78 54.14
C VAL B 468 7.54 -21.35 52.75
N LEU B 469 8.17 -21.89 51.70
CA LEU B 469 7.75 -21.53 50.35
C LEU B 469 6.33 -22.00 50.05
N LYS B 470 6.01 -23.24 50.47
CA LYS B 470 4.66 -23.77 50.25
C LYS B 470 3.61 -22.95 50.98
N HIS B 471 3.89 -22.51 52.20
CA HIS B 471 2.92 -21.64 52.84
C HIS B 471 2.87 -20.27 52.20
N LEU B 472 4.00 -19.78 51.71
CA LEU B 472 4.08 -18.41 51.23
C LEU B 472 3.38 -18.22 49.90
N ARG B 473 3.13 -19.28 49.15
CA ARG B 473 2.19 -19.11 48.05
C ARG B 473 0.76 -18.86 48.55
N HIS B 474 0.39 -19.46 49.68
CA HIS B 474 -0.97 -19.37 50.20
C HIS B 474 -1.06 -18.31 51.30
N LEU B 475 -1.10 -17.06 50.90
CA LEU B 475 -1.03 -15.95 51.84
C LEU B 475 -2.23 -15.05 51.65
N ASN B 476 -2.88 -14.70 52.76
CA ASN B 476 -4.07 -13.84 52.70
C ASN B 476 -4.17 -13.21 54.08
N PHE B 477 -3.89 -11.91 54.18
CA PHE B 477 -3.87 -11.21 55.46
C PHE B 477 -4.07 -9.72 55.22
N THR B 478 -4.32 -9.00 56.32
CA THR B 478 -4.53 -7.56 56.30
C THR B 478 -3.27 -6.86 56.79
N ASN B 479 -2.60 -6.16 55.89
CA ASN B 479 -1.63 -5.17 56.30
C ASN B 479 -2.33 -4.00 56.98
N ASN B 480 -1.59 -3.23 57.76
CA ASN B 480 -2.21 -2.21 58.61
C ASN B 480 -2.84 -1.07 57.83
N MET B 481 -2.48 -0.90 56.56
CA MET B 481 -3.18 0.06 55.71
C MET B 481 -4.64 -0.34 55.53
N GLY B 482 -4.90 -1.63 55.38
CA GLY B 482 -6.26 -2.12 55.36
C GLY B 482 -6.59 -3.10 54.25
N GLU B 483 -5.86 -3.02 53.15
CA GLU B 483 -6.24 -3.81 52.00
C GLU B 483 -5.74 -5.25 52.12
N GLN B 484 -6.37 -6.14 51.36
CA GLN B 484 -5.91 -7.51 51.26
C GLN B 484 -4.65 -7.59 50.42
N VAL B 485 -3.81 -8.56 50.72
CA VAL B 485 -2.70 -8.91 49.84
C VAL B 485 -2.61 -10.42 49.71
N THR B 486 -2.63 -10.89 48.47
CA THR B 486 -2.59 -12.31 48.12
C THR B 486 -1.73 -12.43 46.88
N PHE B 487 -0.69 -13.24 46.95
CA PHE B 487 0.15 -13.43 45.78
C PHE B 487 -0.53 -14.29 44.74
N ASP B 488 -0.38 -13.88 43.49
CA ASP B 488 -1.02 -14.47 42.34
C ASP B 488 -0.29 -15.78 41.99
N GLU B 489 -0.87 -16.55 41.06
CA GLU B 489 -0.30 -17.84 40.68
C GLU B 489 1.06 -17.68 40.02
N CYS B 490 1.26 -16.60 39.28
CA CYS B 490 2.57 -16.33 38.70
C CYS B 490 3.54 -15.68 39.69
N GLY B 491 3.09 -15.29 40.87
CA GLY B 491 3.94 -14.71 41.88
C GLY B 491 3.81 -13.22 42.05
N ASP B 492 3.15 -12.52 41.14
CA ASP B 492 2.99 -11.08 41.26
C ASP B 492 2.03 -10.74 42.38
N LEU B 493 2.08 -9.50 42.82
CA LEU B 493 1.17 -9.00 43.85
C LEU B 493 0.02 -8.26 43.18
N VAL B 494 -1.20 -8.67 43.49
CA VAL B 494 -2.38 -8.02 42.91
C VAL B 494 -2.60 -6.68 43.60
N GLY B 495 -2.77 -5.65 42.80
CA GLY B 495 -2.79 -4.31 43.35
C GLY B 495 -3.32 -3.32 42.34
N ASN B 496 -3.26 -2.06 42.72
CA ASN B 496 -3.84 -0.99 41.93
C ASN B 496 -2.78 0.02 41.55
N TYR B 497 -2.45 0.09 40.26
CA TYR B 497 -1.70 1.21 39.75
C TYR B 497 -2.52 2.49 39.93
N SER B 498 -1.88 3.56 40.38
CA SER B 498 -2.58 4.82 40.53
C SER B 498 -2.26 5.72 39.35
N ILE B 499 -3.29 6.36 38.79
CA ILE B 499 -3.15 7.28 37.67
C ILE B 499 -3.17 8.70 38.21
N ILE B 500 -2.14 9.47 37.92
CA ILE B 500 -2.02 10.78 38.53
C ILE B 500 -1.95 11.86 37.44
N ASN B 501 -2.19 13.09 37.86
CA ASN B 501 -2.02 14.29 37.06
C ASN B 501 -1.17 15.26 37.84
N TRP B 502 -0.55 16.19 37.15
CA TRP B 502 0.41 17.09 37.77
C TRP B 502 -0.20 18.48 37.78
N HIS B 503 -0.85 18.85 38.89
CA HIS B 503 -1.42 20.18 39.03
C HIS B 503 -0.48 21.03 39.89
N LEU B 504 -0.10 22.19 39.37
CA LEU B 504 0.92 23.04 39.97
C LEU B 504 0.32 23.70 41.21
N SER B 505 0.81 23.32 42.38
CA SER B 505 0.21 23.79 43.63
C SER B 505 0.48 25.28 43.82
N PRO B 506 -0.56 26.11 43.96
CA PRO B 506 -0.37 27.57 43.96
C PRO B 506 0.43 28.11 45.13
N GLU B 507 0.49 27.41 46.26
CA GLU B 507 1.46 27.78 47.29
C GLU B 507 2.86 27.29 46.93
N ASP B 508 2.97 26.12 46.32
CA ASP B 508 4.28 25.54 46.07
C ASP B 508 4.95 26.13 44.84
N GLY B 509 4.26 26.13 43.70
CA GLY B 509 4.89 26.51 42.45
C GLY B 509 5.95 25.54 41.95
N SER B 510 5.66 24.24 42.00
CA SER B 510 6.54 23.22 41.46
C SER B 510 5.66 22.10 40.93
N ILE B 511 6.28 21.04 40.42
CA ILE B 511 5.51 19.93 39.89
C ILE B 511 4.94 19.10 41.03
N VAL B 512 3.61 19.15 41.21
CA VAL B 512 2.93 18.60 42.37
C VAL B 512 1.85 17.64 41.88
N PHE B 513 1.85 16.42 42.42
CA PHE B 513 1.08 15.33 41.84
C PHE B 513 -0.29 15.27 42.47
N LYS B 514 -1.29 14.87 41.68
CA LYS B 514 -2.68 14.78 42.11
C LYS B 514 -3.31 13.52 41.55
N GLU B 515 -4.04 12.80 42.39
CA GLU B 515 -4.54 11.48 42.02
C GLU B 515 -5.88 11.59 41.32
N VAL B 516 -6.03 10.86 40.21
CA VAL B 516 -7.27 10.97 39.46
C VAL B 516 -7.96 9.64 39.18
N GLY B 517 -7.22 8.59 38.79
CA GLY B 517 -7.84 7.36 38.38
C GLY B 517 -7.10 6.14 38.90
N TYR B 518 -7.78 5.00 38.90
CA TYR B 518 -7.21 3.80 39.45
C TYR B 518 -7.61 2.57 38.63
N TYR B 519 -6.72 1.59 38.60
CA TYR B 519 -6.75 0.48 37.66
C TYR B 519 -6.59 -0.83 38.40
N ASN B 520 -7.22 -1.89 37.88
CA ASN B 520 -7.11 -3.24 38.45
C ASN B 520 -6.67 -4.21 37.38
N VAL B 521 -5.55 -4.91 37.63
CA VAL B 521 -5.06 -5.84 36.61
C VAL B 521 -5.76 -7.19 36.70
N TYR B 522 -6.22 -7.61 37.87
CA TYR B 522 -6.67 -8.98 38.06
C TYR B 522 -8.04 -9.24 37.46
N ALA B 523 -8.92 -8.24 37.46
CA ALA B 523 -10.30 -8.45 37.03
C ALA B 523 -10.40 -8.55 35.51
N LYS B 524 -11.59 -8.91 35.05
CA LYS B 524 -11.85 -9.03 33.64
C LYS B 524 -11.90 -7.67 32.96
N LYS B 525 -11.79 -7.68 31.64
CA LYS B 525 -11.77 -6.44 30.88
C LYS B 525 -13.14 -5.77 30.89
N GLY B 526 -13.14 -4.45 30.95
CA GLY B 526 -14.35 -3.65 31.02
C GLY B 526 -14.60 -3.01 32.36
N GLU B 527 -14.05 -3.57 33.43
CA GLU B 527 -14.14 -2.97 34.75
C GLU B 527 -12.77 -2.70 35.34
N ARG B 528 -11.74 -2.69 34.51
CA ARG B 528 -10.40 -2.46 35.00
C ARG B 528 -10.20 -1.01 35.40
N LEU B 529 -10.68 -0.09 34.59
CA LEU B 529 -10.25 1.30 34.60
C LEU B 529 -11.44 2.22 34.79
N PHE B 530 -11.41 3.03 35.84
CA PHE B 530 -12.40 4.07 35.98
C PHE B 530 -11.64 5.40 36.03
N ILE B 531 -12.17 6.41 35.36
CA ILE B 531 -11.54 7.74 35.35
C ILE B 531 -12.64 8.77 35.55
N ASN B 532 -12.50 9.60 36.58
CA ASN B 532 -13.30 10.82 36.66
C ASN B 532 -12.57 11.95 35.93
N GLU B 533 -13.23 12.49 34.91
CA GLU B 533 -12.56 13.40 34.00
C GLU B 533 -12.68 14.86 34.38
N GLU B 534 -13.38 15.18 35.45
CA GLU B 534 -13.56 16.60 35.76
C GLU B 534 -12.32 17.21 36.40
N LYS B 535 -11.46 16.41 37.03
CA LYS B 535 -10.32 16.93 37.76
C LYS B 535 -9.05 17.01 36.93
N ILE B 536 -8.89 16.11 35.95
CA ILE B 536 -7.73 16.14 35.07
C ILE B 536 -7.75 17.39 34.20
N LEU B 537 -6.59 18.02 34.05
CA LEU B 537 -6.44 19.21 33.21
C LEU B 537 -5.34 18.97 32.19
N TRP B 538 -5.72 18.73 30.93
CA TRP B 538 -4.72 18.73 29.87
C TRP B 538 -4.27 20.16 29.57
N SER B 539 -3.08 20.25 28.96
CA SER B 539 -2.50 21.51 28.45
C SER B 539 -2.36 22.57 29.54
N GLY B 540 -2.04 22.14 30.75
CA GLY B 540 -1.98 23.06 31.86
C GLY B 540 -3.34 23.54 32.29
N PHE B 541 -3.65 24.81 32.06
CA PHE B 541 -4.91 25.37 32.52
C PHE B 541 -6.09 24.97 31.65
N SER B 542 -5.87 24.28 30.54
CA SER B 542 -6.97 23.93 29.67
C SER B 542 -7.80 22.79 30.27
N ARG B 543 -9.01 22.64 29.76
CA ARG B 543 -9.99 21.73 30.30
C ARG B 543 -10.54 20.72 29.29
N GLU B 544 -10.51 21.03 27.99
CA GLU B 544 -11.24 20.30 26.98
C GLU B 544 -10.39 19.21 26.35
N VAL B 545 -11.04 18.16 25.88
CA VAL B 545 -10.36 16.98 25.33
C VAL B 545 -9.65 17.36 24.03
N PRO B 546 -8.40 16.96 23.84
CA PRO B 546 -7.72 17.25 22.58
C PRO B 546 -8.23 16.38 21.44
N PHE B 547 -7.89 16.81 20.24
CA PHE B 547 -8.45 16.31 18.98
C PHE B 547 -7.31 15.72 18.17
N SER B 548 -7.12 14.41 18.24
CA SER B 548 -5.91 13.80 17.72
C SER B 548 -6.20 12.54 16.94
N ASN B 549 -7.19 12.57 16.07
CA ASN B 549 -7.24 11.54 15.05
C ASN B 549 -6.19 11.82 13.96
N CYS B 550 -6.01 10.83 13.08
CA CYS B 550 -5.09 11.04 11.96
C CYS B 550 -5.60 12.10 11.00
N SER B 551 -6.88 12.02 10.65
CA SER B 551 -7.52 13.04 9.85
C SER B 551 -8.73 13.53 10.61
N ARG B 552 -8.97 14.84 10.57
CA ARG B 552 -10.23 15.38 11.04
C ARG B 552 -11.36 14.78 10.21
N ASP B 553 -12.41 14.35 10.89
CA ASP B 553 -13.49 13.63 10.22
C ASP B 553 -14.25 14.56 9.27
N CYS B 554 -14.70 13.98 8.16
CA CYS B 554 -15.21 14.77 7.05
C CYS B 554 -16.61 15.25 7.36
N LEU B 555 -16.90 16.49 6.96
CA LEU B 555 -18.19 17.11 7.25
C LEU B 555 -19.29 16.46 6.42
N ALA B 556 -20.52 16.84 6.72
CA ALA B 556 -21.66 16.36 5.96
C ALA B 556 -21.62 16.91 4.53
N GLY B 557 -22.12 16.10 3.59
CA GLY B 557 -21.97 16.41 2.19
C GLY B 557 -20.73 15.83 1.56
N THR B 558 -19.99 14.98 2.28
CA THR B 558 -18.80 14.35 1.76
C THR B 558 -18.81 12.91 2.23
N ARG B 559 -17.81 12.14 1.83
CA ARG B 559 -17.66 10.77 2.32
C ARG B 559 -16.28 10.58 2.94
N LYS B 560 -16.10 9.40 3.54
CA LYS B 560 -14.85 9.07 4.22
C LYS B 560 -13.68 8.89 3.26
N GLY B 561 -13.94 8.76 1.98
CA GLY B 561 -12.89 8.76 0.98
C GLY B 561 -12.09 7.47 0.96
N ILE B 562 -11.09 7.48 0.08
CA ILE B 562 -10.22 6.34 -0.12
C ILE B 562 -9.01 6.48 0.79
N ILE B 563 -8.27 5.38 0.96
CA ILE B 563 -7.00 5.46 1.66
C ILE B 563 -5.99 6.23 0.81
N GLU B 564 -5.02 6.86 1.47
CA GLU B 564 -4.07 7.74 0.80
C GLU B 564 -2.65 7.22 0.85
N GLY B 565 -2.45 5.95 1.19
CA GLY B 565 -1.12 5.41 1.37
C GLY B 565 -0.63 5.44 2.80
N GLU B 566 -1.24 6.25 3.64
CA GLU B 566 -1.02 6.18 5.08
C GLU B 566 -1.73 4.95 5.63
N PRO B 567 -1.38 4.50 6.85
CA PRO B 567 -2.08 3.35 7.44
C PRO B 567 -3.58 3.59 7.65
N THR B 568 -4.29 2.48 7.91
CA THR B 568 -5.72 2.38 7.68
C THR B 568 -6.55 3.29 8.57
N CYS B 569 -6.00 3.73 9.71
CA CYS B 569 -6.70 4.70 10.54
C CYS B 569 -6.85 6.04 9.83
N CYS B 570 -5.90 6.39 8.98
CA CYS B 570 -5.98 7.63 8.23
C CYS B 570 -6.97 7.50 7.07
N PHE B 571 -7.42 8.66 6.57
CA PHE B 571 -8.28 8.74 5.41
C PHE B 571 -8.18 10.15 4.84
N GLU B 572 -8.79 10.34 3.67
CA GLU B 572 -8.93 11.67 3.09
C GLU B 572 -10.39 12.11 3.13
N CYS B 573 -10.65 13.33 2.71
CA CYS B 573 -12.02 13.83 2.53
C CYS B 573 -12.26 14.12 1.06
N VAL B 574 -13.33 13.53 0.52
CA VAL B 574 -13.68 13.66 -0.88
C VAL B 574 -15.10 14.20 -0.94
N GLU B 575 -15.30 15.23 -1.75
CA GLU B 575 -16.65 15.72 -1.98
C GLU B 575 -17.43 14.72 -2.84
N CYS B 576 -18.70 14.55 -2.48
CA CYS B 576 -19.61 13.71 -3.24
C CYS B 576 -19.83 14.31 -4.63
N PRO B 577 -20.05 13.48 -5.66
CA PRO B 577 -20.43 13.99 -6.97
C PRO B 577 -21.79 14.69 -6.96
N ASP B 578 -22.13 15.26 -8.11
CA ASP B 578 -23.48 15.75 -8.28
C ASP B 578 -24.49 14.63 -8.51
N GLY B 579 -24.02 13.40 -8.74
CA GLY B 579 -24.94 12.28 -8.93
C GLY B 579 -25.76 11.95 -7.70
N GLU B 580 -25.11 11.89 -6.54
CA GLU B 580 -25.76 11.47 -5.29
C GLU B 580 -25.52 12.48 -4.18
N TYR B 581 -26.21 12.27 -3.06
CA TYR B 581 -26.21 13.17 -1.91
C TYR B 581 -25.53 12.51 -0.71
N SER B 582 -25.15 13.33 0.26
CA SER B 582 -24.51 12.84 1.49
C SER B 582 -25.06 13.60 2.68
N ASP B 583 -25.76 12.90 3.57
CA ASP B 583 -26.37 13.52 4.75
C ASP B 583 -25.81 13.00 6.05
N GLU B 584 -25.79 11.68 6.24
CA GLU B 584 -25.27 11.11 7.49
C GLU B 584 -23.75 11.25 7.54
N THR B 585 -23.26 11.75 8.67
CA THR B 585 -21.87 12.17 8.79
C THR B 585 -20.95 10.95 8.83
N ASP B 586 -19.78 11.08 8.20
CA ASP B 586 -18.75 10.04 8.12
C ASP B 586 -19.28 8.77 7.45
N ALA B 587 -20.13 8.94 6.45
CA ALA B 587 -20.56 7.81 5.64
C ALA B 587 -19.42 7.34 4.73
N SER B 588 -19.56 6.11 4.24
CA SER B 588 -18.53 5.55 3.37
C SER B 588 -18.76 5.90 1.90
N ALA B 589 -20.01 5.84 1.44
CA ALA B 589 -20.34 6.15 0.05
C ALA B 589 -21.70 6.82 0.00
N CYS B 590 -21.89 7.65 -1.02
CA CYS B 590 -23.15 8.34 -1.20
C CYS B 590 -24.23 7.42 -1.75
N ASN B 591 -25.48 7.89 -1.72
CA ASN B 591 -26.63 7.10 -2.12
C ASN B 591 -27.53 7.89 -3.06
N LYS B 592 -28.15 7.17 -4.01
CA LYS B 592 -29.01 7.76 -5.02
C LYS B 592 -30.43 7.99 -4.51
N CYS B 593 -31.37 8.18 -5.44
CA CYS B 593 -32.69 8.76 -5.23
C CYS B 593 -33.52 8.54 -6.51
N PRO B 594 -34.83 8.85 -6.59
CA PRO B 594 -35.59 8.41 -7.75
C PRO B 594 -35.34 9.24 -8.98
N ASP B 595 -35.83 8.72 -10.10
CA ASP B 595 -35.98 9.51 -11.31
C ASP B 595 -36.94 10.66 -11.06
N ASP B 596 -36.69 11.76 -11.76
CA ASP B 596 -37.29 13.09 -11.56
C ASP B 596 -36.99 13.66 -10.17
N PHE B 597 -36.00 13.12 -9.48
CA PHE B 597 -35.46 13.73 -8.28
C PHE B 597 -33.95 13.78 -8.40
N TRP B 598 -33.43 14.98 -8.56
CA TRP B 598 -32.02 15.26 -8.75
C TRP B 598 -31.55 16.17 -7.64
N SER B 599 -30.26 16.08 -7.34
CA SER B 599 -29.70 16.73 -6.19
C SER B 599 -29.78 18.25 -6.33
N ASN B 600 -29.92 18.92 -5.19
CA ASN B 600 -29.53 20.31 -5.15
C ASN B 600 -28.02 20.36 -4.96
N GLU B 601 -27.49 21.58 -4.79
CA GLU B 601 -26.07 21.69 -4.51
C GLU B 601 -25.77 21.19 -3.08
N ASN B 602 -24.48 21.17 -2.74
CA ASN B 602 -23.89 20.74 -1.46
C ASN B 602 -24.08 19.25 -1.20
N HIS B 603 -24.67 18.50 -2.14
CA HIS B 603 -25.14 17.13 -1.96
C HIS B 603 -26.02 17.00 -0.71
N THR B 604 -26.97 17.92 -0.60
CA THR B 604 -27.86 17.94 0.56
C THR B 604 -28.82 16.75 0.53
N SER B 605 -29.70 16.72 -0.47
CA SER B 605 -30.67 15.64 -0.71
C SER B 605 -31.26 15.86 -2.10
N CYS B 606 -32.23 15.01 -2.46
CA CYS B 606 -32.76 14.96 -3.82
C CYS B 606 -34.13 15.62 -3.89
N ILE B 607 -34.16 16.89 -4.28
CA ILE B 607 -35.41 17.61 -4.51
C ILE B 607 -35.95 17.23 -5.88
N ALA B 608 -37.16 17.66 -6.17
CA ALA B 608 -37.81 17.33 -7.43
C ALA B 608 -37.17 18.06 -8.61
N LYS B 609 -37.17 17.39 -9.75
CA LYS B 609 -36.74 17.98 -11.01
C LYS B 609 -37.88 18.81 -11.60
N GLU B 610 -37.59 19.43 -12.74
CA GLU B 610 -38.55 20.28 -13.43
C GLU B 610 -39.14 19.53 -14.63
N ILE B 611 -40.46 19.49 -14.71
CA ILE B 611 -41.16 18.94 -15.86
C ILE B 611 -41.58 20.12 -16.74
N GLU B 612 -40.92 20.27 -17.89
CA GLU B 612 -41.06 21.46 -18.72
C GLU B 612 -41.91 21.12 -19.94
N PHE B 613 -43.15 21.60 -19.95
CA PHE B 613 -44.04 21.43 -21.09
C PHE B 613 -44.70 22.77 -21.39
N LEU B 614 -45.08 22.97 -22.65
CA LEU B 614 -45.77 24.18 -23.06
C LEU B 614 -47.17 24.18 -22.46
N SER B 615 -47.37 25.01 -21.44
CA SER B 615 -48.47 24.83 -20.50
C SER B 615 -49.51 25.93 -20.64
N TRP B 616 -50.78 25.54 -20.45
CA TRP B 616 -51.89 26.50 -20.45
C TRP B 616 -51.83 27.43 -19.24
N THR B 617 -51.14 27.02 -18.18
CA THR B 617 -50.92 27.92 -17.05
C THR B 617 -50.03 29.08 -17.45
N GLU B 618 -49.09 28.85 -18.35
CA GLU B 618 -48.32 29.95 -18.92
C GLU B 618 -49.22 30.79 -19.82
N PRO B 619 -49.09 32.11 -19.81
CA PRO B 619 -49.99 32.96 -20.61
C PRO B 619 -49.76 32.85 -22.10
N PHE B 620 -48.59 32.36 -22.52
CA PHE B 620 -48.29 32.29 -23.94
C PHE B 620 -49.14 31.23 -24.63
N GLY B 621 -49.45 30.14 -23.92
CA GLY B 621 -50.33 29.12 -24.47
C GLY B 621 -51.76 29.61 -24.65
N ILE B 622 -52.30 30.35 -23.68
CA ILE B 622 -53.67 30.81 -23.84
C ILE B 622 -53.72 31.93 -24.86
N ALA B 623 -52.62 32.67 -25.04
CA ALA B 623 -52.56 33.63 -26.14
C ALA B 623 -52.61 32.93 -27.49
N LEU B 624 -51.89 31.81 -27.61
CA LEU B 624 -51.97 31.02 -28.84
C LEU B 624 -53.36 30.43 -29.05
N THR B 625 -54.02 30.04 -27.96
CA THR B 625 -55.38 29.49 -28.07
C THR B 625 -56.38 30.56 -28.50
N LEU B 626 -56.21 31.79 -28.01
CA LEU B 626 -57.05 32.89 -28.46
C LEU B 626 -56.85 33.17 -29.94
N PHE B 627 -55.59 33.14 -30.39
CA PHE B 627 -55.31 33.30 -31.82
C PHE B 627 -55.92 32.18 -32.65
N ALA B 628 -55.98 30.97 -32.09
CA ALA B 628 -56.63 29.88 -32.81
C ALA B 628 -58.13 30.09 -32.90
N VAL B 629 -58.75 30.56 -31.82
CA VAL B 629 -60.21 30.68 -31.80
C VAL B 629 -60.68 31.81 -32.69
N LEU B 630 -59.88 32.88 -32.80
CA LEU B 630 -60.28 34.03 -33.59
C LEU B 630 -60.41 33.67 -35.07
N GLY B 631 -59.49 32.85 -35.58
CA GLY B 631 -59.59 32.41 -36.95
C GLY B 631 -60.81 31.55 -37.21
N ILE B 632 -61.17 30.72 -36.23
CA ILE B 632 -62.38 29.90 -36.35
C ILE B 632 -63.61 30.78 -36.42
N PHE B 633 -63.62 31.87 -35.64
CA PHE B 633 -64.77 32.77 -35.69
C PHE B 633 -64.86 33.50 -37.03
N LEU B 634 -63.72 33.93 -37.58
CA LEU B 634 -63.75 34.57 -38.89
C LEU B 634 -64.18 33.60 -39.98
N THR B 635 -63.75 32.34 -39.89
CA THR B 635 -64.19 31.34 -40.85
C THR B 635 -65.68 31.11 -40.76
N ALA B 636 -66.23 31.12 -39.53
CA ALA B 636 -67.67 30.99 -39.37
C ALA B 636 -68.42 32.17 -39.98
N PHE B 637 -67.84 33.37 -39.90
CA PHE B 637 -68.46 34.51 -40.58
C PHE B 637 -68.45 34.32 -42.09
N VAL B 638 -67.36 33.75 -42.60
CA VAL B 638 -67.28 33.46 -44.04
C VAL B 638 -68.35 32.46 -44.45
N LEU B 639 -68.57 31.44 -43.61
CA LEU B 639 -69.67 30.51 -43.88
C LEU B 639 -71.02 31.20 -43.86
N GLY B 640 -71.21 32.16 -42.94
CA GLY B 640 -72.49 32.83 -42.86
C GLY B 640 -72.81 33.65 -44.09
N VAL B 641 -71.83 34.45 -44.53
CA VAL B 641 -72.05 35.27 -45.72
C VAL B 641 -72.08 34.40 -46.98
N PHE B 642 -71.47 33.21 -46.93
CA PHE B 642 -71.57 32.30 -48.07
C PHE B 642 -72.95 31.68 -48.17
N ILE B 643 -73.46 31.16 -47.05
CA ILE B 643 -74.71 30.40 -47.07
C ILE B 643 -75.90 31.31 -47.34
N LYS B 644 -75.87 32.55 -46.84
CA LYS B 644 -77.04 33.42 -47.03
C LYS B 644 -77.25 33.82 -48.49
N PHE B 645 -76.18 33.88 -49.26
CA PHE B 645 -76.24 34.38 -50.63
C PHE B 645 -75.98 33.24 -51.60
N ARG B 646 -77.05 32.60 -52.05
CA ARG B 646 -76.99 31.56 -53.06
C ARG B 646 -77.70 32.05 -54.30
N ASN B 647 -77.32 31.48 -55.45
CA ASN B 647 -77.65 31.87 -56.82
C ASN B 647 -77.68 33.39 -57.01
N THR B 648 -76.69 34.07 -56.41
CA THR B 648 -76.36 35.48 -56.42
C THR B 648 -75.06 35.69 -57.19
N PRO B 649 -74.93 36.78 -57.95
CA PRO B 649 -73.92 36.83 -59.03
C PRO B 649 -72.47 36.74 -58.59
N ILE B 650 -72.12 36.98 -57.33
CA ILE B 650 -70.77 36.65 -56.90
C ILE B 650 -70.66 35.16 -56.58
N VAL B 651 -71.70 34.59 -56.02
CA VAL B 651 -71.63 33.19 -55.61
C VAL B 651 -71.84 32.27 -56.79
N LYS B 652 -72.76 32.62 -57.70
CA LYS B 652 -73.30 31.69 -58.69
C LYS B 652 -72.24 31.25 -59.71
N ALA B 653 -71.19 32.06 -59.90
CA ALA B 653 -70.16 31.74 -60.88
C ALA B 653 -69.34 30.53 -60.46
N THR B 654 -68.67 30.61 -59.32
CA THR B 654 -67.93 29.48 -58.79
C THR B 654 -68.93 28.42 -58.30
N ASN B 655 -68.52 27.15 -58.39
CA ASN B 655 -69.41 26.02 -58.10
C ASN B 655 -69.89 26.04 -56.65
N ARG B 656 -71.19 25.76 -56.48
CA ARG B 656 -71.86 26.05 -55.22
C ARG B 656 -71.41 25.11 -54.12
N GLU B 657 -71.18 23.84 -54.44
CA GLU B 657 -70.65 22.93 -53.44
C GLU B 657 -69.17 23.17 -53.18
N LEU B 658 -68.47 23.82 -54.11
CA LEU B 658 -67.01 23.93 -54.04
C LEU B 658 -66.57 24.79 -52.88
N SER B 659 -67.18 25.96 -52.72
CA SER B 659 -66.80 26.83 -51.63
C SER B 659 -67.21 26.26 -50.28
N TYR B 660 -68.31 25.51 -50.26
CA TYR B 660 -68.72 24.84 -49.03
C TYR B 660 -67.70 23.80 -48.61
N LEU B 661 -67.18 23.03 -49.57
CA LEU B 661 -66.15 22.06 -49.23
C LEU B 661 -64.83 22.75 -48.87
N LEU B 662 -64.55 23.89 -49.48
CA LEU B 662 -63.34 24.63 -49.15
C LEU B 662 -63.39 25.19 -47.74
N LEU B 663 -64.57 25.61 -47.30
CA LEU B 663 -64.67 26.30 -46.03
C LEU B 663 -64.49 25.35 -44.85
N PHE B 664 -64.93 24.10 -45.02
CA PHE B 664 -64.70 23.11 -43.98
C PHE B 664 -63.23 22.78 -43.82
N SER B 665 -62.46 22.91 -44.90
CA SER B 665 -61.02 22.69 -44.85
C SER B 665 -60.35 23.67 -43.92
N LEU B 666 -60.70 24.94 -44.04
CA LEU B 666 -60.20 25.94 -43.11
C LEU B 666 -60.75 25.71 -41.71
N LEU B 667 -62.02 25.27 -41.63
CA LEU B 667 -62.66 25.06 -40.34
C LEU B 667 -61.99 23.96 -39.52
N CYS B 668 -61.43 22.96 -40.19
CA CYS B 668 -60.71 21.94 -39.44
C CYS B 668 -59.22 22.22 -39.34
N CYS B 669 -58.65 22.91 -40.32
CA CYS B 669 -57.23 23.22 -40.28
C CYS B 669 -56.93 24.24 -39.19
N PHE B 670 -57.89 25.10 -38.87
CA PHE B 670 -57.69 26.00 -37.75
C PHE B 670 -57.65 25.25 -36.43
N SER B 671 -58.55 24.28 -36.27
CA SER B 671 -58.61 23.55 -35.02
C SER B 671 -57.50 22.52 -34.88
N SER B 672 -56.89 22.13 -36.00
CA SER B 672 -55.87 21.09 -35.97
C SER B 672 -54.61 21.50 -35.23
N SER B 673 -54.39 22.79 -35.02
CA SER B 673 -53.19 23.21 -34.33
C SER B 673 -53.23 22.97 -32.83
N LEU B 674 -54.40 22.66 -32.27
CA LEU B 674 -54.53 22.61 -30.83
C LEU B 674 -53.89 21.41 -30.18
N PHE B 675 -53.42 20.43 -30.96
CA PHE B 675 -52.83 19.25 -30.36
C PHE B 675 -51.45 19.52 -29.79
N PHE B 676 -50.78 20.58 -30.21
CA PHE B 676 -49.40 20.81 -29.80
C PHE B 676 -49.28 21.74 -28.60
N ILE B 677 -50.26 21.74 -27.70
CA ILE B 677 -50.21 22.56 -26.50
C ILE B 677 -50.70 21.73 -25.32
N GLY B 678 -50.07 21.93 -24.17
CA GLY B 678 -50.33 21.11 -23.00
C GLY B 678 -49.33 19.99 -22.86
N GLU B 679 -49.46 19.28 -21.76
CA GLU B 679 -48.60 18.12 -21.52
C GLU B 679 -48.97 17.00 -22.48
N PRO B 680 -48.01 16.35 -23.14
CA PRO B 680 -48.36 15.34 -24.14
C PRO B 680 -48.88 14.06 -23.52
N GLN B 681 -50.15 13.77 -23.75
CA GLN B 681 -50.70 12.45 -23.53
C GLN B 681 -50.52 11.64 -24.81
N ASP B 682 -50.51 10.32 -24.65
CA ASP B 682 -50.01 9.44 -25.71
C ASP B 682 -50.92 9.42 -26.92
N TRP B 683 -52.24 9.37 -26.71
CA TRP B 683 -53.18 9.39 -27.82
C TRP B 683 -53.14 10.71 -28.57
N THR B 684 -53.01 11.82 -27.84
CA THR B 684 -52.82 13.11 -28.49
C THR B 684 -51.45 13.20 -29.15
N CYS B 685 -50.45 12.55 -28.57
CA CYS B 685 -49.17 12.39 -29.23
C CYS B 685 -49.26 11.50 -30.46
N ARG B 686 -50.22 10.57 -30.47
CA ARG B 686 -50.27 9.57 -31.53
C ARG B 686 -50.78 10.15 -32.84
N LEU B 687 -51.96 10.75 -32.84
CA LEU B 687 -52.68 11.09 -34.08
C LEU B 687 -52.55 12.55 -34.48
N ARG B 688 -51.58 13.28 -33.91
CA ARG B 688 -51.46 14.71 -34.17
C ARG B 688 -51.06 14.99 -35.61
N GLN B 689 -50.07 14.27 -36.11
CA GLN B 689 -49.67 14.44 -37.51
C GLN B 689 -50.74 14.06 -38.54
N PRO B 690 -51.56 12.99 -38.39
CA PRO B 690 -52.60 12.74 -39.40
C PRO B 690 -53.63 13.83 -39.58
N ALA B 691 -54.00 14.57 -38.53
CA ALA B 691 -54.98 15.65 -38.71
C ALA B 691 -54.41 16.76 -39.58
N PHE B 692 -53.14 17.11 -39.34
CA PHE B 692 -52.38 17.98 -40.24
C PHE B 692 -52.41 17.49 -41.67
N GLY B 693 -52.07 16.22 -41.86
CA GLY B 693 -51.95 15.68 -43.20
C GLY B 693 -53.27 15.68 -43.95
N ILE B 694 -54.33 15.23 -43.28
CA ILE B 694 -55.66 15.15 -43.91
C ILE B 694 -56.18 16.54 -44.23
N SER B 695 -56.04 17.47 -43.27
CA SER B 695 -56.59 18.81 -43.44
C SER B 695 -55.92 19.54 -44.59
N PHE B 696 -54.59 19.60 -44.59
CA PHE B 696 -53.95 20.31 -45.69
C PHE B 696 -54.02 19.56 -47.00
N VAL B 697 -54.13 18.23 -46.97
CA VAL B 697 -54.26 17.49 -48.22
C VAL B 697 -55.57 17.83 -48.90
N LEU B 698 -56.68 17.80 -48.15
CA LEU B 698 -57.96 18.06 -48.80
C LEU B 698 -58.12 19.54 -49.10
N CYS B 699 -57.49 20.42 -48.31
CA CYS B 699 -57.54 21.84 -48.61
C CYS B 699 -56.82 22.17 -49.91
N ILE B 700 -55.59 21.65 -50.06
CA ILE B 700 -54.82 21.90 -51.27
C ILE B 700 -55.49 21.25 -52.47
N SER B 701 -56.10 20.08 -52.28
CA SER B 701 -56.79 19.43 -53.38
C SER B 701 -58.01 20.21 -53.82
N CYS B 702 -58.80 20.70 -52.87
CA CYS B 702 -60.03 21.39 -53.22
C CYS B 702 -59.75 22.77 -53.80
N ILE B 703 -58.64 23.38 -53.42
CA ILE B 703 -58.31 24.64 -54.10
C ILE B 703 -57.66 24.35 -55.45
N LEU B 704 -57.01 23.19 -55.62
CA LEU B 704 -56.41 22.88 -56.90
C LEU B 704 -57.44 22.50 -57.94
N VAL B 705 -58.60 21.98 -57.51
CA VAL B 705 -59.66 21.63 -58.45
C VAL B 705 -60.63 22.78 -58.65
N LYS B 706 -60.29 23.98 -58.18
CA LYS B 706 -61.20 25.11 -58.21
C LYS B 706 -61.05 25.97 -59.45
N THR B 707 -60.09 25.67 -60.33
CA THR B 707 -59.74 26.60 -61.40
C THR B 707 -60.78 26.62 -62.52
N ASN B 708 -61.29 25.43 -62.89
CA ASN B 708 -62.35 25.13 -63.87
C ASN B 708 -61.79 25.31 -65.29
N ARG B 709 -60.53 25.75 -65.41
CA ARG B 709 -59.88 25.75 -66.71
C ARG B 709 -59.39 24.35 -67.06
N VAL B 710 -58.53 23.78 -66.21
CA VAL B 710 -57.94 22.48 -66.45
C VAL B 710 -58.69 21.39 -65.69
N LEU B 711 -59.97 21.63 -65.40
CA LEU B 711 -60.80 20.68 -64.66
C LEU B 711 -61.77 19.93 -65.56
N LEU B 712 -62.57 20.65 -66.34
CA LEU B 712 -63.59 20.01 -67.16
C LEU B 712 -63.03 19.61 -68.53
N LEU B 729 -71.48 13.34 -63.08
CA LEU B 729 -71.00 13.34 -61.71
C LEU B 729 -69.89 14.35 -61.52
N ASN B 730 -69.78 14.87 -60.30
CA ASN B 730 -68.84 15.94 -59.98
C ASN B 730 -67.44 15.37 -59.96
N LEU B 731 -66.75 15.49 -61.10
CA LEU B 731 -65.40 14.95 -61.24
C LEU B 731 -64.42 15.64 -60.32
N GLN B 732 -64.65 16.92 -60.02
CA GLN B 732 -63.82 17.61 -59.03
C GLN B 732 -64.00 16.99 -57.65
N PHE B 733 -65.24 16.64 -57.30
CA PHE B 733 -65.50 16.02 -56.01
C PHE B 733 -64.87 14.63 -55.92
N LEU B 734 -64.96 13.86 -57.02
CA LEU B 734 -64.33 12.55 -57.03
C LEU B 734 -62.82 12.65 -56.95
N LEU B 735 -62.22 13.63 -57.65
CA LEU B 735 -60.78 13.81 -57.60
C LEU B 735 -60.31 14.26 -56.23
N VAL B 736 -61.10 15.10 -55.57
CA VAL B 736 -60.78 15.50 -54.21
C VAL B 736 -60.87 14.30 -53.27
N PHE B 737 -61.86 13.43 -53.49
CA PHE B 737 -61.99 12.22 -52.69
C PHE B 737 -60.77 11.32 -52.86
N LEU B 738 -60.31 11.17 -54.09
CA LEU B 738 -59.14 10.34 -54.36
C LEU B 738 -57.88 10.94 -53.76
N CYS B 739 -57.72 12.27 -53.87
CA CYS B 739 -56.54 12.93 -53.35
C CYS B 739 -56.49 12.86 -51.83
N THR B 740 -57.65 12.97 -51.17
CA THR B 740 -57.68 12.85 -49.72
C THR B 740 -57.44 11.41 -49.28
N PHE B 741 -58.00 10.44 -49.99
CA PHE B 741 -57.87 9.06 -49.57
C PHE B 741 -56.46 8.52 -49.82
N MET B 742 -55.74 9.10 -50.79
CA MET B 742 -54.37 8.67 -51.06
C MET B 742 -53.39 9.08 -49.97
N GLN B 743 -53.72 10.08 -49.15
CA GLN B 743 -52.97 10.33 -47.94
C GLN B 743 -53.59 9.67 -46.72
N ILE B 744 -54.91 9.41 -46.76
CA ILE B 744 -55.58 8.72 -45.66
C ILE B 744 -55.06 7.30 -45.54
N VAL B 745 -54.73 6.68 -46.67
CA VAL B 745 -54.14 5.34 -46.65
C VAL B 745 -52.77 5.37 -45.98
N ILE B 746 -51.98 6.43 -46.26
CA ILE B 746 -50.68 6.60 -45.64
C ILE B 746 -50.82 6.75 -44.13
N CYS B 747 -51.80 7.55 -43.70
CA CYS B 747 -52.03 7.78 -42.28
C CYS B 747 -52.48 6.52 -41.55
N VAL B 748 -53.40 5.75 -42.14
CA VAL B 748 -53.88 4.52 -41.51
C VAL B 748 -52.76 3.48 -41.42
N ILE B 749 -51.96 3.35 -42.50
CA ILE B 749 -50.85 2.39 -42.50
C ILE B 749 -49.80 2.78 -41.47
N TRP B 750 -49.45 4.07 -41.41
CA TRP B 750 -48.43 4.52 -40.47
C TRP B 750 -48.90 4.42 -39.03
N LEU B 751 -50.19 4.63 -38.77
CA LEU B 751 -50.71 4.46 -37.42
C LEU B 751 -50.95 3.01 -37.06
N TYR B 752 -50.94 2.09 -38.04
CA TYR B 752 -51.12 0.70 -37.68
C TYR B 752 -49.82 -0.09 -37.63
N THR B 753 -48.74 0.38 -38.26
CA THR B 753 -47.50 -0.39 -38.22
C THR B 753 -46.52 0.06 -37.14
N ALA B 754 -46.47 1.36 -36.80
CA ALA B 754 -45.49 1.87 -35.85
C ALA B 754 -45.92 3.24 -35.34
N PRO B 755 -46.79 3.30 -34.34
CA PRO B 755 -47.29 4.58 -33.84
C PRO B 755 -46.18 5.36 -33.15
N PRO B 756 -46.25 6.70 -33.16
CA PRO B 756 -45.34 7.50 -32.35
C PRO B 756 -45.60 7.26 -30.87
N SER B 757 -44.56 7.48 -30.07
CA SER B 757 -44.65 7.28 -28.64
C SER B 757 -44.43 8.59 -27.91
N SER B 758 -44.92 8.65 -26.68
CA SER B 758 -44.76 9.82 -25.82
C SER B 758 -43.71 9.51 -24.77
N TYR B 759 -42.56 10.18 -24.86
CA TYR B 759 -41.40 9.85 -24.04
C TYR B 759 -40.99 11.03 -23.18
N ARG B 760 -40.69 10.75 -21.92
CA ARG B 760 -40.14 11.76 -21.02
C ARG B 760 -38.63 11.73 -21.20
N ASN B 761 -38.15 12.49 -22.19
CA ASN B 761 -36.72 12.54 -22.48
C ASN B 761 -36.03 13.32 -21.36
N GLN B 762 -35.32 12.61 -20.50
CA GLN B 762 -34.51 13.20 -19.46
C GLN B 762 -33.06 13.37 -19.87
N GLU B 763 -32.73 13.00 -21.10
CA GLU B 763 -31.35 13.09 -21.56
C GLU B 763 -30.90 14.52 -21.83
N LEU B 764 -31.84 15.46 -21.98
CA LEU B 764 -31.48 16.83 -22.31
C LEU B 764 -30.79 17.52 -21.14
N GLU B 765 -31.37 17.45 -19.95
CA GLU B 765 -30.80 18.09 -18.77
C GLU B 765 -31.30 17.37 -17.53
N ASP B 766 -30.50 17.41 -16.47
CA ASP B 766 -30.85 16.73 -15.24
C ASP B 766 -31.96 17.43 -14.49
N GLU B 767 -31.87 18.77 -14.39
CA GLU B 767 -32.85 19.51 -13.61
C GLU B 767 -34.19 19.60 -14.34
N ILE B 768 -34.17 19.77 -15.66
CA ILE B 768 -35.38 19.95 -16.44
C ILE B 768 -35.50 18.78 -17.40
N ILE B 769 -36.58 18.01 -17.26
CA ILE B 769 -36.88 16.95 -18.21
C ILE B 769 -37.78 17.51 -19.29
N PHE B 770 -37.83 16.83 -20.43
CA PHE B 770 -38.59 17.28 -21.58
C PHE B 770 -39.60 16.22 -21.96
N ILE B 771 -40.88 16.52 -21.78
CA ILE B 771 -41.94 15.62 -22.21
C ILE B 771 -42.14 15.83 -23.71
N THR B 772 -41.73 14.86 -24.52
CA THR B 772 -41.74 15.01 -25.97
C THR B 772 -42.29 13.73 -26.59
N CYS B 773 -42.20 13.64 -27.92
CA CYS B 773 -42.68 12.47 -28.65
C CYS B 773 -41.59 11.92 -29.56
N HIS B 774 -41.37 10.61 -29.48
CA HIS B 774 -40.61 9.90 -30.49
C HIS B 774 -41.52 9.61 -31.68
N GLU B 775 -41.00 9.82 -32.89
CA GLU B 775 -41.85 9.87 -34.07
C GLU B 775 -42.33 8.49 -34.49
N GLY B 776 -41.52 7.46 -34.25
CA GLY B 776 -41.81 6.17 -34.83
C GLY B 776 -41.06 5.98 -36.13
N SER B 777 -41.74 5.52 -37.17
CA SER B 777 -41.12 5.38 -38.48
C SER B 777 -40.88 6.75 -39.11
N LEU B 778 -39.62 7.05 -39.44
CA LEU B 778 -39.27 8.36 -39.97
C LEU B 778 -39.81 8.57 -41.38
N MET B 779 -39.83 7.50 -42.19
CA MET B 779 -40.38 7.61 -43.55
C MET B 779 -41.88 7.84 -43.52
N ALA B 780 -42.56 7.36 -42.47
CA ALA B 780 -44.00 7.58 -42.32
C ALA B 780 -44.33 9.06 -42.16
N LEU B 781 -43.54 9.78 -41.36
CA LEU B 781 -43.72 11.22 -41.25
C LEU B 781 -43.20 11.95 -42.48
N GLY B 782 -42.14 11.44 -43.11
CA GLY B 782 -41.60 12.08 -44.30
C GLY B 782 -42.55 12.06 -45.47
N PHE B 783 -43.31 10.97 -45.61
CA PHE B 783 -44.29 10.87 -46.69
C PHE B 783 -45.40 11.89 -46.55
N LEU B 784 -45.92 12.05 -45.33
CA LEU B 784 -46.94 13.05 -45.09
C LEU B 784 -46.39 14.45 -45.18
N ILE B 785 -45.10 14.63 -44.91
CA ILE B 785 -44.47 15.93 -45.10
C ILE B 785 -44.37 16.26 -46.58
N GLY B 786 -43.99 15.29 -47.41
CA GLY B 786 -43.69 15.58 -48.80
C GLY B 786 -44.87 15.60 -49.74
N TYR B 787 -45.92 14.83 -49.43
CA TYR B 787 -47.06 14.73 -50.34
C TYR B 787 -47.78 16.06 -50.43
N THR B 788 -47.91 16.76 -49.29
CA THR B 788 -48.52 18.08 -49.27
C THR B 788 -47.70 19.09 -50.06
N CYS B 789 -46.37 19.00 -49.94
CA CYS B 789 -45.49 19.91 -50.68
C CYS B 789 -45.60 19.68 -52.19
N LEU B 790 -45.70 18.42 -52.61
CA LEU B 790 -45.84 18.10 -54.02
C LEU B 790 -47.16 18.60 -54.58
N LEU B 791 -48.25 18.41 -53.83
CA LEU B 791 -49.55 18.90 -54.27
C LEU B 791 -49.56 20.43 -54.34
N ALA B 792 -48.89 21.08 -53.39
CA ALA B 792 -48.78 22.53 -53.41
C ALA B 792 -47.99 23.02 -54.61
N ALA B 793 -46.92 22.30 -54.96
CA ALA B 793 -46.16 22.65 -56.16
C ALA B 793 -46.98 22.47 -57.43
N ILE B 794 -47.82 21.44 -57.47
CA ILE B 794 -48.65 21.18 -58.64
C ILE B 794 -49.66 22.29 -58.84
N CYS B 795 -50.34 22.71 -57.76
CA CYS B 795 -51.31 23.78 -57.93
C CYS B 795 -50.63 25.12 -58.14
N PHE B 796 -49.39 25.29 -57.66
CA PHE B 796 -48.63 26.51 -57.93
C PHE B 796 -48.31 26.59 -59.42
N PHE B 797 -47.94 25.45 -60.02
CA PHE B 797 -47.63 25.41 -61.44
C PHE B 797 -48.85 25.66 -62.30
N PHE B 798 -49.98 25.06 -61.96
CA PHE B 798 -51.19 25.37 -62.73
C PHE B 798 -51.80 26.72 -62.41
N ALA B 799 -51.38 27.38 -61.33
CA ALA B 799 -51.89 28.71 -61.07
C ALA B 799 -51.06 29.80 -61.74
N PHE B 800 -49.74 29.63 -61.78
CA PHE B 800 -48.88 30.68 -62.29
C PHE B 800 -48.96 30.79 -63.81
N LYS B 801 -49.40 29.73 -64.49
CA LYS B 801 -49.47 29.72 -65.95
C LYS B 801 -50.60 30.57 -66.51
N SER B 802 -51.53 31.04 -65.67
CA SER B 802 -52.60 31.91 -66.12
C SER B 802 -52.68 33.13 -65.23
N ARG B 803 -51.52 33.76 -64.99
CA ARG B 803 -51.44 34.86 -64.03
C ARG B 803 -52.17 36.10 -64.51
N LYS B 804 -52.04 36.44 -65.78
CA LYS B 804 -52.61 37.68 -66.26
C LYS B 804 -54.10 37.59 -66.53
N LEU B 805 -54.60 36.39 -66.83
CA LEU B 805 -55.96 36.21 -67.36
C LEU B 805 -57.02 36.50 -66.30
N PRO B 806 -57.92 37.46 -66.53
CA PRO B 806 -58.95 37.75 -65.52
C PRO B 806 -60.17 36.84 -65.67
N GLU B 807 -60.57 36.24 -64.55
CA GLU B 807 -61.80 35.46 -64.48
C GLU B 807 -62.16 35.36 -63.01
N ASN B 808 -63.31 35.94 -62.63
CA ASN B 808 -63.74 36.08 -61.24
C ASN B 808 -62.67 36.78 -60.40
N PHE B 809 -62.32 37.99 -60.85
CA PHE B 809 -61.59 38.99 -60.07
C PHE B 809 -60.16 38.54 -59.76
N ASN B 810 -59.44 38.13 -60.81
CA ASN B 810 -58.02 37.79 -60.78
C ASN B 810 -57.74 36.70 -59.75
N GLU B 811 -58.57 35.65 -59.79
CA GLU B 811 -58.50 34.60 -58.79
C GLU B 811 -57.21 33.80 -58.90
N ALA B 812 -56.67 33.68 -60.11
CA ALA B 812 -55.42 32.94 -60.29
C ALA B 812 -54.25 33.65 -59.63
N LYS B 813 -54.25 34.98 -59.65
CA LYS B 813 -53.20 35.74 -58.99
C LYS B 813 -53.24 35.53 -57.48
N PHE B 814 -54.45 35.53 -56.89
CA PHE B 814 -54.55 35.28 -55.46
C PHE B 814 -54.22 33.84 -55.11
N ILE B 815 -54.51 32.90 -56.02
CA ILE B 815 -54.12 31.51 -55.80
C ILE B 815 -52.61 31.38 -55.79
N THR B 816 -51.95 32.09 -56.70
CA THR B 816 -50.49 32.14 -56.72
C THR B 816 -49.95 32.76 -55.45
N PHE B 817 -50.62 33.80 -54.94
CA PHE B 817 -50.22 34.42 -53.68
C PHE B 817 -50.37 33.46 -52.51
N SER B 818 -51.43 32.66 -52.53
CA SER B 818 -51.64 31.67 -51.47
C SER B 818 -50.55 30.61 -51.49
N MET B 819 -50.20 30.13 -52.69
CA MET B 819 -49.10 29.18 -52.81
C MET B 819 -47.79 29.79 -52.37
N LEU B 820 -47.60 31.09 -52.67
CA LEU B 820 -46.37 31.78 -52.30
C LEU B 820 -46.23 31.90 -50.79
N ILE B 821 -47.29 32.33 -50.10
CA ILE B 821 -47.22 32.47 -48.65
C ILE B 821 -47.11 31.09 -47.99
N PHE B 822 -47.69 30.06 -48.61
CA PHE B 822 -47.57 28.70 -48.09
C PHE B 822 -46.12 28.22 -48.12
N PHE B 823 -45.48 28.30 -49.29
CA PHE B 823 -44.07 27.90 -49.37
C PHE B 823 -43.17 28.81 -48.53
N ILE B 824 -43.57 30.09 -48.36
CA ILE B 824 -42.81 31.01 -47.53
C ILE B 824 -42.79 30.55 -46.08
N VAL B 825 -43.96 30.24 -45.51
CA VAL B 825 -43.97 29.84 -44.11
C VAL B 825 -43.38 28.45 -43.94
N TRP B 826 -43.53 27.57 -44.95
CA TRP B 826 -42.94 26.25 -44.84
C TRP B 826 -41.42 26.32 -44.89
N ILE B 827 -40.87 27.24 -45.68
CA ILE B 827 -39.43 27.40 -45.69
C ILE B 827 -38.92 28.18 -44.49
N SER B 828 -39.77 28.94 -43.82
CA SER B 828 -39.33 29.65 -42.63
C SER B 828 -39.51 28.84 -41.35
N PHE B 829 -40.22 27.71 -41.41
CA PHE B 829 -40.36 26.88 -40.22
C PHE B 829 -39.07 26.13 -39.90
N ILE B 830 -38.43 25.53 -40.92
CA ILE B 830 -37.31 24.60 -40.68
C ILE B 830 -36.10 25.25 -39.99
N PRO B 831 -35.58 26.46 -40.41
CA PRO B 831 -34.56 27.13 -39.59
C PRO B 831 -35.00 27.43 -38.17
N ALA B 832 -36.24 27.89 -38.01
CA ALA B 832 -36.80 28.11 -36.68
C ALA B 832 -36.90 26.81 -35.90
N TYR B 833 -37.26 25.72 -36.58
CA TYR B 833 -37.31 24.41 -35.94
C TYR B 833 -35.96 23.97 -35.43
N ALA B 834 -34.91 24.20 -36.22
CA ALA B 834 -33.57 23.79 -35.79
C ALA B 834 -33.08 24.66 -34.65
N SER B 835 -33.39 25.95 -34.68
CA SER B 835 -32.87 26.88 -33.66
C SER B 835 -33.56 26.72 -32.32
N THR B 836 -34.83 26.32 -32.32
CA THR B 836 -35.64 26.41 -31.11
C THR B 836 -35.28 25.31 -30.12
N TYR B 837 -35.12 25.70 -28.87
CA TYR B 837 -34.97 24.79 -27.74
C TYR B 837 -36.36 24.28 -27.35
N GLY B 838 -36.39 23.25 -26.49
CA GLY B 838 -37.63 22.65 -26.02
C GLY B 838 -38.56 23.64 -25.30
N LYS B 839 -39.81 23.17 -25.13
CA LYS B 839 -41.03 23.93 -24.76
C LYS B 839 -41.23 25.19 -25.61
N PHE B 840 -40.64 25.22 -26.80
CA PHE B 840 -40.90 26.23 -27.81
C PHE B 840 -40.95 25.64 -29.20
N VAL B 841 -40.48 24.42 -29.40
CA VAL B 841 -40.62 23.76 -30.69
C VAL B 841 -42.09 23.48 -30.98
N SER B 842 -42.87 23.16 -29.96
CA SER B 842 -44.32 23.10 -30.13
C SER B 842 -44.89 24.49 -30.36
N ALA B 843 -44.32 25.50 -29.69
CA ALA B 843 -44.74 26.87 -29.91
C ALA B 843 -44.41 27.33 -31.32
N VAL B 844 -43.22 26.99 -31.81
CA VAL B 844 -42.84 27.33 -33.17
C VAL B 844 -43.75 26.61 -34.17
N GLU B 845 -44.12 25.37 -33.85
CA GLU B 845 -45.06 24.60 -34.66
C GLU B 845 -46.40 25.31 -34.76
N VAL B 846 -46.97 25.70 -33.62
CA VAL B 846 -48.32 26.23 -33.64
C VAL B 846 -48.33 27.63 -34.24
N ILE B 847 -47.25 28.40 -34.09
CA ILE B 847 -47.16 29.69 -34.76
C ILE B 847 -47.08 29.50 -36.27
N ALA B 848 -46.33 28.50 -36.73
CA ALA B 848 -46.24 28.25 -38.17
C ALA B 848 -47.57 27.79 -38.75
N ILE B 849 -48.30 26.93 -38.02
CA ILE B 849 -49.61 26.48 -38.49
C ILE B 849 -50.59 27.64 -38.52
N LEU B 850 -50.52 28.53 -37.53
CA LEU B 850 -51.38 29.70 -37.53
C LEU B 850 -51.06 30.62 -38.70
N ALA B 851 -49.77 30.80 -39.01
CA ALA B 851 -49.38 31.65 -40.12
C ALA B 851 -49.87 31.11 -41.45
N ALA B 852 -49.68 29.80 -41.67
CA ALA B 852 -50.21 29.17 -42.88
C ALA B 852 -51.73 29.21 -42.91
N SER B 853 -52.37 29.17 -41.74
CA SER B 853 -53.82 29.15 -41.66
C SER B 853 -54.42 30.46 -42.14
N PHE B 854 -54.00 31.58 -41.55
CA PHE B 854 -54.53 32.85 -42.04
C PHE B 854 -53.98 33.21 -43.41
N GLY B 855 -52.81 32.69 -43.79
CA GLY B 855 -52.32 32.92 -45.14
C GLY B 855 -53.20 32.28 -46.21
N LEU B 856 -53.62 31.03 -45.97
CA LEU B 856 -54.54 30.43 -46.91
C LEU B 856 -55.97 30.93 -46.72
N LEU B 857 -56.26 31.56 -45.59
CA LEU B 857 -57.60 32.10 -45.41
C LEU B 857 -57.80 33.39 -46.20
N ALA B 858 -56.90 34.35 -46.02
CA ALA B 858 -57.17 35.72 -46.48
C ALA B 858 -57.17 35.83 -48.00
N CYS B 859 -56.19 35.20 -48.65
CA CYS B 859 -55.93 35.43 -50.06
C CYS B 859 -57.09 34.98 -50.94
N ILE B 860 -57.75 33.89 -50.56
CA ILE B 860 -58.83 33.42 -51.41
C ILE B 860 -60.09 34.25 -51.23
N PHE B 861 -60.39 34.69 -50.02
CA PHE B 861 -61.75 35.11 -49.70
C PHE B 861 -61.93 36.57 -49.29
N PHE B 862 -60.86 37.30 -48.96
CA PHE B 862 -61.03 38.63 -48.38
C PHE B 862 -61.61 39.63 -49.37
N ASN B 863 -61.16 39.58 -50.63
CA ASN B 863 -61.66 40.50 -51.64
C ASN B 863 -63.12 40.23 -51.96
N LYS B 864 -63.51 38.96 -52.02
CA LYS B 864 -64.91 38.62 -52.24
C LYS B 864 -65.77 39.04 -51.05
N ILE B 865 -65.22 38.96 -49.85
CA ILE B 865 -65.93 39.45 -48.68
C ILE B 865 -66.11 40.95 -48.76
N TYR B 866 -65.11 41.65 -49.30
CA TYR B 866 -65.23 43.09 -49.49
C TYR B 866 -66.30 43.43 -50.52
N ILE B 867 -66.37 42.65 -51.59
CA ILE B 867 -67.37 42.88 -52.64
C ILE B 867 -68.77 42.55 -52.14
N ILE B 868 -68.87 41.65 -51.17
CA ILE B 868 -70.16 41.34 -50.55
C ILE B 868 -70.50 42.29 -49.41
N LEU B 869 -69.53 43.02 -48.86
CA LEU B 869 -69.75 43.75 -47.60
C LEU B 869 -69.48 45.25 -47.66
N PHE B 870 -68.57 45.73 -48.51
CA PHE B 870 -68.28 47.15 -48.54
C PHE B 870 -69.43 47.92 -49.20
N LYS B 871 -69.35 49.25 -49.11
CA LYS B 871 -70.43 50.10 -49.61
C LYS B 871 -70.75 49.95 -51.11
N PRO B 872 -69.78 49.75 -52.07
CA PRO B 872 -70.23 49.46 -53.45
C PRO B 872 -70.39 47.96 -53.73
N SER B 873 -71.23 47.29 -52.95
CA SER B 873 -71.56 45.90 -53.25
C SER B 873 -72.49 45.80 -54.44
N ARG B 874 -73.36 46.80 -54.62
CA ARG B 874 -74.34 46.77 -55.70
C ARG B 874 -73.68 46.81 -57.07
N ASN B 875 -72.64 47.62 -57.23
CA ASN B 875 -71.91 47.61 -58.49
C ASN B 875 -70.94 46.42 -58.59
N THR B 876 -70.70 45.73 -57.48
CA THR B 876 -69.80 44.59 -57.52
C THR B 876 -70.45 43.38 -58.19
N ILE B 877 -71.74 43.17 -57.95
CA ILE B 877 -72.43 41.97 -58.40
C ILE B 877 -73.38 42.37 -59.52
N GLU B 878 -73.00 42.05 -60.75
CA GLU B 878 -73.93 42.02 -61.87
C GLU B 878 -73.71 40.71 -62.60
N GLU B 879 -74.81 40.01 -62.91
CA GLU B 879 -74.73 38.62 -63.36
C GLU B 879 -74.11 38.48 -64.74
N VAL B 880 -74.43 39.40 -65.66
CA VAL B 880 -73.74 39.44 -66.93
C VAL B 880 -72.30 39.92 -66.73
N ARG B 881 -72.12 40.96 -65.92
CA ARG B 881 -70.82 41.60 -65.72
C ARG B 881 -69.99 40.79 -64.72
N CYS B 882 -68.93 41.42 -64.22
CA CYS B 882 -68.08 40.91 -63.14
C CYS B 882 -67.38 39.59 -63.48
N SER B 883 -67.23 39.28 -64.77
CA SER B 883 -66.68 37.99 -65.17
C SER B 883 -65.16 37.99 -65.08
C1 NAG C . 15.73 -12.06 -8.98
C2 NAG C . 16.68 -11.42 -7.97
C3 NAG C . 18.12 -11.77 -8.35
C4 NAG C . 18.38 -11.45 -9.80
C5 NAG C . 17.38 -12.21 -10.67
C6 NAG C . 18.04 -13.24 -11.55
C7 NAG C . 15.47 -9.42 -7.28
C8 NAG C . 15.39 -7.93 -7.35
N2 NAG C . 16.49 -10.00 -7.94
O3 NAG C . 18.29 -13.16 -8.18
O4 NAG C . 18.21 -10.05 -9.98
O5 NAG C . 16.45 -12.93 -9.85
O6 NAG C . 17.55 -14.53 -11.21
O7 NAG C . 14.65 -10.09 -6.65
C1 NAG C . 19.30 -9.43 -10.70
C2 NAG C . 20.32 -8.89 -9.70
C3 NAG C . 21.45 -8.20 -10.44
C4 NAG C . 22.09 -9.14 -11.45
C5 NAG C . 21.03 -9.75 -12.37
C6 NAG C . 21.59 -10.81 -13.28
C7 NAG C . 19.53 -8.28 -7.46
C8 NAG C . 18.90 -7.23 -6.62
N2 NAG C . 19.69 -7.98 -8.75
O3 NAG C . 22.43 -7.78 -9.49
O4 NAG C . 23.03 -8.42 -12.23
O5 NAG C . 19.98 -10.36 -11.62
O6 NAG C . 22.86 -11.27 -12.82
O7 NAG C . 19.90 -9.35 -7.00
C1 YP1 D . -14.29 23.09 -55.26
O2 YP1 D . -14.56 21.74 -49.88
C2 YP1 D . -15.20 23.31 -54.06
C14 YP1 D . -17.08 21.03 -56.06
C3 YP1 D . -15.47 24.81 -53.96
C4 YP1 D . -16.54 22.58 -54.17
C5 YP1 D . -17.11 22.31 -55.56
C6 YP1 D . -17.71 23.32 -56.29
C7 YP1 D . -18.25 23.04 -57.54
C8 YP1 D . -18.84 24.05 -58.28
C10 YP1 D . -19.33 22.49 -60.02
C13 YP1 D . -17.62 20.73 -57.29
C11 YP1 D . -18.75 21.46 -59.30
C12 YP1 D . -18.19 21.74 -58.05
C15 YP1 D . -14.88 23.37 -51.61
CL1 YP1 D . -22.56 25.05 -50.25
N1 YP1 D . -20.22 23.88 -52.82
O1 YP1 D . -17.85 22.90 -50.30
N2 YP1 D . -14.49 22.78 -52.88
C9 YP1 D . -19.37 23.77 -59.51
C16 YP1 D . -15.54 22.36 -50.67
C17 YP1 D . -16.57 23.08 -49.80
C18 YP1 D . -18.92 23.42 -49.53
C19 YP1 D . -20.06 23.91 -50.17
C20 YP1 D . -21.10 24.41 -49.42
C21 YP1 D . -21.03 24.44 -48.05
C22 YP1 D . -19.90 23.95 -47.41
C23 YP1 D . -18.85 23.44 -48.15
C24 YP1 D . -20.15 23.90 -51.69
C1 NAG E . -2.38 -18.47 6.45
C2 NAG E . -3.36 -19.22 5.53
C3 NAG E . -4.75 -19.30 6.16
C4 NAG E . -4.66 -19.87 7.57
C5 NAG E . -3.66 -19.08 8.40
C6 NAG E . -3.46 -19.67 9.77
C7 NAG E . -3.78 -17.44 3.80
C8 NAG E . -3.71 -17.16 2.33
N2 NAG E . -3.40 -18.68 4.17
O3 NAG E . -5.59 -20.11 5.34
O4 NAG E . -5.94 -19.80 8.19
O5 NAG E . -2.38 -19.09 7.76
O6 NAG E . -2.12 -19.46 10.23
O7 NAG E . -4.15 -16.59 4.60
C1 NAG F . 54.90 -19.79 18.31
C2 NAG F . 54.59 -18.35 17.85
C3 NAG F . 54.86 -18.20 16.36
C4 NAG F . 56.32 -18.51 16.07
C5 NAG F . 56.64 -19.95 16.50
C6 NAG F . 58.11 -20.26 16.41
C7 NAG F . 52.91 -16.83 18.81
C8 NAG F . 54.04 -15.96 19.26
N2 NAG F . 53.23 -17.95 18.16
O3 NAG F . 54.55 -16.86 15.97
O4 NAG F . 56.60 -18.37 14.67
O5 NAG F . 56.26 -20.17 17.87
O6 NAG F . 58.86 -19.14 15.96
O7 NAG F . 51.74 -16.55 19.05
C1 NAG G . 41.45 -22.40 5.23
C2 NAG G . 42.85 -22.55 5.88
C3 NAG G . 43.97 -22.01 4.98
C4 NAG G . 43.86 -22.60 3.59
C5 NAG G . 42.51 -22.21 3.03
C6 NAG G . 42.30 -22.75 1.63
C7 NAG G . 42.79 -20.68 7.56
C8 NAG G . 42.94 -20.38 9.02
N2 NAG G . 42.92 -21.97 7.22
O3 NAG G . 45.22 -22.38 5.54
O4 NAG G . 44.90 -22.10 2.76
O5 NAG G . 41.49 -22.79 3.84
O6 NAG G . 43.54 -23.15 1.04
O7 NAG G . 42.55 -19.79 6.74
P PO4 H . 32.08 -35.76 16.16
O1 PO4 H . 31.02 -36.26 15.19
O2 PO4 H . 32.40 -34.31 15.84
O3 PO4 H . 33.33 -36.60 16.03
O4 PO4 H . 31.55 -35.85 17.58
C1 YP1 I . -46.38 19.75 -38.78
O2 YP1 I . -42.18 17.83 -36.18
C2 YP1 I . -44.99 19.27 -39.20
C14 YP1 I . -44.76 22.81 -39.55
C3 YP1 I . -45.20 18.26 -40.33
C4 YP1 I . -44.08 20.40 -39.70
C5 YP1 I . -44.72 21.66 -40.30
C6 YP1 I . -45.20 21.67 -41.59
C7 YP1 I . -45.76 22.81 -42.12
C8 YP1 I . -46.28 22.83 -43.41
C10 YP1 I . -46.87 25.13 -43.15
C13 YP1 I . -45.31 23.96 -40.05
C11 YP1 I . -46.37 25.14 -41.88
C12 YP1 I . -45.82 23.99 -41.34
C15 YP1 I . -43.08 18.00 -38.39
CL1 YP1 I . -38.13 18.46 -43.65
N1 YP1 I . -41.28 19.79 -42.21
O1 YP1 I . -40.18 18.94 -38.94
N2 YP1 I . -44.36 18.64 -38.05
C9 YP1 I . -46.82 23.99 -43.92
C16 YP1 I . -41.97 18.42 -37.43
C17 YP1 I . -40.62 18.01 -38.00
C18 YP1 I . -39.11 18.51 -39.73
C19 YP1 I . -39.14 18.67 -41.10
C20 YP1 I . -38.07 18.25 -41.88
C21 YP1 I . -36.97 17.67 -41.28
C22 YP1 I . -36.92 17.51 -39.91
C23 YP1 I . -38.00 17.93 -39.13
C24 YP1 I . -40.37 19.32 -41.75
C1 NAG J . -11.45 10.07 16.57
C2 NAG J . -12.67 10.99 16.67
C3 NAG J . -13.83 10.26 17.35
C4 NAG J . -14.12 8.93 16.68
C5 NAG J . -12.84 8.10 16.65
C6 NAG J . -13.02 6.78 15.96
C7 NAG J . -12.16 13.41 16.86
C8 NAG J . -12.39 13.52 15.38
N2 NAG J . -12.32 12.20 17.41
O3 NAG J . -15.00 11.08 17.31
O4 NAG J . -15.12 8.22 17.40
O5 NAG J . -11.83 8.82 15.95
O6 NAG J . -11.89 5.94 16.18
O7 NAG J . -11.86 14.38 17.54
C1 NAG K . -7.89 -1.96 44.57
C2 NAG K . -9.08 -1.03 44.83
C3 NAG K . -10.25 -1.83 45.41
C4 NAG K . -10.61 -2.99 44.50
C5 NAG K . -9.37 -3.87 44.28
C6 NAG K . -9.62 -4.99 43.29
C7 NAG K . -8.17 1.20 45.32
C8 NAG K . -7.87 2.20 46.39
N2 NAG K . -8.72 0.05 45.74
O3 NAG K . -11.38 -0.97 45.58
O4 NAG K . -11.64 -3.77 45.09
O5 NAG K . -8.31 -3.07 43.74
O6 NAG K . -10.86 -4.82 42.62
O7 NAG K . -7.89 1.39 44.15
P PO4 L . 11.23 6.04 47.68
O1 PO4 L . 10.23 5.33 46.79
O2 PO4 L . 11.31 7.50 47.29
O3 PO4 L . 12.58 5.39 47.54
O4 PO4 L . 10.77 5.93 49.13
#